data_2LFE
#
_entry.id   2LFE
#
_entity_poly.entity_id   1
_entity_poly.type   'polypeptide(L)'
_entity_poly.pdbx_seq_one_letter_code
;MHHHHHHSSQRENLYFQGLQRANSDTDLVTSESRSSLTASMYEYTLGQAQNLIIFWDIKEEVDPSDWIGLYHIDENSPAN
FWDSKNRGVTGTQKGQIVWRIEPGPYFMEPEIKICFKYYHGISGALRATTPCITVKNP
;
_entity_poly.pdbx_strand_id   A
#
# COMPACT_ATOMS: atom_id res chain seq x y z
N SER A 33 3.05 20.29 -7.91
CA SER A 33 2.40 19.08 -7.42
C SER A 33 3.46 18.01 -7.14
N ARG A 34 3.39 17.38 -5.97
CA ARG A 34 4.30 16.30 -5.56
C ARG A 34 3.64 14.93 -5.77
N SER A 35 4.47 13.88 -5.64
CA SER A 35 4.07 12.49 -5.80
C SER A 35 3.19 12.06 -4.63
N SER A 36 2.08 11.40 -4.94
CA SER A 36 1.04 11.05 -3.98
C SER A 36 0.69 9.57 -4.09
N LEU A 37 0.28 8.99 -2.96
CA LEU A 37 -0.27 7.63 -2.91
C LEU A 37 -1.50 7.68 -2.02
N THR A 38 -2.66 7.69 -2.65
CA THR A 38 -3.95 7.80 -1.99
C THR A 38 -4.71 6.48 -2.11
N ALA A 39 -5.77 6.35 -1.32
CA ALA A 39 -6.57 5.11 -1.25
C ALA A 39 -8.06 5.47 -1.10
N SER A 40 -8.94 4.61 -1.66
CA SER A 40 -10.40 4.85 -1.71
C SER A 40 -10.98 5.10 -0.31
N MET A 41 -10.47 4.35 0.67
CA MET A 41 -10.81 4.48 2.09
C MET A 41 -9.64 3.97 2.93
N TYR A 42 -9.37 4.64 4.05
CA TYR A 42 -8.26 4.30 4.96
C TYR A 42 -8.77 3.49 6.17
N GLU A 43 -9.97 2.90 6.01
CA GLU A 43 -10.61 2.01 7.01
C GLU A 43 -11.40 0.92 6.24
N TYR A 44 -11.06 -0.36 6.48
CA TYR A 44 -11.64 -1.52 5.78
C TYR A 44 -12.05 -2.60 6.81
N THR A 45 -13.34 -2.97 6.85
CA THR A 45 -13.83 -4.07 7.70
C THR A 45 -13.82 -5.39 6.89
N LEU A 46 -13.29 -6.48 7.47
CA LEU A 46 -13.14 -7.78 6.78
C LEU A 46 -14.51 -8.46 6.61
N GLY A 47 -14.84 -8.81 5.35
CA GLY A 47 -16.09 -9.47 5.01
C GLY A 47 -17.16 -8.52 4.51
N GLN A 48 -16.73 -7.34 4.03
CA GLN A 48 -17.64 -6.34 3.40
C GLN A 48 -17.52 -6.42 1.87
N ALA A 49 -18.56 -5.91 1.18
CA ALA A 49 -18.59 -5.83 -0.31
C ALA A 49 -17.68 -4.71 -0.83
N GLN A 50 -17.46 -3.68 0.02
CA GLN A 50 -16.64 -2.51 -0.32
C GLN A 50 -15.14 -2.89 -0.35
N ASN A 51 -14.52 -2.74 -1.53
CA ASN A 51 -13.09 -3.07 -1.74
C ASN A 51 -12.23 -1.80 -1.66
N LEU A 52 -10.92 -1.99 -1.49
CA LEU A 52 -9.98 -0.88 -1.29
C LEU A 52 -9.12 -0.70 -2.58
N ILE A 53 -9.29 0.45 -3.25
CA ILE A 53 -8.51 0.79 -4.46
C ILE A 53 -7.34 1.70 -4.07
N ILE A 54 -6.16 1.44 -4.64
CA ILE A 54 -4.93 2.20 -4.35
C ILE A 54 -4.55 3.04 -5.57
N PHE A 55 -4.80 4.35 -5.47
CA PHE A 55 -4.54 5.32 -6.54
C PHE A 55 -3.16 5.96 -6.30
N TRP A 56 -2.19 5.69 -7.18
CA TRP A 56 -0.88 6.36 -7.13
C TRP A 56 -0.82 7.43 -8.22
N ASP A 57 -0.30 8.62 -7.88
CA ASP A 57 -0.12 9.75 -8.80
C ASP A 57 1.25 10.40 -8.53
N ILE A 58 2.27 9.85 -9.19
CA ILE A 58 3.68 10.23 -9.01
C ILE A 58 4.11 11.17 -10.14
N LYS A 59 4.70 12.31 -9.77
CA LYS A 59 5.13 13.37 -10.70
C LYS A 59 6.56 13.12 -11.16
N GLU A 60 7.31 12.37 -10.33
CA GLU A 60 8.68 11.93 -10.65
C GLU A 60 8.67 10.99 -11.87
N GLU A 61 9.66 11.13 -12.75
CA GLU A 61 9.86 10.21 -13.88
C GLU A 61 10.31 8.86 -13.33
N VAL A 62 9.38 7.91 -13.35
CA VAL A 62 9.50 6.63 -12.66
C VAL A 62 10.43 5.65 -13.39
N ASP A 63 11.04 4.76 -12.61
CA ASP A 63 11.94 3.71 -13.12
C ASP A 63 11.15 2.40 -13.16
N PRO A 64 11.37 1.48 -14.15
CA PRO A 64 10.68 0.16 -14.17
C PRO A 64 10.95 -0.73 -12.92
N SER A 65 11.89 -0.32 -12.05
CA SER A 65 12.17 -1.03 -10.78
C SER A 65 11.27 -0.53 -9.61
N ASP A 66 10.38 0.45 -9.87
CA ASP A 66 9.46 1.00 -8.85
C ASP A 66 8.39 -0.03 -8.47
N TRP A 67 7.85 0.11 -7.24
CA TRP A 67 6.79 -0.76 -6.73
C TRP A 67 6.05 -0.07 -5.57
N ILE A 68 4.88 -0.63 -5.19
CA ILE A 68 4.20 -0.30 -3.94
C ILE A 68 4.32 -1.49 -2.99
N GLY A 69 4.85 -1.25 -1.79
CA GLY A 69 4.95 -2.27 -0.75
C GLY A 69 3.89 -2.06 0.30
N LEU A 70 3.22 -3.16 0.69
CA LEU A 70 2.16 -3.14 1.70
C LEU A 70 2.76 -3.69 3.00
N TYR A 71 3.05 -2.79 3.94
CA TYR A 71 3.72 -3.13 5.20
C TYR A 71 2.79 -2.82 6.38
N HIS A 72 2.87 -3.65 7.44
CA HIS A 72 2.18 -3.40 8.70
C HIS A 72 2.87 -2.24 9.45
N ILE A 73 2.07 -1.29 9.95
CA ILE A 73 2.52 -0.29 10.93
C ILE A 73 3.00 -1.03 12.20
N ASP A 74 4.31 -1.36 12.21
CA ASP A 74 4.92 -2.19 13.23
C ASP A 74 6.27 -1.60 13.65
N GLU A 75 6.52 -1.52 14.97
CA GLU A 75 7.81 -1.08 15.48
C GLU A 75 8.78 -2.27 15.39
N ASN A 76 9.47 -2.33 14.24
CA ASN A 76 10.34 -3.46 13.84
C ASN A 76 11.33 -2.95 12.77
N SER A 77 12.12 -3.88 12.16
CA SER A 77 12.95 -3.62 10.97
C SER A 77 12.19 -2.79 9.91
N PRO A 78 12.67 -1.56 9.54
CA PRO A 78 12.00 -0.70 8.51
C PRO A 78 11.99 -1.32 7.09
N ALA A 79 12.64 -2.49 6.93
CA ALA A 79 12.52 -3.32 5.71
C ALA A 79 11.12 -3.94 5.62
N ASN A 80 10.60 -4.35 6.81
CA ASN A 80 9.27 -4.99 6.97
C ASN A 80 8.90 -5.93 5.81
N PHE A 81 9.64 -7.04 5.68
CA PHE A 81 9.32 -8.10 4.68
C PHE A 81 7.88 -8.60 4.90
N TRP A 82 6.97 -8.09 4.04
CA TRP A 82 5.52 -8.16 4.22
C TRP A 82 4.87 -8.23 2.82
N ASP A 83 3.62 -7.76 2.68
CA ASP A 83 2.84 -7.92 1.44
C ASP A 83 3.22 -6.77 0.46
N SER A 84 2.66 -6.78 -0.76
CA SER A 84 3.01 -5.79 -1.79
C SER A 84 2.02 -5.84 -2.95
N LYS A 85 2.02 -4.75 -3.73
CA LYS A 85 1.30 -4.68 -5.01
C LYS A 85 2.17 -5.26 -6.11
N ASN A 86 1.58 -6.19 -6.88
CA ASN A 86 2.25 -6.90 -7.97
C ASN A 86 2.16 -6.08 -9.28
N ARG A 87 2.43 -6.76 -10.42
CA ARG A 87 2.39 -6.16 -11.77
C ARG A 87 1.26 -5.12 -11.98
N GLY A 88 1.63 -3.96 -12.52
CA GLY A 88 0.75 -2.79 -12.63
C GLY A 88 1.36 -1.59 -11.93
N VAL A 89 2.25 -1.83 -10.95
CA VAL A 89 3.03 -0.77 -10.24
C VAL A 89 4.50 -0.78 -10.68
N THR A 90 4.77 -1.40 -11.84
CA THR A 90 6.13 -1.71 -12.35
C THR A 90 6.81 -0.48 -13.01
N GLY A 91 6.80 0.64 -12.29
CA GLY A 91 7.25 1.92 -12.85
C GLY A 91 6.19 2.56 -13.72
N THR A 92 5.01 2.80 -13.14
CA THR A 92 3.94 3.61 -13.75
C THR A 92 3.73 4.86 -12.89
N GLN A 93 3.77 6.05 -13.52
CA GLN A 93 3.59 7.34 -12.82
C GLN A 93 2.25 7.39 -12.08
N LYS A 94 1.15 7.20 -12.82
CA LYS A 94 -0.21 7.29 -12.25
C LYS A 94 -1.09 6.14 -12.75
N GLY A 95 -1.83 5.53 -11.81
CA GLY A 95 -2.79 4.47 -12.09
C GLY A 95 -3.49 4.04 -10.81
N GLN A 96 -4.22 2.91 -10.85
CA GLN A 96 -4.89 2.35 -9.66
C GLN A 96 -4.92 0.80 -9.69
N ILE A 97 -4.82 0.19 -8.49
CA ILE A 97 -5.00 -1.27 -8.31
C ILE A 97 -6.01 -1.48 -7.16
N VAL A 98 -7.20 -1.98 -7.53
CA VAL A 98 -8.23 -2.39 -6.57
C VAL A 98 -7.85 -3.75 -5.98
N TRP A 99 -8.08 -3.91 -4.68
CA TRP A 99 -7.68 -5.11 -3.93
C TRP A 99 -8.67 -5.38 -2.80
N ARG A 100 -9.09 -6.64 -2.73
CA ARG A 100 -9.88 -7.17 -1.62
C ARG A 100 -8.94 -7.53 -0.47
N ILE A 101 -9.13 -6.89 0.68
CA ILE A 101 -8.37 -7.25 1.89
C ILE A 101 -9.08 -8.46 2.51
N GLU A 102 -8.54 -9.65 2.24
CA GLU A 102 -9.10 -10.92 2.75
C GLU A 102 -8.39 -11.33 4.06
N PRO A 103 -9.11 -11.96 5.04
CA PRO A 103 -8.52 -12.40 6.32
C PRO A 103 -7.54 -13.59 6.13
N GLY A 104 -6.28 -13.28 5.78
CA GLY A 104 -5.23 -14.27 5.58
C GLY A 104 -4.15 -14.19 6.65
N PRO A 105 -2.91 -14.75 6.40
CA PRO A 105 -1.82 -14.82 7.41
C PRO A 105 -1.31 -13.42 7.83
N TYR A 106 -1.49 -12.43 6.95
CA TYR A 106 -1.09 -11.04 7.18
C TYR A 106 -2.11 -10.33 8.11
N PHE A 107 -3.38 -10.78 8.08
CA PHE A 107 -4.49 -10.13 8.81
C PHE A 107 -5.02 -11.05 9.93
N MET A 108 -4.32 -11.01 11.08
CA MET A 108 -4.58 -11.87 12.25
C MET A 108 -5.18 -11.06 13.43
N GLU A 109 -4.88 -9.76 13.47
CA GLU A 109 -5.22 -8.87 14.60
C GLU A 109 -6.71 -8.49 14.59
N PRO A 110 -7.28 -7.97 15.73
CA PRO A 110 -8.64 -7.39 15.74
C PRO A 110 -8.72 -6.08 14.92
N GLU A 111 -7.57 -5.37 14.80
CA GLU A 111 -7.41 -4.16 13.95
C GLU A 111 -5.97 -4.12 13.42
N ILE A 112 -5.81 -4.49 12.15
CA ILE A 112 -4.52 -4.53 11.46
C ILE A 112 -4.23 -3.15 10.82
N LYS A 113 -3.28 -2.42 11.39
CA LYS A 113 -2.84 -1.13 10.85
C LYS A 113 -1.79 -1.37 9.76
N ILE A 114 -2.16 -1.16 8.49
CA ILE A 114 -1.23 -1.34 7.34
C ILE A 114 -1.05 -0.01 6.61
N CYS A 115 -0.11 0.02 5.67
CA CYS A 115 0.18 1.20 4.86
C CYS A 115 0.86 0.78 3.55
N PHE A 116 0.36 1.32 2.44
CA PHE A 116 0.95 1.19 1.12
C PHE A 116 2.04 2.24 0.97
N LYS A 117 3.16 1.86 0.34
CA LYS A 117 4.35 2.72 0.22
C LYS A 117 4.97 2.57 -1.19
N TYR A 118 4.75 3.57 -2.04
CA TYR A 118 5.34 3.60 -3.39
C TYR A 118 6.81 4.00 -3.26
N TYR A 119 7.72 3.03 -3.44
CA TYR A 119 9.17 3.27 -3.49
C TYR A 119 9.61 3.45 -4.96
N HIS A 120 10.42 4.48 -5.20
CA HIS A 120 11.16 4.64 -6.45
C HIS A 120 12.38 3.70 -6.40
N GLY A 121 12.39 2.73 -7.33
CA GLY A 121 13.39 1.64 -7.39
C GLY A 121 14.85 2.08 -7.31
N ILE A 122 15.17 3.25 -7.89
CA ILE A 122 16.51 3.85 -7.74
C ILE A 122 16.75 4.23 -6.26
N SER A 123 17.71 3.50 -5.63
CA SER A 123 18.09 3.64 -4.20
C SER A 123 17.03 3.09 -3.24
N GLY A 124 15.87 2.62 -3.77
CA GLY A 124 14.73 2.24 -2.94
C GLY A 124 14.21 3.41 -2.11
N ALA A 125 14.18 4.59 -2.74
CA ALA A 125 13.80 5.86 -2.10
C ALA A 125 12.28 5.98 -2.02
N LEU A 126 11.73 6.13 -0.79
CA LEU A 126 10.28 6.23 -0.57
C LEU A 126 9.73 7.51 -1.22
N ARG A 127 8.95 7.30 -2.29
CA ARG A 127 8.45 8.38 -3.17
C ARG A 127 7.05 8.85 -2.72
N ALA A 128 6.23 7.93 -2.18
CA ALA A 128 4.85 8.23 -1.74
C ALA A 128 4.35 7.17 -0.74
N THR A 129 3.41 7.55 0.14
CA THR A 129 2.84 6.67 1.19
C THR A 129 1.36 7.04 1.46
N THR A 130 0.54 6.01 1.76
CA THR A 130 -0.84 6.19 2.28
C THR A 130 -0.79 6.35 3.81
N PRO A 131 -1.72 7.15 4.42
CA PRO A 131 -2.00 7.11 5.88
C PRO A 131 -2.24 5.66 6.40
N CYS A 132 -2.02 5.48 7.71
CA CYS A 132 -2.19 4.19 8.40
C CYS A 132 -3.66 3.71 8.30
N ILE A 133 -3.87 2.70 7.46
CA ILE A 133 -5.18 2.14 7.16
C ILE A 133 -5.59 1.11 8.23
N THR A 134 -6.72 1.40 8.90
CA THR A 134 -7.28 0.51 9.93
C THR A 134 -8.14 -0.58 9.27
N VAL A 135 -7.55 -1.77 9.15
CA VAL A 135 -8.26 -2.97 8.70
C VAL A 135 -8.87 -3.65 9.93
N LYS A 136 -10.19 -3.56 10.08
CA LYS A 136 -10.90 -4.13 11.23
C LYS A 136 -11.29 -5.58 10.92
N ASN A 137 -11.11 -6.47 11.89
CA ASN A 137 -11.44 -7.89 11.78
C ASN A 137 -12.58 -8.18 12.76
N PRO A 138 -13.87 -8.24 12.27
CA PRO A 138 -15.03 -8.57 13.13
C PRO A 138 -15.03 -10.08 13.53
N SER A 33 2.41 20.16 -7.57
CA SER A 33 1.78 18.94 -7.04
C SER A 33 2.88 17.93 -6.69
N ARG A 34 2.73 17.26 -5.54
CA ARG A 34 3.74 16.33 -5.01
C ARG A 34 3.27 14.87 -5.18
N SER A 35 4.25 13.94 -5.11
CA SER A 35 3.97 12.50 -5.25
C SER A 35 3.23 11.99 -4.00
N SER A 36 1.95 11.62 -4.19
CA SER A 36 1.05 11.23 -3.09
C SER A 36 0.41 9.86 -3.38
N LEU A 37 0.48 8.94 -2.39
CA LEU A 37 -0.35 7.73 -2.38
C LEU A 37 -1.64 8.03 -1.61
N THR A 38 -2.77 7.72 -2.22
CA THR A 38 -4.10 7.92 -1.63
C THR A 38 -4.94 6.66 -1.88
N ALA A 39 -5.86 6.39 -0.96
CA ALA A 39 -6.79 5.26 -1.07
C ALA A 39 -8.20 5.76 -1.37
N SER A 40 -9.09 4.82 -1.74
CA SER A 40 -10.53 5.08 -1.86
C SER A 40 -11.16 5.25 -0.47
N MET A 41 -10.51 4.59 0.51
CA MET A 41 -10.90 4.61 1.92
C MET A 41 -9.73 4.09 2.76
N TYR A 42 -9.53 4.68 3.95
CA TYR A 42 -8.51 4.23 4.92
C TYR A 42 -9.14 3.38 6.03
N GLU A 43 -10.31 2.77 5.72
CA GLU A 43 -10.96 1.75 6.56
C GLU A 43 -11.50 0.61 5.68
N TYR A 44 -11.34 -0.62 6.16
CA TYR A 44 -11.85 -1.84 5.52
C TYR A 44 -12.15 -2.86 6.62
N THR A 45 -13.42 -3.19 6.81
CA THR A 45 -13.83 -4.27 7.70
C THR A 45 -13.88 -5.59 6.92
N LEU A 46 -13.20 -6.65 7.41
CA LEU A 46 -13.21 -7.98 6.76
C LEU A 46 -14.65 -8.50 6.62
N GLY A 47 -14.94 -9.12 5.47
CA GLY A 47 -16.26 -9.66 5.16
C GLY A 47 -17.12 -8.71 4.35
N GLN A 48 -16.65 -7.47 4.12
CA GLN A 48 -17.38 -6.49 3.30
C GLN A 48 -17.06 -6.68 1.81
N ALA A 49 -18.06 -6.42 0.96
CA ALA A 49 -17.93 -6.49 -0.49
C ALA A 49 -17.10 -5.31 -1.01
N GLN A 50 -17.29 -4.13 -0.37
CA GLN A 50 -16.62 -2.87 -0.72
C GLN A 50 -15.09 -3.05 -0.73
N ASN A 51 -14.53 -3.14 -1.95
CA ASN A 51 -13.08 -3.28 -2.18
C ASN A 51 -12.35 -1.93 -1.94
N LEU A 52 -11.02 -2.01 -1.83
CA LEU A 52 -10.17 -0.85 -1.48
C LEU A 52 -9.18 -0.60 -2.65
N ILE A 53 -9.26 0.58 -3.26
CA ILE A 53 -8.42 0.94 -4.42
C ILE A 53 -7.33 1.95 -3.98
N ILE A 54 -6.07 1.69 -4.38
CA ILE A 54 -4.92 2.58 -4.11
C ILE A 54 -4.60 3.40 -5.37
N PHE A 55 -5.01 4.67 -5.34
CA PHE A 55 -4.73 5.64 -6.40
C PHE A 55 -3.35 6.29 -6.13
N TRP A 56 -2.35 6.01 -6.99
CA TRP A 56 -1.03 6.64 -6.87
C TRP A 56 -0.89 7.78 -7.87
N ASP A 57 -0.25 8.85 -7.41
CA ASP A 57 0.04 10.07 -8.19
C ASP A 57 1.52 10.39 -7.99
N ILE A 58 2.37 10.01 -8.95
CA ILE A 58 3.81 10.33 -8.91
C ILE A 58 4.14 11.25 -10.09
N LYS A 59 4.31 12.55 -9.77
CA LYS A 59 4.67 13.59 -10.75
C LYS A 59 6.12 13.42 -11.28
N GLU A 60 6.94 12.68 -10.50
CA GLU A 60 8.37 12.50 -10.74
C GLU A 60 8.60 11.40 -11.79
N GLU A 61 9.77 11.48 -12.47
CA GLU A 61 10.28 10.44 -13.38
C GLU A 61 10.39 9.11 -12.64
N VAL A 62 9.92 8.03 -13.28
CA VAL A 62 9.89 6.68 -12.70
C VAL A 62 10.66 5.71 -13.62
N ASP A 63 11.04 4.56 -13.04
CA ASP A 63 11.77 3.47 -13.75
C ASP A 63 10.85 2.25 -13.86
N PRO A 64 11.17 1.24 -14.74
CA PRO A 64 10.49 -0.08 -14.74
C PRO A 64 10.95 -1.00 -13.57
N SER A 65 11.68 -0.41 -12.60
CA SER A 65 12.18 -1.12 -11.41
C SER A 65 11.40 -0.74 -10.14
N ASP A 66 10.48 0.26 -10.24
CA ASP A 66 9.65 0.76 -9.10
C ASP A 66 8.67 -0.33 -8.62
N TRP A 67 8.14 -0.14 -7.39
CA TRP A 67 7.18 -1.09 -6.78
C TRP A 67 6.40 -0.45 -5.63
N ILE A 68 5.22 -1.03 -5.33
CA ILE A 68 4.43 -0.70 -4.14
C ILE A 68 4.49 -1.91 -3.19
N GLY A 69 5.10 -1.69 -2.03
CA GLY A 69 5.19 -2.69 -0.98
C GLY A 69 4.11 -2.48 0.07
N LEU A 70 3.49 -3.58 0.53
CA LEU A 70 2.49 -3.53 1.61
C LEU A 70 3.22 -3.87 2.93
N TYR A 71 3.26 -2.90 3.83
CA TYR A 71 3.91 -3.05 5.15
C TYR A 71 2.86 -2.80 6.25
N HIS A 72 2.91 -3.61 7.32
CA HIS A 72 2.10 -3.40 8.53
C HIS A 72 2.71 -2.24 9.34
N ILE A 73 1.85 -1.29 9.77
CA ILE A 73 2.22 -0.25 10.74
C ILE A 73 2.55 -0.92 12.09
N ASP A 74 3.83 -1.26 12.26
CA ASP A 74 4.33 -1.94 13.46
C ASP A 74 5.67 -1.31 13.87
N GLU A 75 5.84 -1.06 15.17
CA GLU A 75 7.08 -0.55 15.73
C GLU A 75 8.10 -1.72 15.81
N ASN A 76 8.85 -1.89 14.71
CA ASN A 76 9.72 -3.05 14.48
C ASN A 76 10.91 -2.63 13.58
N SER A 77 11.82 -3.58 13.28
CA SER A 77 12.94 -3.42 12.32
C SER A 77 12.53 -2.56 11.08
N PRO A 78 13.20 -1.37 10.83
CA PRO A 78 12.82 -0.42 9.73
C PRO A 78 12.76 -1.08 8.32
N ALA A 79 13.46 -2.22 8.16
CA ALA A 79 13.42 -3.01 6.92
C ALA A 79 12.02 -3.59 6.66
N ASN A 80 11.35 -4.00 7.77
CA ASN A 80 9.96 -4.52 7.78
C ASN A 80 9.69 -5.49 6.60
N PHE A 81 10.46 -6.58 6.53
CA PHE A 81 10.27 -7.63 5.49
C PHE A 81 8.81 -8.16 5.54
N TRP A 82 7.99 -7.62 4.63
CA TRP A 82 6.53 -7.81 4.60
C TRP A 82 6.09 -7.97 3.13
N ASP A 83 4.83 -7.66 2.83
CA ASP A 83 4.18 -8.04 1.56
C ASP A 83 4.47 -7.00 0.45
N SER A 84 4.14 -7.37 -0.80
CA SER A 84 4.23 -6.48 -1.98
C SER A 84 3.04 -6.79 -2.91
N LYS A 85 2.49 -5.77 -3.58
CA LYS A 85 1.26 -5.91 -4.37
C LYS A 85 1.49 -6.39 -5.82
N ASN A 86 0.35 -6.55 -6.53
CA ASN A 86 0.25 -7.27 -7.80
C ASN A 86 0.61 -6.38 -9.02
N ARG A 87 0.27 -6.87 -10.22
CA ARG A 87 0.50 -6.19 -11.50
C ARG A 87 -0.09 -4.76 -11.52
N GLY A 88 0.70 -3.81 -12.04
CA GLY A 88 0.33 -2.39 -12.06
C GLY A 88 1.38 -1.50 -11.39
N VAL A 89 2.36 -2.14 -10.71
CA VAL A 89 3.42 -1.41 -9.94
C VAL A 89 4.73 -1.34 -10.77
N THR A 90 4.56 -1.40 -12.11
CA THR A 90 5.67 -1.46 -13.09
C THR A 90 6.32 -0.08 -13.34
N GLY A 91 6.15 0.85 -12.40
CA GLY A 91 6.67 2.20 -12.55
C GLY A 91 5.82 3.02 -13.49
N THR A 92 4.53 3.16 -13.16
CA THR A 92 3.59 4.00 -13.89
C THR A 92 3.47 5.38 -13.20
N GLN A 93 3.35 6.44 -14.01
CA GLN A 93 3.24 7.83 -13.55
C GLN A 93 2.06 8.02 -12.58
N LYS A 94 0.87 7.60 -13.03
CA LYS A 94 -0.35 7.69 -12.23
C LYS A 94 -1.29 6.54 -12.62
N GLY A 95 -1.92 5.94 -11.61
CA GLY A 95 -2.83 4.83 -11.82
C GLY A 95 -3.53 4.39 -10.54
N GLN A 96 -4.02 3.14 -10.52
CA GLN A 96 -4.78 2.60 -9.37
C GLN A 96 -4.77 1.05 -9.39
N ILE A 97 -4.61 0.44 -8.19
CA ILE A 97 -4.74 -1.01 -7.99
C ILE A 97 -5.88 -1.26 -6.99
N VAL A 98 -6.94 -1.90 -7.48
CA VAL A 98 -8.03 -2.40 -6.63
C VAL A 98 -7.56 -3.69 -5.91
N TRP A 99 -7.91 -3.78 -4.62
CA TRP A 99 -7.60 -4.94 -3.79
C TRP A 99 -8.72 -5.11 -2.73
N ARG A 100 -9.36 -6.28 -2.78
CA ARG A 100 -10.30 -6.74 -1.76
C ARG A 100 -9.51 -7.54 -0.72
N ILE A 101 -9.59 -7.12 0.54
CA ILE A 101 -8.76 -7.66 1.63
C ILE A 101 -9.39 -8.95 2.20
N GLU A 102 -8.54 -9.97 2.40
CA GLU A 102 -8.93 -11.27 2.99
C GLU A 102 -8.26 -11.46 4.36
N PRO A 103 -8.95 -12.11 5.34
CA PRO A 103 -8.41 -12.35 6.71
C PRO A 103 -7.42 -13.53 6.74
N GLY A 104 -6.18 -13.26 6.28
CA GLY A 104 -5.12 -14.27 6.24
C GLY A 104 -4.25 -14.26 7.49
N PRO A 105 -3.00 -14.86 7.44
CA PRO A 105 -2.04 -14.81 8.57
C PRO A 105 -1.41 -13.40 8.75
N TYR A 106 -1.66 -12.53 7.76
CA TYR A 106 -1.29 -11.11 7.81
C TYR A 106 -2.31 -10.28 8.61
N PHE A 107 -3.56 -10.79 8.68
CA PHE A 107 -4.69 -10.10 9.32
C PHE A 107 -5.28 -10.98 10.44
N MET A 108 -4.65 -10.90 11.63
CA MET A 108 -4.98 -11.74 12.81
C MET A 108 -5.46 -10.88 14.00
N GLU A 109 -5.10 -9.59 13.99
CA GLU A 109 -5.42 -8.64 15.09
C GLU A 109 -6.92 -8.28 15.10
N PRO A 110 -7.44 -7.66 16.22
CA PRO A 110 -8.79 -7.03 16.22
C PRO A 110 -8.88 -5.88 15.19
N GLU A 111 -7.74 -5.23 14.96
CA GLU A 111 -7.61 -4.13 13.99
C GLU A 111 -6.14 -4.06 13.52
N ILE A 112 -5.94 -4.30 12.21
CA ILE A 112 -4.63 -4.34 11.57
C ILE A 112 -4.42 -3.03 10.77
N LYS A 113 -3.55 -2.13 11.25
CA LYS A 113 -3.20 -0.92 10.50
C LYS A 113 -2.05 -1.25 9.55
N ILE A 114 -2.34 -1.23 8.24
CA ILE A 114 -1.32 -1.46 7.19
C ILE A 114 -1.10 -0.17 6.39
N CYS A 115 -0.17 -0.23 5.44
CA CYS A 115 0.14 0.89 4.53
C CYS A 115 0.78 0.37 3.25
N PHE A 116 0.76 1.21 2.23
CA PHE A 116 1.37 0.94 0.93
C PHE A 116 2.47 1.97 0.70
N LYS A 117 3.59 1.54 0.10
CA LYS A 117 4.78 2.40 -0.05
C LYS A 117 5.33 2.27 -1.47
N TYR A 118 5.15 3.34 -2.26
CA TYR A 118 5.70 3.44 -3.61
C TYR A 118 7.14 3.94 -3.51
N TYR A 119 8.08 3.08 -3.90
CA TYR A 119 9.51 3.38 -3.98
C TYR A 119 9.92 3.65 -5.44
N HIS A 120 11.07 4.31 -5.62
CA HIS A 120 11.67 4.54 -6.94
C HIS A 120 12.70 3.43 -7.18
N GLY A 121 12.82 3.00 -8.45
CA GLY A 121 13.73 1.93 -8.84
C GLY A 121 15.19 2.24 -8.55
N ILE A 122 15.62 3.46 -8.91
CA ILE A 122 16.94 3.97 -8.55
C ILE A 122 16.98 4.34 -7.04
N SER A 123 18.03 3.85 -6.34
CA SER A 123 18.28 4.09 -4.89
C SER A 123 17.32 3.32 -3.95
N GLY A 124 16.17 2.85 -4.48
CA GLY A 124 15.08 2.34 -3.63
C GLY A 124 14.43 3.44 -2.79
N ALA A 125 14.45 4.67 -3.35
CA ALA A 125 14.08 5.90 -2.62
C ALA A 125 12.55 6.05 -2.53
N LEU A 126 12.03 6.07 -1.29
CA LEU A 126 10.58 6.21 -1.00
C LEU A 126 10.02 7.52 -1.60
N ARG A 127 9.07 7.37 -2.55
CA ARG A 127 8.40 8.51 -3.22
C ARG A 127 7.14 8.93 -2.45
N ALA A 128 6.38 7.93 -1.96
CA ALA A 128 5.13 8.20 -1.20
C ALA A 128 4.67 6.96 -0.41
N THR A 129 3.85 7.20 0.63
CA THR A 129 3.26 6.16 1.48
C THR A 129 1.80 6.55 1.82
N THR A 130 0.85 5.59 1.74
CA THR A 130 -0.53 5.80 2.19
C THR A 130 -0.56 5.96 3.72
N PRO A 131 -1.39 6.89 4.27
CA PRO A 131 -1.72 6.92 5.73
C PRO A 131 -2.18 5.54 6.28
N CYS A 132 -2.14 5.40 7.62
CA CYS A 132 -2.46 4.14 8.33
C CYS A 132 -3.89 3.67 8.00
N ILE A 133 -3.96 2.64 7.16
CA ILE A 133 -5.21 2.04 6.70
C ILE A 133 -5.72 1.04 7.73
N THR A 134 -6.79 1.46 8.39
CA THR A 134 -7.46 0.73 9.44
C THR A 134 -8.25 -0.47 8.85
N VAL A 135 -7.65 -1.66 8.92
CA VAL A 135 -8.29 -2.91 8.47
C VAL A 135 -8.88 -3.64 9.68
N LYS A 136 -10.19 -3.49 9.90
CA LYS A 136 -10.89 -3.94 11.11
C LYS A 136 -11.39 -5.36 10.93
N ASN A 137 -11.24 -6.16 11.97
CA ASN A 137 -11.51 -7.61 11.94
C ASN A 137 -12.39 -7.99 13.16
N PRO A 138 -13.76 -7.97 13.00
CA PRO A 138 -14.70 -8.33 14.09
C PRO A 138 -15.04 -9.85 14.07
N SER A 33 4.84 19.99 -7.10
CA SER A 33 4.19 19.08 -6.16
C SER A 33 4.75 17.66 -6.37
N ARG A 34 4.92 16.90 -5.28
CA ARG A 34 5.64 15.61 -5.31
C ARG A 34 4.68 14.41 -5.32
N SER A 35 5.29 13.22 -5.39
CA SER A 35 4.58 11.93 -5.43
C SER A 35 3.68 11.73 -4.18
N SER A 36 2.49 11.14 -4.38
CA SER A 36 1.51 10.94 -3.30
C SER A 36 0.71 9.65 -3.53
N LEU A 37 0.68 8.77 -2.51
CA LEU A 37 -0.20 7.58 -2.51
C LEU A 37 -1.46 7.89 -1.67
N THR A 38 -2.61 7.41 -2.15
CA THR A 38 -3.92 7.55 -1.50
C THR A 38 -4.75 6.28 -1.71
N ALA A 39 -5.89 6.21 -1.03
CA ALA A 39 -6.83 5.08 -1.14
C ALA A 39 -8.27 5.60 -1.24
N SER A 40 -9.19 4.73 -1.70
CA SER A 40 -10.63 5.02 -1.80
C SER A 40 -11.22 5.35 -0.41
N MET A 41 -10.70 4.62 0.59
CA MET A 41 -11.11 4.72 2.00
C MET A 41 -9.94 4.28 2.88
N TYR A 42 -9.87 4.84 4.10
CA TYR A 42 -8.81 4.48 5.08
C TYR A 42 -9.40 3.66 6.23
N GLU A 43 -10.55 3.03 5.96
CA GLU A 43 -11.15 2.00 6.80
C GLU A 43 -11.56 0.82 5.91
N TYR A 44 -11.50 -0.38 6.48
CA TYR A 44 -11.92 -1.63 5.84
C TYR A 44 -12.30 -2.61 6.95
N THR A 45 -13.31 -3.43 6.73
CA THR A 45 -13.71 -4.48 7.68
C THR A 45 -13.66 -5.84 6.97
N LEU A 46 -12.89 -6.82 7.53
CA LEU A 46 -12.82 -8.18 6.97
C LEU A 46 -14.23 -8.81 6.95
N GLY A 47 -14.64 -9.26 5.76
CA GLY A 47 -15.97 -9.83 5.54
C GLY A 47 -16.81 -9.05 4.53
N GLN A 48 -16.42 -7.78 4.27
CA GLN A 48 -17.13 -6.90 3.32
C GLN A 48 -16.61 -7.11 1.88
N ALA A 49 -17.52 -6.92 0.91
CA ALA A 49 -17.18 -6.96 -0.53
C ALA A 49 -16.69 -5.58 -1.04
N GLN A 50 -16.97 -4.50 -0.25
CA GLN A 50 -16.48 -3.14 -0.57
C GLN A 50 -14.95 -3.14 -0.60
N ASN A 51 -14.40 -2.89 -1.79
CA ASN A 51 -12.97 -3.08 -2.11
C ASN A 51 -12.15 -1.81 -1.89
N LEU A 52 -10.84 -2.01 -1.69
CA LEU A 52 -9.87 -0.94 -1.41
C LEU A 52 -9.08 -0.62 -2.69
N ILE A 53 -9.28 0.59 -3.23
CA ILE A 53 -8.60 1.04 -4.46
C ILE A 53 -7.47 2.02 -4.09
N ILE A 54 -6.23 1.66 -4.40
CA ILE A 54 -5.03 2.47 -4.14
C ILE A 54 -4.73 3.35 -5.36
N PHE A 55 -5.01 4.67 -5.21
CA PHE A 55 -4.73 5.68 -6.24
C PHE A 55 -3.32 6.24 -6.02
N TRP A 56 -2.46 6.21 -7.04
CA TRP A 56 -1.14 6.83 -6.96
C TRP A 56 -1.04 8.01 -7.95
N ASP A 57 -0.42 9.09 -7.47
CA ASP A 57 -0.19 10.33 -8.23
C ASP A 57 1.30 10.69 -8.13
N ILE A 58 2.09 10.10 -9.02
CA ILE A 58 3.53 10.38 -9.19
C ILE A 58 3.68 11.22 -10.47
N LYS A 59 4.36 12.36 -10.37
CA LYS A 59 4.59 13.30 -11.49
C LYS A 59 6.09 13.53 -11.69
N GLU A 60 6.89 12.70 -11.00
CA GLU A 60 8.36 12.72 -11.02
C GLU A 60 8.84 11.38 -11.62
N GLU A 61 10.11 11.31 -12.06
CA GLU A 61 10.65 10.15 -12.82
C GLU A 61 10.66 8.83 -11.99
N VAL A 62 10.39 7.72 -12.71
CA VAL A 62 10.26 6.36 -12.14
C VAL A 62 10.93 5.34 -13.10
N ASP A 63 10.88 4.04 -12.74
CA ASP A 63 11.51 2.93 -13.50
C ASP A 63 10.65 1.65 -13.38
N PRO A 64 10.72 0.70 -14.37
CA PRO A 64 10.03 -0.63 -14.28
C PRO A 64 10.57 -1.52 -13.13
N SER A 65 11.63 -1.05 -12.45
CA SER A 65 12.26 -1.73 -11.31
C SER A 65 11.43 -1.57 -10.02
N ASP A 66 10.84 -0.37 -9.81
CA ASP A 66 10.19 -0.02 -8.53
C ASP A 66 8.74 -0.55 -8.45
N TRP A 67 8.16 -0.42 -7.23
CA TRP A 67 6.85 -1.01 -6.89
C TRP A 67 6.24 -0.33 -5.64
N ILE A 68 4.96 -0.63 -5.38
CA ILE A 68 4.27 -0.33 -4.11
C ILE A 68 4.22 -1.62 -3.27
N GLY A 69 4.60 -1.54 -1.99
CA GLY A 69 4.58 -2.68 -1.07
C GLY A 69 3.53 -2.51 0.02
N LEU A 70 3.06 -3.62 0.59
CA LEU A 70 2.07 -3.62 1.70
C LEU A 70 2.82 -3.84 3.04
N TYR A 71 2.75 -2.84 3.93
CA TYR A 71 3.46 -2.85 5.24
C TYR A 71 2.48 -2.52 6.38
N HIS A 72 2.77 -3.00 7.60
CA HIS A 72 1.97 -2.70 8.82
C HIS A 72 2.52 -1.43 9.51
N ILE A 73 1.61 -0.61 10.08
CA ILE A 73 1.96 0.52 10.97
C ILE A 73 2.55 -0.07 12.27
N ASP A 74 3.88 -0.21 12.31
CA ASP A 74 4.57 -0.91 13.41
C ASP A 74 5.85 -0.16 13.79
N GLU A 75 6.13 -0.01 15.10
CA GLU A 75 7.44 0.51 15.55
C GLU A 75 8.45 -0.64 15.44
N ASN A 76 9.11 -0.71 14.29
CA ASN A 76 9.91 -1.88 13.85
C ASN A 76 11.08 -1.40 12.98
N SER A 77 11.93 -2.36 12.56
CA SER A 77 12.96 -2.20 11.52
C SER A 77 12.47 -1.27 10.38
N PRO A 78 13.18 -0.13 10.07
CA PRO A 78 12.78 0.82 9.00
C PRO A 78 12.73 0.21 7.58
N ALA A 79 13.18 -1.05 7.46
CA ALA A 79 13.04 -1.85 6.23
C ALA A 79 11.60 -2.42 6.12
N ASN A 80 11.04 -2.80 7.29
CA ASN A 80 9.70 -3.42 7.43
C ASN A 80 9.51 -4.59 6.46
N PHE A 81 10.32 -5.66 6.65
CA PHE A 81 10.16 -6.93 5.90
C PHE A 81 8.71 -7.48 6.01
N TRP A 82 7.93 -7.23 4.93
CA TRP A 82 6.48 -7.47 4.87
C TRP A 82 6.07 -7.76 3.41
N ASP A 83 4.81 -7.52 3.06
CA ASP A 83 4.22 -7.96 1.77
C ASP A 83 4.50 -6.89 0.68
N SER A 84 4.27 -7.28 -0.60
CA SER A 84 4.42 -6.38 -1.77
C SER A 84 3.22 -6.56 -2.69
N LYS A 85 2.82 -5.49 -3.41
CA LYS A 85 1.67 -5.52 -4.34
C LYS A 85 2.05 -6.04 -5.73
N ASN A 86 1.01 -6.11 -6.58
CA ASN A 86 1.03 -6.74 -7.90
C ASN A 86 1.58 -5.76 -8.97
N ARG A 87 1.81 -6.30 -10.19
CA ARG A 87 2.28 -5.52 -11.35
C ARG A 87 1.26 -4.45 -11.75
N GLY A 88 1.75 -3.39 -12.40
CA GLY A 88 0.96 -2.18 -12.66
C GLY A 88 1.48 -0.99 -11.86
N VAL A 89 2.33 -1.29 -10.88
CA VAL A 89 3.10 -0.30 -10.09
C VAL A 89 4.56 -0.26 -10.57
N THR A 90 4.76 -0.79 -11.79
CA THR A 90 6.06 -1.02 -12.44
C THR A 90 6.62 0.27 -13.07
N GLY A 91 6.67 1.35 -12.29
CA GLY A 91 7.09 2.64 -12.79
C GLY A 91 6.01 3.30 -13.63
N THR A 92 4.84 3.46 -13.01
CA THR A 92 3.71 4.18 -13.58
C THR A 92 3.58 5.54 -12.88
N GLN A 93 3.32 6.59 -13.67
CA GLN A 93 3.13 7.94 -13.14
C GLN A 93 1.86 8.01 -12.27
N LYS A 94 0.68 7.89 -12.90
CA LYS A 94 -0.61 8.06 -12.21
C LYS A 94 -1.56 6.93 -12.63
N GLY A 95 -2.21 6.30 -11.64
CA GLY A 95 -3.19 5.25 -11.88
C GLY A 95 -3.86 4.78 -10.59
N GLN A 96 -4.47 3.58 -10.63
CA GLN A 96 -5.16 2.98 -9.47
C GLN A 96 -5.24 1.45 -9.64
N ILE A 97 -5.09 0.71 -8.52
CA ILE A 97 -5.30 -0.75 -8.46
C ILE A 97 -6.29 -1.07 -7.34
N VAL A 98 -7.39 -1.73 -7.71
CA VAL A 98 -8.39 -2.26 -6.78
C VAL A 98 -7.89 -3.57 -6.15
N TRP A 99 -8.20 -3.76 -4.85
CA TRP A 99 -7.85 -4.98 -4.11
C TRP A 99 -8.80 -5.13 -2.91
N ARG A 100 -9.47 -6.30 -2.84
CA ARG A 100 -10.25 -6.72 -1.68
C ARG A 100 -9.30 -7.26 -0.60
N ILE A 101 -9.39 -6.74 0.62
CA ILE A 101 -8.58 -7.23 1.75
C ILE A 101 -9.25 -8.50 2.32
N GLU A 102 -8.54 -9.62 2.20
CA GLU A 102 -8.96 -10.91 2.76
C GLU A 102 -8.23 -11.15 4.10
N PRO A 103 -8.84 -11.87 5.09
CA PRO A 103 -8.19 -12.18 6.39
C PRO A 103 -7.07 -13.23 6.21
N GLY A 104 -5.92 -12.76 5.70
CA GLY A 104 -4.77 -13.62 5.43
C GLY A 104 -3.91 -13.86 6.66
N PRO A 105 -2.70 -14.50 6.50
CA PRO A 105 -1.76 -14.72 7.63
C PRO A 105 -1.12 -13.40 8.14
N TYR A 106 -1.26 -12.34 7.32
CA TYR A 106 -0.81 -10.97 7.67
C TYR A 106 -1.95 -10.16 8.32
N PHE A 107 -3.18 -10.73 8.34
CA PHE A 107 -4.36 -10.09 8.96
C PHE A 107 -4.93 -11.03 10.04
N MET A 108 -4.32 -10.94 11.25
CA MET A 108 -4.61 -11.83 12.40
C MET A 108 -5.12 -11.01 13.60
N GLU A 109 -4.70 -9.74 13.68
CA GLU A 109 -5.00 -8.82 14.81
C GLU A 109 -6.51 -8.55 14.92
N PRO A 110 -7.04 -8.14 16.12
CA PRO A 110 -8.43 -7.64 16.26
C PRO A 110 -8.68 -6.37 15.40
N GLU A 111 -7.58 -5.63 15.15
CA GLU A 111 -7.55 -4.48 14.25
C GLU A 111 -6.14 -4.35 13.66
N ILE A 112 -6.03 -4.58 12.37
CA ILE A 112 -4.80 -4.38 11.59
C ILE A 112 -4.80 -2.93 11.08
N LYS A 113 -3.60 -2.38 10.83
CA LYS A 113 -3.40 -1.05 10.28
C LYS A 113 -2.26 -1.16 9.28
N ILE A 114 -2.57 -0.94 8.00
CA ILE A 114 -1.60 -1.09 6.90
C ILE A 114 -1.29 0.25 6.24
N CYS A 115 -0.26 0.24 5.41
CA CYS A 115 0.24 1.40 4.67
C CYS A 115 1.03 0.89 3.48
N PHE A 116 0.64 1.37 2.31
CA PHE A 116 1.28 1.07 1.04
C PHE A 116 2.40 2.07 0.80
N LYS A 117 3.59 1.59 0.41
CA LYS A 117 4.78 2.43 0.26
C LYS A 117 5.39 2.23 -1.13
N TYR A 118 5.31 3.28 -1.97
CA TYR A 118 5.97 3.33 -3.28
C TYR A 118 7.47 3.57 -3.03
N TYR A 119 8.28 2.52 -3.21
CA TYR A 119 9.75 2.58 -3.13
C TYR A 119 10.34 2.73 -4.55
N HIS A 120 11.64 3.06 -4.61
CA HIS A 120 12.42 3.11 -5.86
C HIS A 120 13.62 2.15 -5.72
N GLY A 121 13.92 1.42 -6.81
CA GLY A 121 14.99 0.43 -6.82
C GLY A 121 14.66 -0.77 -5.94
N ILE A 122 15.66 -1.28 -5.19
CA ILE A 122 15.46 -2.35 -4.21
C ILE A 122 15.27 -1.72 -2.82
N SER A 123 14.02 -1.28 -2.55
CA SER A 123 13.57 -0.67 -1.27
C SER A 123 14.47 0.51 -0.81
N GLY A 124 14.99 1.26 -1.80
CA GLY A 124 15.89 2.38 -1.53
C GLY A 124 15.14 3.69 -1.27
N ALA A 125 14.94 4.48 -2.35
CA ALA A 125 14.32 5.81 -2.25
C ALA A 125 12.80 5.71 -2.13
N LEU A 126 12.27 6.06 -0.95
CA LEU A 126 10.82 6.07 -0.67
C LEU A 126 10.16 7.24 -1.44
N ARG A 127 9.47 6.90 -2.53
CA ARG A 127 8.78 7.86 -3.42
C ARG A 127 7.52 8.43 -2.74
N ALA A 128 6.70 7.53 -2.12
CA ALA A 128 5.41 7.92 -1.50
C ALA A 128 4.89 6.83 -0.53
N THR A 129 3.89 7.20 0.29
CA THR A 129 3.21 6.28 1.24
C THR A 129 1.74 6.72 1.47
N THR A 130 0.79 5.74 1.50
CA THR A 130 -0.63 6.00 1.85
C THR A 130 -0.75 6.31 3.35
N PRO A 131 -1.76 7.14 3.77
CA PRO A 131 -2.20 7.22 5.19
C PRO A 131 -2.57 5.82 5.77
N CYS A 132 -2.48 5.71 7.10
CA CYS A 132 -2.77 4.48 7.87
C CYS A 132 -4.22 4.00 7.65
N ILE A 133 -4.36 2.90 6.91
CA ILE A 133 -5.66 2.27 6.61
C ILE A 133 -6.04 1.30 7.73
N THR A 134 -7.06 1.71 8.51
CA THR A 134 -7.59 0.92 9.63
C THR A 134 -8.40 -0.28 9.10
N VAL A 135 -7.79 -1.46 9.12
CA VAL A 135 -8.40 -2.72 8.67
C VAL A 135 -8.88 -3.51 9.91
N LYS A 136 -10.16 -3.44 10.22
CA LYS A 136 -10.75 -4.02 11.44
C LYS A 136 -11.17 -5.47 11.18
N ASN A 137 -10.89 -6.36 12.14
CA ASN A 137 -11.10 -7.80 12.02
C ASN A 137 -12.03 -8.28 13.16
N PRO A 138 -13.37 -8.46 12.90
CA PRO A 138 -14.31 -9.09 13.84
C PRO A 138 -14.19 -10.65 13.79
N SER A 33 2.16 20.13 -7.37
CA SER A 33 1.80 18.84 -6.78
C SER A 33 2.85 17.81 -7.19
N ARG A 34 3.27 17.00 -6.21
CA ARG A 34 4.36 16.01 -6.35
C ARG A 34 3.86 14.60 -5.98
N SER A 35 4.79 13.61 -5.93
CA SER A 35 4.50 12.18 -5.58
C SER A 35 3.59 12.04 -4.33
N SER A 36 2.39 11.50 -4.55
CA SER A 36 1.39 11.28 -3.49
C SER A 36 0.75 9.88 -3.64
N LEU A 37 0.38 9.28 -2.50
CA LEU A 37 -0.41 8.04 -2.46
C LEU A 37 -1.74 8.32 -1.74
N THR A 38 -2.83 7.85 -2.34
CA THR A 38 -4.19 7.94 -1.75
C THR A 38 -4.89 6.57 -1.84
N ALA A 39 -6.04 6.46 -1.18
CA ALA A 39 -6.89 5.24 -1.20
C ALA A 39 -8.36 5.62 -1.29
N SER A 40 -9.19 4.66 -1.75
CA SER A 40 -10.67 4.82 -1.82
C SER A 40 -11.26 4.98 -0.41
N MET A 41 -10.60 4.33 0.57
CA MET A 41 -10.95 4.37 2.00
C MET A 41 -9.75 3.93 2.84
N TYR A 42 -9.54 4.61 3.98
CA TYR A 42 -8.47 4.30 4.94
C TYR A 42 -9.02 3.50 6.14
N GLU A 43 -10.20 2.89 5.93
CA GLU A 43 -10.77 1.90 6.85
C GLU A 43 -11.33 0.74 6.02
N TYR A 44 -11.25 -0.47 6.59
CA TYR A 44 -11.64 -1.72 5.94
C TYR A 44 -12.03 -2.72 7.03
N THR A 45 -13.02 -3.58 6.75
CA THR A 45 -13.41 -4.70 7.64
C THR A 45 -13.23 -6.02 6.86
N LEU A 46 -12.43 -6.97 7.40
CA LEU A 46 -12.17 -8.26 6.73
C LEU A 46 -13.49 -9.03 6.45
N GLY A 47 -13.75 -9.32 5.16
CA GLY A 47 -14.94 -10.04 4.74
C GLY A 47 -15.96 -9.16 4.02
N GLN A 48 -15.82 -7.82 4.16
CA GLN A 48 -16.77 -6.85 3.54
C GLN A 48 -16.69 -6.89 2.00
N ALA A 49 -17.79 -6.50 1.36
CA ALA A 49 -17.93 -6.53 -0.11
C ALA A 49 -17.20 -5.33 -0.77
N GLN A 50 -17.11 -4.20 -0.04
CA GLN A 50 -16.48 -2.97 -0.56
C GLN A 50 -14.97 -3.18 -0.80
N ASN A 51 -14.55 -2.98 -2.05
CA ASN A 51 -13.15 -3.16 -2.49
C ASN A 51 -12.35 -1.87 -2.26
N LEU A 52 -11.05 -2.04 -1.94
CA LEU A 52 -10.14 -0.94 -1.63
C LEU A 52 -9.22 -0.68 -2.84
N ILE A 53 -9.18 0.57 -3.31
CA ILE A 53 -8.39 0.98 -4.48
C ILE A 53 -7.25 1.92 -4.01
N ILE A 54 -5.99 1.60 -4.38
CA ILE A 54 -4.80 2.41 -4.04
C ILE A 54 -4.35 3.21 -5.27
N PHE A 55 -4.47 4.53 -5.17
CA PHE A 55 -4.13 5.48 -6.24
C PHE A 55 -2.71 6.03 -6.02
N TRP A 56 -2.04 6.41 -7.12
CA TRP A 56 -0.73 7.07 -7.08
C TRP A 56 -0.68 8.20 -8.13
N ASP A 57 -0.01 9.30 -7.74
CA ASP A 57 0.16 10.51 -8.57
C ASP A 57 1.61 11.03 -8.40
N ILE A 58 2.52 10.52 -9.26
CA ILE A 58 3.96 10.88 -9.27
C ILE A 58 4.25 11.72 -10.54
N LYS A 59 4.97 12.85 -10.37
CA LYS A 59 5.33 13.75 -11.48
C LYS A 59 6.78 13.48 -11.93
N GLU A 60 7.66 13.18 -10.96
CA GLU A 60 9.07 12.86 -11.21
C GLU A 60 9.24 11.47 -11.84
N GLU A 61 10.50 11.12 -12.15
CA GLU A 61 10.86 9.88 -12.85
C GLU A 61 10.38 8.62 -12.09
N VAL A 62 9.83 7.69 -12.87
CA VAL A 62 9.46 6.33 -12.42
C VAL A 62 10.20 5.32 -13.32
N ASP A 63 10.27 4.06 -12.89
CA ASP A 63 11.07 3.02 -13.57
C ASP A 63 10.37 1.67 -13.42
N PRO A 64 10.32 0.79 -14.47
CA PRO A 64 9.65 -0.54 -14.37
C PRO A 64 10.25 -1.53 -13.33
N SER A 65 11.25 -1.09 -12.55
CA SER A 65 11.82 -1.90 -11.44
C SER A 65 11.25 -1.50 -10.06
N ASP A 66 10.41 -0.44 -9.98
CA ASP A 66 9.78 -0.03 -8.69
C ASP A 66 8.41 -0.68 -8.49
N TRP A 67 7.91 -0.53 -7.25
CA TRP A 67 6.69 -1.18 -6.78
C TRP A 67 6.08 -0.41 -5.59
N ILE A 68 4.82 -0.73 -5.28
CA ILE A 68 4.18 -0.36 -4.02
C ILE A 68 4.25 -1.60 -3.09
N GLY A 69 4.63 -1.38 -1.83
CA GLY A 69 4.74 -2.46 -0.84
C GLY A 69 3.71 -2.32 0.27
N LEU A 70 3.18 -3.46 0.76
CA LEU A 70 2.27 -3.50 1.92
C LEU A 70 3.12 -3.77 3.17
N TYR A 71 3.15 -2.79 4.07
CA TYR A 71 3.90 -2.86 5.34
C TYR A 71 2.91 -2.58 6.49
N HIS A 72 2.98 -3.39 7.56
CA HIS A 72 2.16 -3.18 8.77
C HIS A 72 2.72 -1.99 9.57
N ILE A 73 1.83 -1.12 10.06
CA ILE A 73 2.18 -0.03 10.99
C ILE A 73 2.64 -0.67 12.31
N ASP A 74 3.96 -0.90 12.43
CA ASP A 74 4.59 -1.50 13.61
C ASP A 74 5.90 -0.78 13.92
N GLU A 75 6.22 -0.62 15.21
CA GLU A 75 7.52 -0.11 15.64
C GLU A 75 8.55 -1.26 15.51
N ASN A 76 9.21 -1.29 14.35
CA ASN A 76 10.11 -2.40 13.95
C ASN A 76 11.19 -1.84 12.99
N SER A 77 12.14 -2.71 12.59
CA SER A 77 13.19 -2.44 11.57
C SER A 77 12.66 -1.64 10.36
N PRO A 78 13.30 -0.48 9.97
CA PRO A 78 12.80 0.42 8.88
C PRO A 78 12.80 -0.28 7.50
N ALA A 79 13.42 -1.48 7.43
CA ALA A 79 13.38 -2.34 6.25
C ALA A 79 11.98 -2.98 6.08
N ASN A 80 11.38 -3.37 7.24
CA ASN A 80 10.05 -4.03 7.33
C ASN A 80 9.82 -5.06 6.20
N PHE A 81 10.61 -6.14 6.21
CA PHE A 81 10.42 -7.27 5.28
C PHE A 81 8.99 -7.83 5.42
N TRP A 82 8.14 -7.45 4.45
CA TRP A 82 6.68 -7.63 4.48
C TRP A 82 6.16 -7.86 3.04
N ASP A 83 4.87 -7.57 2.80
CA ASP A 83 4.17 -7.92 1.54
C ASP A 83 4.34 -6.80 0.51
N SER A 84 3.89 -7.03 -0.73
CA SER A 84 3.90 -6.03 -1.81
C SER A 84 2.62 -6.13 -2.65
N LYS A 85 2.38 -5.10 -3.49
CA LYS A 85 1.17 -4.98 -4.33
C LYS A 85 1.33 -5.76 -5.66
N ASN A 86 0.27 -5.68 -6.48
CA ASN A 86 0.19 -6.39 -7.76
C ASN A 86 0.90 -5.57 -8.85
N ARG A 87 0.98 -6.15 -10.06
CA ARG A 87 1.51 -5.46 -11.23
C ARG A 87 0.53 -4.37 -11.70
N GLY A 88 1.09 -3.34 -12.34
CA GLY A 88 0.38 -2.09 -12.63
C GLY A 88 1.16 -0.89 -12.10
N VAL A 89 2.13 -1.18 -11.21
CA VAL A 89 3.09 -0.20 -10.65
C VAL A 89 4.46 -0.36 -11.39
N THR A 90 4.35 -0.79 -12.66
CA THR A 90 5.51 -1.08 -13.55
C THR A 90 6.15 0.21 -14.10
N GLY A 91 6.41 1.19 -13.21
CA GLY A 91 6.93 2.49 -13.62
C GLY A 91 5.86 3.33 -14.29
N THR A 92 4.78 3.55 -13.55
CA THR A 92 3.62 4.32 -14.00
C THR A 92 3.52 5.64 -13.21
N GLN A 93 3.42 6.77 -13.95
CA GLN A 93 3.27 8.13 -13.38
C GLN A 93 2.04 8.19 -12.47
N LYS A 94 0.89 7.88 -13.05
CA LYS A 94 -0.41 8.00 -12.38
C LYS A 94 -1.27 6.77 -12.70
N GLY A 95 -1.93 6.23 -11.68
CA GLY A 95 -2.77 5.05 -11.84
C GLY A 95 -3.44 4.62 -10.54
N GLN A 96 -3.99 3.40 -10.54
CA GLN A 96 -4.67 2.81 -9.39
C GLN A 96 -4.68 1.26 -9.48
N ILE A 97 -4.81 0.61 -8.31
CA ILE A 97 -4.96 -0.86 -8.19
C ILE A 97 -6.04 -1.18 -7.15
N VAL A 98 -7.13 -1.82 -7.60
CA VAL A 98 -8.21 -2.31 -6.73
C VAL A 98 -7.82 -3.66 -6.12
N TRP A 99 -8.29 -3.91 -4.89
CA TRP A 99 -8.00 -5.14 -4.14
C TRP A 99 -9.01 -5.27 -2.98
N ARG A 100 -9.57 -6.47 -2.85
CA ARG A 100 -10.44 -6.83 -1.73
C ARG A 100 -9.60 -7.60 -0.70
N ILE A 101 -9.45 -7.03 0.51
CA ILE A 101 -8.56 -7.58 1.55
C ILE A 101 -9.26 -8.75 2.27
N GLU A 102 -8.63 -9.94 2.20
CA GLU A 102 -9.13 -11.17 2.85
C GLU A 102 -8.41 -11.40 4.19
N PRO A 103 -9.11 -11.98 5.23
CA PRO A 103 -8.50 -12.33 6.52
C PRO A 103 -7.52 -13.52 6.40
N GLY A 104 -6.28 -13.19 6.00
CA GLY A 104 -5.19 -14.16 5.90
C GLY A 104 -4.41 -14.29 7.20
N PRO A 105 -3.21 -14.95 7.18
CA PRO A 105 -2.36 -15.10 8.40
C PRO A 105 -1.75 -13.77 8.88
N TYR A 106 -1.79 -12.75 8.00
CA TYR A 106 -1.28 -11.38 8.29
C TYR A 106 -2.43 -10.41 8.65
N PHE A 107 -3.67 -10.93 8.70
CA PHE A 107 -4.86 -10.15 9.13
C PHE A 107 -5.66 -11.01 10.14
N MET A 108 -5.22 -11.00 11.42
CA MET A 108 -5.83 -11.83 12.50
C MET A 108 -6.04 -11.01 13.80
N GLU A 109 -5.36 -9.85 13.92
CA GLU A 109 -5.52 -8.93 15.08
C GLU A 109 -6.96 -8.37 15.13
N PRO A 110 -7.46 -7.83 16.29
CA PRO A 110 -8.77 -7.12 16.34
C PRO A 110 -8.82 -5.91 15.38
N GLU A 111 -7.63 -5.31 15.15
CA GLU A 111 -7.47 -4.12 14.31
C GLU A 111 -6.03 -4.12 13.73
N ILE A 112 -5.92 -4.39 12.42
CA ILE A 112 -4.64 -4.44 11.70
C ILE A 112 -4.45 -3.13 10.90
N LYS A 113 -3.54 -2.26 11.36
CA LYS A 113 -3.19 -1.03 10.63
C LYS A 113 -2.03 -1.34 9.69
N ILE A 114 -2.23 -1.07 8.39
CA ILE A 114 -1.22 -1.27 7.34
C ILE A 114 -1.05 0.03 6.54
N CYS A 115 -0.05 0.06 5.66
CA CYS A 115 0.24 1.22 4.81
C CYS A 115 0.97 0.76 3.54
N PHE A 116 0.59 1.35 2.42
CA PHE A 116 1.20 1.10 1.11
C PHE A 116 2.25 2.18 0.83
N LYS A 117 3.41 1.78 0.28
CA LYS A 117 4.54 2.71 0.04
C LYS A 117 5.05 2.59 -1.40
N TYR A 118 4.97 3.70 -2.15
CA TYR A 118 5.49 3.79 -3.52
C TYR A 118 6.99 4.08 -3.45
N TYR A 119 7.79 3.21 -4.09
CA TYR A 119 9.25 3.35 -4.19
C TYR A 119 9.65 3.74 -5.63
N HIS A 120 10.90 4.16 -5.83
CA HIS A 120 11.46 4.42 -7.17
C HIS A 120 12.69 3.53 -7.42
N GLY A 121 12.63 2.78 -8.55
CA GLY A 121 13.66 1.81 -8.92
C GLY A 121 13.73 0.60 -8.00
N ILE A 122 14.73 -0.27 -8.25
CA ILE A 122 15.01 -1.44 -7.39
C ILE A 122 15.87 -0.99 -6.18
N SER A 123 15.23 -0.24 -5.26
CA SER A 123 15.91 0.39 -4.12
C SER A 123 14.87 0.77 -3.04
N GLY A 124 15.36 1.26 -1.89
CA GLY A 124 14.50 1.74 -0.80
C GLY A 124 14.21 3.25 -0.90
N ALA A 125 14.23 3.78 -2.14
CA ALA A 125 13.94 5.19 -2.41
C ALA A 125 12.43 5.44 -2.30
N LEU A 126 12.00 6.09 -1.22
CA LEU A 126 10.57 6.26 -0.88
C LEU A 126 10.01 7.51 -1.57
N ARG A 127 9.11 7.31 -2.55
CA ARG A 127 8.37 8.39 -3.21
C ARG A 127 7.23 8.90 -2.32
N ALA A 128 6.39 7.96 -1.84
CA ALA A 128 5.18 8.31 -1.06
C ALA A 128 4.68 7.12 -0.21
N THR A 129 3.78 7.43 0.72
CA THR A 129 3.10 6.45 1.59
C THR A 129 1.62 6.87 1.80
N THR A 130 0.69 5.90 1.77
CA THR A 130 -0.73 6.13 2.08
C THR A 130 -0.89 6.38 3.59
N PRO A 131 -1.81 7.30 4.01
CA PRO A 131 -2.33 7.33 5.41
C PRO A 131 -2.80 5.92 5.88
N CYS A 132 -2.43 5.54 7.12
CA CYS A 132 -2.64 4.18 7.67
C CYS A 132 -4.08 3.68 7.49
N ILE A 133 -4.22 2.57 6.74
CA ILE A 133 -5.51 1.93 6.50
C ILE A 133 -5.80 1.01 7.69
N THR A 134 -6.88 1.33 8.40
CA THR A 134 -7.33 0.59 9.56
C THR A 134 -8.19 -0.60 9.09
N VAL A 135 -7.56 -1.79 9.00
CA VAL A 135 -8.20 -3.01 8.51
C VAL A 135 -8.60 -3.88 9.72
N LYS A 136 -9.84 -3.76 10.16
CA LYS A 136 -10.36 -4.36 11.40
C LYS A 136 -10.90 -5.76 11.09
N ASN A 137 -10.64 -6.71 11.98
CA ASN A 137 -10.92 -8.14 11.73
C ASN A 137 -12.00 -8.64 12.70
N PRO A 138 -13.24 -8.94 12.20
CA PRO A 138 -14.28 -9.62 12.99
C PRO A 138 -14.04 -11.16 13.01
N SER A 33 4.18 20.09 -7.53
CA SER A 33 3.60 18.84 -7.01
C SER A 33 4.71 17.79 -6.74
N ARG A 34 4.32 16.60 -6.27
CA ARG A 34 5.22 15.46 -6.02
C ARG A 34 4.48 14.13 -6.13
N SER A 35 5.22 13.02 -5.87
CA SER A 35 4.65 11.66 -5.79
C SER A 35 3.55 11.58 -4.71
N SER A 36 2.29 11.42 -5.13
CA SER A 36 1.13 11.37 -4.23
C SER A 36 0.58 9.94 -4.16
N LEU A 37 0.03 9.57 -3.00
CA LEU A 37 -0.60 8.25 -2.77
C LEU A 37 -1.82 8.46 -1.85
N THR A 38 -3.00 8.11 -2.38
CA THR A 38 -4.28 8.22 -1.69
C THR A 38 -5.07 6.93 -1.89
N ALA A 39 -5.74 6.47 -0.85
CA ALA A 39 -6.60 5.29 -0.91
C ALA A 39 -8.06 5.74 -1.05
N SER A 40 -8.92 4.82 -1.51
CA SER A 40 -10.37 5.02 -1.62
C SER A 40 -10.96 5.25 -0.21
N MET A 41 -10.41 4.50 0.75
CA MET A 41 -10.80 4.56 2.16
C MET A 41 -9.65 4.03 3.04
N TYR A 42 -9.46 4.66 4.21
CA TYR A 42 -8.39 4.29 5.17
C TYR A 42 -8.95 3.43 6.31
N GLU A 43 -10.15 2.86 6.09
CA GLU A 43 -10.77 1.84 6.95
C GLU A 43 -11.37 0.75 6.06
N TYR A 44 -11.15 -0.52 6.44
CA TYR A 44 -11.62 -1.68 5.68
C TYR A 44 -11.95 -2.82 6.65
N THR A 45 -13.22 -3.27 6.67
CA THR A 45 -13.64 -4.46 7.43
C THR A 45 -13.56 -5.71 6.52
N LEU A 46 -12.88 -6.77 6.99
CA LEU A 46 -12.63 -8.00 6.19
C LEU A 46 -13.95 -8.74 5.88
N GLY A 47 -14.12 -9.13 4.60
CA GLY A 47 -15.32 -9.84 4.16
C GLY A 47 -16.49 -8.93 3.78
N GLN A 48 -16.23 -7.62 3.61
CA GLN A 48 -17.26 -6.66 3.14
C GLN A 48 -17.23 -6.60 1.59
N ALA A 49 -18.34 -6.11 1.00
CA ALA A 49 -18.49 -5.97 -0.45
C ALA A 49 -17.74 -4.74 -1.00
N GLN A 50 -17.43 -3.79 -0.10
CA GLN A 50 -16.74 -2.54 -0.43
C GLN A 50 -15.23 -2.82 -0.60
N ASN A 51 -14.75 -2.76 -1.85
CA ASN A 51 -13.33 -3.03 -2.20
C ASN A 51 -12.49 -1.75 -2.03
N LEU A 52 -11.20 -1.90 -1.71
CA LEU A 52 -10.29 -0.79 -1.43
C LEU A 52 -9.41 -0.53 -2.67
N ILE A 53 -9.57 0.65 -3.30
CA ILE A 53 -8.79 1.04 -4.49
C ILE A 53 -7.63 1.97 -4.08
N ILE A 54 -6.43 1.71 -4.60
CA ILE A 54 -5.20 2.45 -4.26
C ILE A 54 -4.80 3.32 -5.47
N PHE A 55 -4.94 4.65 -5.31
CA PHE A 55 -4.64 5.64 -6.36
C PHE A 55 -3.26 6.27 -6.11
N TRP A 56 -2.44 6.44 -7.15
CA TRP A 56 -1.16 7.19 -7.05
C TRP A 56 -0.98 8.11 -8.27
N ASP A 57 -0.42 9.31 -7.99
CA ASP A 57 -0.18 10.38 -8.96
C ASP A 57 1.27 10.88 -8.81
N ILE A 58 2.18 10.25 -9.56
CA ILE A 58 3.61 10.57 -9.58
C ILE A 58 3.99 11.23 -10.91
N LYS A 59 4.63 12.40 -10.85
CA LYS A 59 5.11 13.13 -12.05
C LYS A 59 6.61 12.85 -12.30
N GLU A 60 7.26 12.18 -11.33
CA GLU A 60 8.70 11.87 -11.33
C GLU A 60 9.02 10.68 -12.24
N GLU A 61 10.32 10.45 -12.43
CA GLU A 61 10.83 9.36 -13.27
C GLU A 61 10.62 8.01 -12.56
N VAL A 62 9.61 7.26 -13.00
CA VAL A 62 9.32 5.91 -12.52
C VAL A 62 9.99 4.88 -13.45
N ASP A 63 10.47 3.77 -12.87
CA ASP A 63 11.23 2.73 -13.58
C ASP A 63 10.67 1.33 -13.20
N PRO A 64 10.83 0.27 -14.06
CA PRO A 64 10.15 -1.05 -13.84
C PRO A 64 10.59 -1.82 -12.57
N SER A 65 11.58 -1.28 -11.81
CA SER A 65 12.03 -1.88 -10.55
C SER A 65 11.19 -1.37 -9.35
N ASP A 66 10.49 -0.23 -9.50
CA ASP A 66 9.72 0.36 -8.37
C ASP A 66 8.47 -0.48 -8.03
N TRP A 67 7.92 -0.23 -6.82
CA TRP A 67 6.80 -1.02 -6.28
C TRP A 67 6.10 -0.27 -5.13
N ILE A 68 4.88 -0.72 -4.80
CA ILE A 68 4.20 -0.34 -3.56
C ILE A 68 4.40 -1.49 -2.56
N GLY A 69 4.78 -1.16 -1.32
CA GLY A 69 4.95 -2.13 -0.25
C GLY A 69 3.87 -1.99 0.80
N LEU A 70 3.29 -3.12 1.23
CA LEU A 70 2.27 -3.15 2.28
C LEU A 70 2.99 -3.47 3.61
N TYR A 71 3.01 -2.49 4.52
CA TYR A 71 3.75 -2.57 5.80
C TYR A 71 2.82 -2.31 7.00
N HIS A 72 3.04 -3.06 8.09
CA HIS A 72 2.22 -2.97 9.32
C HIS A 72 2.84 -1.96 10.29
N ILE A 73 2.05 -0.94 10.69
CA ILE A 73 2.44 0.06 11.69
C ILE A 73 2.57 -0.62 13.08
N ASP A 74 3.79 -1.09 13.38
CA ASP A 74 4.13 -1.76 14.65
C ASP A 74 5.51 -1.29 15.12
N GLU A 75 5.76 -1.39 16.44
CA GLU A 75 7.09 -1.15 17.01
C GLU A 75 7.98 -2.37 16.71
N ASN A 76 8.72 -2.29 15.60
CA ASN A 76 9.48 -3.42 15.04
C ASN A 76 10.62 -2.86 14.15
N SER A 77 11.30 -3.76 13.41
CA SER A 77 12.35 -3.46 12.42
C SER A 77 12.10 -2.16 11.60
N PRO A 78 13.07 -1.18 11.60
CA PRO A 78 12.98 0.05 10.77
C PRO A 78 12.95 -0.25 9.24
N ALA A 79 13.44 -1.45 8.87
CA ALA A 79 13.31 -1.99 7.50
C ALA A 79 11.90 -2.53 7.26
N ASN A 80 11.31 -3.12 8.33
CA ASN A 80 10.00 -3.79 8.35
C ASN A 80 9.82 -4.69 7.12
N PHE A 81 10.62 -5.77 7.07
CA PHE A 81 10.46 -6.84 6.06
C PHE A 81 9.03 -7.43 6.14
N TRP A 82 8.18 -6.97 5.20
CA TRP A 82 6.73 -7.24 5.18
C TRP A 82 6.25 -7.36 3.71
N ASP A 83 4.95 -7.12 3.46
CA ASP A 83 4.31 -7.49 2.18
C ASP A 83 4.57 -6.40 1.11
N SER A 84 4.31 -6.74 -0.15
CA SER A 84 4.39 -5.81 -1.30
C SER A 84 3.27 -6.14 -2.30
N LYS A 85 2.77 -5.11 -3.01
CA LYS A 85 1.71 -5.25 -4.00
C LYS A 85 2.25 -5.66 -5.39
N ASN A 86 1.29 -6.11 -6.20
CA ASN A 86 1.54 -6.86 -7.44
C ASN A 86 1.60 -5.93 -8.67
N ARG A 87 1.54 -6.54 -9.88
CA ARG A 87 1.69 -5.84 -11.18
C ARG A 87 0.59 -4.78 -11.38
N GLY A 88 0.94 -3.73 -12.15
CA GLY A 88 0.16 -2.49 -12.22
C GLY A 88 0.90 -1.34 -11.57
N VAL A 89 1.87 -1.69 -10.70
CA VAL A 89 2.83 -0.74 -10.08
C VAL A 89 4.23 -0.92 -10.76
N THR A 90 4.21 -1.35 -12.03
CA THR A 90 5.41 -1.70 -12.82
C THR A 90 6.09 -0.45 -13.43
N GLY A 91 6.29 0.60 -12.61
CA GLY A 91 6.80 1.88 -13.09
C GLY A 91 5.73 2.68 -13.79
N THR A 92 4.60 2.88 -13.11
CA THR A 92 3.45 3.63 -13.63
C THR A 92 3.42 5.03 -13.00
N GLN A 93 3.44 6.07 -13.88
CA GLN A 93 3.33 7.49 -13.49
C GLN A 93 2.05 7.71 -12.67
N LYS A 94 0.92 7.23 -13.21
CA LYS A 94 -0.40 7.35 -12.59
C LYS A 94 -1.16 6.05 -12.79
N GLY A 95 -1.85 5.60 -11.75
CA GLY A 95 -2.68 4.41 -11.84
C GLY A 95 -3.46 4.15 -10.58
N GLN A 96 -4.32 3.13 -10.64
CA GLN A 96 -5.12 2.67 -9.49
C GLN A 96 -5.30 1.15 -9.55
N ILE A 97 -5.12 0.47 -8.41
CA ILE A 97 -5.37 -0.98 -8.26
C ILE A 97 -6.46 -1.20 -7.20
N VAL A 98 -7.58 -1.79 -7.63
CA VAL A 98 -8.62 -2.26 -6.70
C VAL A 98 -8.18 -3.61 -6.11
N TRP A 99 -8.32 -3.75 -4.79
CA TRP A 99 -7.94 -4.96 -4.08
C TRP A 99 -8.89 -5.17 -2.89
N ARG A 100 -9.49 -6.36 -2.83
CA ARG A 100 -10.34 -6.79 -1.71
C ARG A 100 -9.45 -7.44 -0.65
N ILE A 101 -9.36 -6.79 0.53
CA ILE A 101 -8.52 -7.29 1.63
C ILE A 101 -9.27 -8.40 2.36
N GLU A 102 -8.67 -9.58 2.43
CA GLU A 102 -9.23 -10.75 3.15
C GLU A 102 -8.20 -11.23 4.19
N PRO A 103 -8.64 -11.95 5.29
CA PRO A 103 -7.73 -12.41 6.36
C PRO A 103 -6.65 -13.39 5.85
N GLY A 104 -5.49 -12.83 5.46
CA GLY A 104 -4.34 -13.61 5.03
C GLY A 104 -3.37 -13.88 6.17
N PRO A 105 -2.07 -14.20 5.87
CA PRO A 105 -1.03 -14.39 6.91
C PRO A 105 -0.57 -13.03 7.51
N TYR A 106 -1.04 -11.94 6.89
CA TYR A 106 -0.75 -10.57 7.29
C TYR A 106 -1.91 -9.95 8.07
N PHE A 107 -3.11 -10.57 7.99
CA PHE A 107 -4.35 -10.01 8.54
C PHE A 107 -5.02 -11.06 9.46
N MET A 108 -4.56 -11.10 10.73
CA MET A 108 -5.01 -12.10 11.74
C MET A 108 -5.40 -11.41 13.08
N GLU A 109 -4.98 -10.14 13.25
CA GLU A 109 -5.30 -9.31 14.44
C GLU A 109 -6.77 -8.82 14.39
N PRO A 110 -7.39 -8.36 15.53
CA PRO A 110 -8.73 -7.72 15.52
C PRO A 110 -8.72 -6.38 14.74
N GLU A 111 -7.54 -5.75 14.70
CA GLU A 111 -7.31 -4.48 13.98
C GLU A 111 -5.84 -4.45 13.49
N ILE A 112 -5.67 -4.66 12.18
CA ILE A 112 -4.36 -4.67 11.51
C ILE A 112 -4.09 -3.27 10.92
N LYS A 113 -3.16 -2.52 11.52
CA LYS A 113 -2.80 -1.16 11.06
C LYS A 113 -1.74 -1.29 9.96
N ILE A 114 -2.10 -1.02 8.69
CA ILE A 114 -1.15 -1.15 7.56
C ILE A 114 -1.08 0.16 6.77
N CYS A 115 -0.15 0.21 5.82
CA CYS A 115 0.06 1.37 4.94
C CYS A 115 0.72 0.93 3.64
N PHE A 116 0.33 1.57 2.54
CA PHE A 116 0.90 1.34 1.21
C PHE A 116 1.95 2.42 0.91
N LYS A 117 3.15 1.98 0.54
CA LYS A 117 4.32 2.85 0.36
C LYS A 117 4.93 2.65 -1.03
N TYR A 118 4.75 3.61 -1.92
CA TYR A 118 5.33 3.58 -3.27
C TYR A 118 6.82 3.97 -3.16
N TYR A 119 7.71 2.97 -3.23
CA TYR A 119 9.16 3.20 -3.35
C TYR A 119 9.55 3.34 -4.81
N HIS A 120 10.66 4.05 -5.06
CA HIS A 120 11.30 4.10 -6.38
C HIS A 120 12.18 2.84 -6.56
N GLY A 121 12.52 2.51 -7.83
CA GLY A 121 13.32 1.33 -8.15
C GLY A 121 14.68 1.31 -7.48
N ILE A 122 15.22 2.51 -7.25
CA ILE A 122 16.36 2.71 -6.35
C ILE A 122 15.93 2.27 -4.93
N SER A 123 16.30 1.03 -4.57
CA SER A 123 15.86 0.34 -3.34
C SER A 123 16.28 1.12 -2.08
N GLY A 124 15.28 1.71 -1.40
CA GLY A 124 15.50 2.54 -0.21
C GLY A 124 14.84 3.90 -0.36
N ALA A 125 14.86 4.43 -1.60
CA ALA A 125 14.23 5.70 -1.94
C ALA A 125 12.70 5.57 -1.91
N LEU A 126 12.06 6.23 -0.93
CA LEU A 126 10.59 6.21 -0.77
C LEU A 126 9.99 7.46 -1.44
N ARG A 127 9.06 7.23 -2.39
CA ARG A 127 8.41 8.32 -3.14
C ARG A 127 7.12 8.81 -2.45
N ALA A 128 6.28 7.87 -2.01
CA ALA A 128 4.93 8.17 -1.50
C ALA A 128 4.48 7.13 -0.45
N THR A 129 3.58 7.54 0.46
CA THR A 129 3.08 6.71 1.56
C THR A 129 1.64 7.14 1.94
N THR A 130 0.77 6.16 2.21
CA THR A 130 -0.59 6.40 2.72
C THR A 130 -0.56 6.45 4.28
N PRO A 131 -1.53 7.16 4.94
CA PRO A 131 -1.67 7.10 6.43
C PRO A 131 -2.11 5.69 6.92
N CYS A 132 -2.22 5.55 8.25
CA CYS A 132 -2.53 4.28 8.92
C CYS A 132 -3.96 3.80 8.56
N ILE A 133 -4.01 2.80 7.67
CA ILE A 133 -5.24 2.16 7.21
C ILE A 133 -5.66 1.08 8.22
N THR A 134 -6.79 1.35 8.87
CA THR A 134 -7.40 0.47 9.85
C THR A 134 -8.11 -0.71 9.14
N VAL A 135 -7.46 -1.88 9.12
CA VAL A 135 -8.06 -3.12 8.62
C VAL A 135 -8.70 -3.84 9.81
N LYS A 136 -10.03 -3.81 9.86
CA LYS A 136 -10.83 -4.39 10.94
C LYS A 136 -11.16 -5.84 10.59
N ASN A 137 -11.10 -6.72 11.59
CA ASN A 137 -11.26 -8.17 11.40
C ASN A 137 -12.43 -8.67 12.27
N PRO A 138 -13.60 -9.03 11.63
CA PRO A 138 -14.71 -9.74 12.30
C PRO A 138 -14.24 -11.11 12.88
N SER A 33 2.42 18.72 -10.38
CA SER A 33 2.14 17.38 -9.82
C SER A 33 3.29 16.98 -8.88
N ARG A 34 2.97 16.67 -7.61
CA ARG A 34 3.93 16.12 -6.64
C ARG A 34 3.57 14.66 -6.29
N SER A 35 4.59 13.83 -6.02
CA SER A 35 4.43 12.40 -5.73
C SER A 35 3.63 12.17 -4.43
N SER A 36 2.41 11.61 -4.59
CA SER A 36 1.45 11.43 -3.49
C SER A 36 0.75 10.07 -3.59
N LEU A 37 0.42 9.47 -2.43
CA LEU A 37 -0.42 8.25 -2.36
C LEU A 37 -1.73 8.60 -1.60
N THR A 38 -2.85 8.10 -2.14
CA THR A 38 -4.19 8.22 -1.54
C THR A 38 -4.93 6.87 -1.67
N ALA A 39 -6.05 6.74 -0.97
CA ALA A 39 -6.89 5.54 -1.01
C ALA A 39 -8.37 5.93 -1.00
N SER A 40 -9.23 5.04 -1.58
CA SER A 40 -10.68 5.24 -1.63
C SER A 40 -11.28 5.28 -0.21
N MET A 41 -10.64 4.50 0.70
CA MET A 41 -10.99 4.44 2.11
C MET A 41 -9.76 3.99 2.91
N TYR A 42 -9.63 4.49 4.14
CA TYR A 42 -8.53 4.16 5.05
C TYR A 42 -9.00 3.22 6.17
N GLU A 43 -10.10 2.49 5.88
CA GLU A 43 -10.66 1.43 6.74
C GLU A 43 -11.20 0.30 5.81
N TYR A 44 -11.08 -0.96 6.26
CA TYR A 44 -11.53 -2.15 5.50
C TYR A 44 -11.82 -3.29 6.49
N THR A 45 -13.01 -3.90 6.43
CA THR A 45 -13.40 -5.04 7.27
C THR A 45 -13.40 -6.35 6.45
N LEU A 46 -12.77 -7.42 6.98
CA LEU A 46 -12.68 -8.73 6.28
C LEU A 46 -14.09 -9.34 6.13
N GLY A 47 -14.56 -9.43 4.88
CA GLY A 47 -15.87 -10.01 4.56
C GLY A 47 -16.79 -9.01 3.83
N GLN A 48 -16.30 -7.78 3.61
CA GLN A 48 -17.08 -6.75 2.88
C GLN A 48 -16.82 -6.83 1.37
N ALA A 49 -17.82 -6.40 0.59
CA ALA A 49 -17.76 -6.37 -0.89
C ALA A 49 -17.00 -5.13 -1.38
N GLN A 50 -17.00 -4.06 -0.55
CA GLN A 50 -16.27 -2.82 -0.83
C GLN A 50 -14.76 -3.10 -0.88
N ASN A 51 -14.17 -3.02 -2.09
CA ASN A 51 -12.71 -3.24 -2.31
C ASN A 51 -11.96 -1.90 -2.22
N LEU A 52 -10.67 -1.97 -1.87
CA LEU A 52 -9.86 -0.79 -1.54
C LEU A 52 -8.99 -0.41 -2.74
N ILE A 53 -9.20 0.81 -3.28
CA ILE A 53 -8.46 1.30 -4.44
C ILE A 53 -7.39 2.32 -3.99
N ILE A 54 -6.12 2.04 -4.31
CA ILE A 54 -4.97 2.93 -4.00
C ILE A 54 -4.66 3.77 -5.24
N PHE A 55 -4.90 5.08 -5.13
CA PHE A 55 -4.65 6.05 -6.21
C PHE A 55 -3.29 6.70 -5.98
N TRP A 56 -2.41 6.67 -6.99
CA TRP A 56 -1.09 7.32 -6.92
C TRP A 56 -0.93 8.38 -8.02
N ASP A 57 -0.15 9.42 -7.71
CA ASP A 57 0.25 10.47 -8.65
C ASP A 57 1.75 10.69 -8.48
N ILE A 58 2.56 10.13 -9.38
CA ILE A 58 4.01 10.35 -9.39
C ILE A 58 4.38 10.99 -10.74
N LYS A 59 4.72 12.29 -10.70
CA LYS A 59 5.15 13.07 -11.89
C LYS A 59 6.51 12.60 -12.43
N GLU A 60 7.31 11.98 -11.55
CA GLU A 60 8.67 11.52 -11.87
C GLU A 60 8.59 10.21 -12.65
N GLU A 61 9.47 10.07 -13.65
CA GLU A 61 9.55 8.86 -14.48
C GLU A 61 9.93 7.65 -13.61
N VAL A 62 9.05 6.65 -13.58
CA VAL A 62 9.21 5.43 -12.76
C VAL A 62 9.48 4.22 -13.66
N ASP A 63 9.60 3.03 -13.04
CA ASP A 63 9.89 1.75 -13.73
C ASP A 63 9.20 0.59 -12.98
N PRO A 64 9.09 -0.64 -13.60
CA PRO A 64 8.70 -1.88 -12.86
C PRO A 64 9.78 -2.33 -11.84
N SER A 65 10.90 -1.59 -11.78
CA SER A 65 11.94 -1.74 -10.75
C SER A 65 11.39 -1.34 -9.38
N ASP A 66 10.68 -0.20 -9.33
CA ASP A 66 10.04 0.29 -8.09
C ASP A 66 8.65 -0.31 -7.91
N TRP A 67 8.12 -0.19 -6.68
CA TRP A 67 6.93 -0.93 -6.23
C TRP A 67 6.17 -0.14 -5.15
N ILE A 68 4.93 -0.55 -4.89
CA ILE A 68 4.18 -0.16 -3.69
C ILE A 68 4.27 -1.34 -2.69
N GLY A 69 4.75 -1.06 -1.48
CA GLY A 69 4.91 -2.08 -0.45
C GLY A 69 3.89 -1.92 0.66
N LEU A 70 3.17 -3.00 0.99
CA LEU A 70 2.22 -3.02 2.12
C LEU A 70 3.01 -3.39 3.40
N TYR A 71 3.22 -2.38 4.27
CA TYR A 71 3.95 -2.50 5.55
C TYR A 71 2.96 -2.42 6.72
N HIS A 72 3.31 -3.05 7.86
CA HIS A 72 2.51 -3.00 9.11
C HIS A 72 3.00 -1.84 10.00
N ILE A 73 2.07 -1.02 10.51
CA ILE A 73 2.37 0.08 11.44
C ILE A 73 2.65 -0.49 12.84
N ASP A 74 3.93 -0.80 13.09
CA ASP A 74 4.43 -1.21 14.42
C ASP A 74 5.82 -0.58 14.62
N GLU A 75 6.21 -0.37 15.89
CA GLU A 75 7.55 0.11 16.22
C GLU A 75 8.53 -1.09 16.10
N ASN A 76 9.10 -1.26 14.90
CA ASN A 76 9.82 -2.49 14.51
C ASN A 76 10.85 -2.15 13.38
N SER A 77 11.47 -3.21 12.81
CA SER A 77 12.40 -3.15 11.65
C SER A 77 11.95 -2.16 10.52
N PRO A 78 12.82 -1.19 10.09
CA PRO A 78 12.49 -0.22 9.01
C PRO A 78 12.36 -0.90 7.63
N ALA A 79 12.99 -2.08 7.46
CA ALA A 79 12.84 -2.90 6.24
C ALA A 79 11.47 -3.59 6.19
N ASN A 80 10.99 -4.00 7.40
CA ASN A 80 9.66 -4.59 7.66
C ASN A 80 9.16 -5.48 6.49
N PHE A 81 9.88 -6.60 6.28
CA PHE A 81 9.50 -7.62 5.28
C PHE A 81 8.04 -8.08 5.49
N TRP A 82 7.15 -7.55 4.64
CA TRP A 82 5.70 -7.71 4.71
C TRP A 82 5.16 -7.84 3.27
N ASP A 83 3.90 -7.44 3.02
CA ASP A 83 3.23 -7.77 1.74
C ASP A 83 3.63 -6.74 0.66
N SER A 84 3.52 -7.15 -0.60
CA SER A 84 3.82 -6.30 -1.76
C SER A 84 2.57 -6.19 -2.63
N LYS A 85 2.39 -5.05 -3.33
CA LYS A 85 1.22 -4.85 -4.20
C LYS A 85 1.43 -5.42 -5.60
N ASN A 86 0.29 -5.51 -6.29
CA ASN A 86 0.09 -6.32 -7.47
C ASN A 86 0.52 -5.57 -8.74
N ARG A 87 0.17 -6.15 -9.91
CA ARG A 87 0.39 -5.51 -11.21
C ARG A 87 -0.35 -4.15 -11.29
N GLY A 88 0.27 -3.19 -11.99
CA GLY A 88 -0.24 -1.82 -12.05
C GLY A 88 0.80 -0.80 -11.65
N VAL A 89 1.83 -1.25 -10.89
CA VAL A 89 2.99 -0.39 -10.50
C VAL A 89 4.19 -0.73 -11.42
N THR A 90 3.86 -1.24 -12.62
CA THR A 90 4.84 -1.70 -13.62
C THR A 90 5.34 -0.51 -14.49
N GLY A 91 5.74 0.59 -13.83
CA GLY A 91 6.15 1.81 -14.52
C GLY A 91 4.98 2.65 -15.01
N THR A 92 4.10 3.04 -14.07
CA THR A 92 2.96 3.94 -14.33
C THR A 92 3.12 5.23 -13.49
N GLN A 93 2.96 6.38 -14.15
CA GLN A 93 3.10 7.71 -13.51
C GLN A 93 1.97 7.93 -12.49
N LYS A 94 0.74 8.01 -13.00
CA LYS A 94 -0.47 8.18 -12.19
C LYS A 94 -1.46 7.07 -12.55
N GLY A 95 -2.04 6.42 -11.52
CA GLY A 95 -2.99 5.33 -11.75
C GLY A 95 -3.65 4.87 -10.46
N GLN A 96 -4.19 3.63 -10.47
CA GLN A 96 -4.95 3.10 -9.34
C GLN A 96 -4.98 1.55 -9.37
N ILE A 97 -4.75 0.92 -8.20
CA ILE A 97 -4.91 -0.55 -8.00
C ILE A 97 -6.09 -0.79 -7.07
N VAL A 98 -7.14 -1.44 -7.59
CA VAL A 98 -8.20 -2.00 -6.74
C VAL A 98 -7.69 -3.32 -6.15
N TRP A 99 -7.88 -3.49 -4.84
CA TRP A 99 -7.41 -4.69 -4.13
C TRP A 99 -8.34 -4.98 -2.94
N ARG A 100 -8.96 -6.15 -3.00
CA ARG A 100 -9.68 -6.75 -1.88
C ARG A 100 -8.67 -7.16 -0.80
N ILE A 101 -8.85 -6.66 0.42
CA ILE A 101 -8.10 -7.16 1.58
C ILE A 101 -8.79 -8.45 2.03
N GLU A 102 -8.17 -9.59 1.71
CA GLU A 102 -8.66 -10.92 2.10
C GLU A 102 -8.01 -11.30 3.46
N PRO A 103 -8.74 -12.08 4.34
CA PRO A 103 -8.22 -12.47 5.66
C PRO A 103 -7.09 -13.53 5.56
N GLY A 104 -5.87 -13.03 5.30
CA GLY A 104 -4.68 -13.88 5.26
C GLY A 104 -4.07 -14.08 6.64
N PRO A 105 -2.86 -14.72 6.73
CA PRO A 105 -2.16 -14.93 8.03
C PRO A 105 -1.64 -13.60 8.62
N TYR A 106 -1.54 -12.58 7.76
CA TYR A 106 -1.14 -11.21 8.12
C TYR A 106 -2.30 -10.45 8.81
N PHE A 107 -3.55 -10.90 8.56
CA PHE A 107 -4.76 -10.22 9.05
C PHE A 107 -5.51 -11.15 10.03
N MET A 108 -5.05 -11.18 11.29
CA MET A 108 -5.64 -12.01 12.38
C MET A 108 -5.85 -11.17 13.66
N GLU A 109 -5.37 -9.91 13.66
CA GLU A 109 -5.51 -8.98 14.80
C GLU A 109 -6.94 -8.40 14.80
N PRO A 110 -7.45 -7.80 15.93
CA PRO A 110 -8.76 -7.09 15.91
C PRO A 110 -8.73 -5.91 14.92
N GLU A 111 -7.54 -5.25 14.87
CA GLU A 111 -7.25 -4.18 13.91
C GLU A 111 -5.82 -4.38 13.40
N ILE A 112 -5.65 -4.31 12.08
CA ILE A 112 -4.34 -4.42 11.43
C ILE A 112 -4.09 -3.09 10.73
N LYS A 113 -3.19 -2.28 11.29
CA LYS A 113 -2.83 -0.98 10.69
C LYS A 113 -1.75 -1.21 9.65
N ILE A 114 -2.06 -0.88 8.39
CA ILE A 114 -1.14 -1.07 7.26
C ILE A 114 -1.03 0.20 6.42
N CYS A 115 0.16 0.48 5.90
CA CYS A 115 0.43 1.66 5.05
C CYS A 115 1.16 1.21 3.80
N PHE A 116 0.74 1.76 2.66
CA PHE A 116 1.35 1.52 1.36
C PHE A 116 2.47 2.53 1.14
N LYS A 117 3.61 2.06 0.64
CA LYS A 117 4.82 2.87 0.48
C LYS A 117 5.36 2.71 -0.94
N TYR A 118 5.14 3.73 -1.77
CA TYR A 118 5.71 3.80 -3.12
C TYR A 118 7.19 4.19 -2.98
N TYR A 119 8.08 3.32 -3.44
CA TYR A 119 9.54 3.60 -3.51
C TYR A 119 9.90 3.96 -4.94
N HIS A 120 11.09 4.53 -5.15
CA HIS A 120 11.61 4.78 -6.50
C HIS A 120 13.02 4.17 -6.60
N GLY A 121 13.15 3.08 -7.37
CA GLY A 121 14.39 2.33 -7.49
C GLY A 121 14.48 1.19 -6.49
N ILE A 122 15.35 0.21 -6.80
CA ILE A 122 15.64 -0.94 -5.91
C ILE A 122 16.42 -0.45 -4.67
N SER A 123 15.74 -0.48 -3.50
CA SER A 123 16.25 0.07 -2.22
C SER A 123 16.46 1.60 -2.29
N GLY A 124 15.76 2.24 -3.25
CA GLY A 124 15.84 3.68 -3.48
C GLY A 124 14.99 4.46 -2.49
N ALA A 125 14.90 5.79 -2.73
CA ALA A 125 14.22 6.73 -1.83
C ALA A 125 12.69 6.50 -1.81
N LEU A 126 12.10 6.75 -0.63
CA LEU A 126 10.65 6.67 -0.42
C LEU A 126 9.95 7.79 -1.20
N ARG A 127 9.26 7.39 -2.27
CA ARG A 127 8.63 8.30 -3.23
C ARG A 127 7.34 8.93 -2.64
N ALA A 128 6.53 8.09 -1.93
CA ALA A 128 5.27 8.53 -1.27
C ALA A 128 4.73 7.40 -0.34
N THR A 129 3.76 7.76 0.53
CA THR A 129 3.15 6.82 1.52
C THR A 129 1.67 7.19 1.79
N THR A 130 0.80 6.16 2.01
CA THR A 130 -0.61 6.36 2.43
C THR A 130 -0.70 6.44 3.98
N PRO A 131 -1.75 7.09 4.55
CA PRO A 131 -2.12 6.97 5.99
C PRO A 131 -2.28 5.50 6.48
N CYS A 132 -2.27 5.34 7.81
CA CYS A 132 -2.44 4.05 8.49
C CYS A 132 -3.90 3.56 8.35
N ILE A 133 -4.07 2.54 7.50
CA ILE A 133 -5.38 1.97 7.15
C ILE A 133 -5.79 0.90 8.19
N THR A 134 -6.96 1.12 8.81
CA THR A 134 -7.52 0.26 9.86
C THR A 134 -8.28 -0.94 9.26
N VAL A 135 -7.64 -2.12 9.29
CA VAL A 135 -8.26 -3.36 8.82
C VAL A 135 -8.93 -4.10 10.01
N LYS A 136 -10.27 -4.12 10.03
CA LYS A 136 -11.06 -4.73 11.13
C LYS A 136 -11.33 -6.21 10.81
N ASN A 137 -10.99 -7.09 11.75
CA ASN A 137 -11.15 -8.54 11.59
C ASN A 137 -12.05 -9.10 12.72
N PRO A 138 -13.41 -9.15 12.51
CA PRO A 138 -14.36 -9.76 13.46
C PRO A 138 -14.40 -11.31 13.30
N SER A 33 2.84 20.01 -9.41
CA SER A 33 2.41 18.61 -9.30
C SER A 33 3.34 17.82 -8.35
N ARG A 34 2.79 16.81 -7.66
CA ARG A 34 3.50 16.04 -6.63
C ARG A 34 3.47 14.53 -6.92
N SER A 35 4.32 13.80 -6.17
CA SER A 35 4.30 12.33 -6.13
C SER A 35 3.69 11.88 -4.78
N SER A 36 2.47 11.30 -4.83
CA SER A 36 1.70 10.96 -3.62
C SER A 36 0.94 9.62 -3.78
N LEU A 37 0.57 9.04 -2.62
CA LEU A 37 -0.33 7.89 -2.53
C LEU A 37 -1.62 8.31 -1.82
N THR A 38 -2.76 7.85 -2.35
CA THR A 38 -4.08 8.01 -1.71
C THR A 38 -4.84 6.67 -1.79
N ALA A 39 -5.97 6.60 -1.09
CA ALA A 39 -6.84 5.42 -1.09
C ALA A 39 -8.31 5.84 -1.06
N SER A 40 -9.19 4.99 -1.64
CA SER A 40 -10.65 5.23 -1.67
C SER A 40 -11.23 5.34 -0.26
N MET A 41 -10.67 4.52 0.63
CA MET A 41 -10.99 4.51 2.06
C MET A 41 -9.76 4.00 2.84
N TYR A 42 -9.49 4.64 3.98
CA TYR A 42 -8.38 4.24 4.87
C TYR A 42 -8.91 3.38 6.03
N GLU A 43 -10.08 2.74 5.80
CA GLU A 43 -10.71 1.82 6.73
C GLU A 43 -11.37 0.69 5.94
N TYR A 44 -11.02 -0.57 6.26
CA TYR A 44 -11.56 -1.76 5.57
C TYR A 44 -12.01 -2.79 6.60
N THR A 45 -13.31 -3.11 6.62
CA THR A 45 -13.87 -4.19 7.46
C THR A 45 -13.83 -5.51 6.67
N LEU A 46 -13.16 -6.54 7.23
CA LEU A 46 -13.04 -7.86 6.59
C LEU A 46 -14.42 -8.54 6.50
N GLY A 47 -14.85 -8.82 5.26
CA GLY A 47 -16.13 -9.48 4.99
C GLY A 47 -17.10 -8.60 4.18
N GLN A 48 -16.73 -7.32 3.96
CA GLN A 48 -17.57 -6.39 3.19
C GLN A 48 -17.35 -6.57 1.67
N ALA A 49 -18.32 -6.07 0.90
CA ALA A 49 -18.28 -6.10 -0.58
C ALA A 49 -17.35 -4.99 -1.12
N GLN A 50 -17.31 -3.86 -0.40
CA GLN A 50 -16.52 -2.67 -0.79
C GLN A 50 -15.01 -2.98 -0.74
N ASN A 51 -14.38 -3.05 -1.92
CA ASN A 51 -12.93 -3.26 -2.04
C ASN A 51 -12.19 -1.92 -1.92
N LEU A 52 -10.88 -1.99 -1.65
CA LEU A 52 -10.05 -0.80 -1.38
C LEU A 52 -9.18 -0.49 -2.62
N ILE A 53 -9.41 0.69 -3.23
CA ILE A 53 -8.63 1.16 -4.40
C ILE A 53 -7.45 2.02 -3.92
N ILE A 54 -6.22 1.65 -4.30
CA ILE A 54 -4.99 2.42 -4.01
C ILE A 54 -4.61 3.23 -5.25
N PHE A 55 -4.68 4.56 -5.13
CA PHE A 55 -4.32 5.50 -6.20
C PHE A 55 -2.87 5.98 -5.98
N TRP A 56 -2.17 6.28 -7.08
CA TRP A 56 -0.86 6.94 -7.04
C TRP A 56 -0.75 7.95 -8.19
N ASP A 57 -0.10 9.09 -7.91
CA ASP A 57 0.18 10.12 -8.92
C ASP A 57 1.62 10.60 -8.75
N ILE A 58 2.50 10.19 -9.66
CA ILE A 58 3.93 10.58 -9.67
C ILE A 58 4.19 11.35 -10.98
N LYS A 59 4.27 12.69 -10.85
CA LYS A 59 4.54 13.62 -11.98
C LYS A 59 5.92 13.39 -12.62
N GLU A 60 6.82 12.75 -11.86
CA GLU A 60 8.23 12.54 -12.23
C GLU A 60 8.40 11.15 -12.88
N GLU A 61 9.53 10.96 -13.59
CA GLU A 61 9.92 9.68 -14.19
C GLU A 61 10.00 8.55 -13.14
N VAL A 62 9.50 7.38 -13.54
CA VAL A 62 9.48 6.16 -12.72
C VAL A 62 10.35 5.09 -13.39
N ASP A 63 10.97 4.22 -12.57
CA ASP A 63 11.78 3.09 -13.05
C ASP A 63 10.86 1.87 -13.26
N PRO A 64 11.23 0.88 -14.14
CA PRO A 64 10.38 -0.32 -14.36
C PRO A 64 10.30 -1.25 -13.11
N SER A 65 11.20 -1.02 -12.14
CA SER A 65 11.32 -1.84 -10.92
C SER A 65 10.66 -1.15 -9.69
N ASP A 66 9.85 -0.09 -9.92
CA ASP A 66 9.03 0.56 -8.86
C ASP A 66 8.01 -0.44 -8.28
N TRP A 67 7.68 -0.28 -6.99
CA TRP A 67 6.70 -1.15 -6.32
C TRP A 67 6.08 -0.43 -5.11
N ILE A 68 4.82 -0.78 -4.80
CA ILE A 68 4.16 -0.38 -3.56
C ILE A 68 4.25 -1.55 -2.57
N GLY A 69 4.79 -1.27 -1.37
CA GLY A 69 4.91 -2.26 -0.31
C GLY A 69 3.86 -2.03 0.77
N LEU A 70 3.12 -3.08 1.12
CA LEU A 70 2.12 -3.05 2.20
C LEU A 70 2.85 -3.31 3.54
N TYR A 71 3.03 -2.24 4.33
CA TYR A 71 3.70 -2.27 5.64
C TYR A 71 2.66 -2.17 6.77
N HIS A 72 3.02 -2.64 7.98
CA HIS A 72 2.16 -2.55 9.18
C HIS A 72 2.47 -1.26 9.97
N ILE A 73 1.43 -0.59 10.51
CA ILE A 73 1.61 0.61 11.37
C ILE A 73 2.02 0.17 12.78
N ASP A 74 3.33 0.07 12.99
CA ASP A 74 3.96 -0.09 14.29
C ASP A 74 5.27 0.72 14.35
N GLU A 75 5.64 1.23 15.54
CA GLU A 75 7.00 1.70 15.79
C GLU A 75 7.90 0.45 15.81
N ASN A 76 8.44 0.12 14.64
CA ASN A 76 9.04 -1.19 14.35
C ASN A 76 10.31 -0.99 13.49
N SER A 77 10.94 -2.10 13.07
CA SER A 77 11.95 -2.14 12.01
C SER A 77 11.54 -1.29 10.77
N PRO A 78 12.36 -0.28 10.33
CA PRO A 78 12.05 0.53 9.12
C PRO A 78 11.91 -0.33 7.85
N ALA A 79 12.67 -1.46 7.81
CA ALA A 79 12.61 -2.41 6.69
C ALA A 79 11.25 -3.13 6.62
N ASN A 80 10.71 -3.44 7.84
CA ASN A 80 9.36 -4.04 8.08
C ASN A 80 8.95 -5.01 6.95
N PHE A 81 9.71 -6.12 6.83
CA PHE A 81 9.45 -7.18 5.84
C PHE A 81 8.02 -7.72 5.99
N TRP A 82 7.15 -7.23 5.09
CA TRP A 82 5.71 -7.43 5.12
C TRP A 82 5.21 -7.62 3.67
N ASP A 83 3.94 -7.30 3.38
CA ASP A 83 3.29 -7.67 2.11
C ASP A 83 3.64 -6.63 1.01
N SER A 84 3.37 -6.96 -0.26
CA SER A 84 3.65 -6.04 -1.40
C SER A 84 2.57 -6.22 -2.49
N LYS A 85 2.34 -5.15 -3.27
CA LYS A 85 1.33 -5.14 -4.33
C LYS A 85 1.87 -5.72 -5.64
N ASN A 86 0.94 -6.24 -6.45
CA ASN A 86 1.24 -7.02 -7.66
C ASN A 86 1.45 -6.09 -8.89
N ARG A 87 1.43 -6.70 -10.10
CA ARG A 87 1.54 -6.00 -11.39
C ARG A 87 0.53 -4.85 -11.52
N GLY A 88 0.94 -3.78 -12.20
CA GLY A 88 0.17 -2.54 -12.30
C GLY A 88 0.93 -1.37 -11.71
N VAL A 89 1.91 -1.68 -10.82
CA VAL A 89 2.87 -0.68 -10.27
C VAL A 89 4.28 -0.95 -10.89
N THR A 90 4.30 -1.61 -12.05
CA THR A 90 5.52 -2.08 -12.74
C THR A 90 6.19 -0.92 -13.53
N GLY A 91 6.41 0.22 -12.85
CA GLY A 91 6.86 1.46 -13.48
C GLY A 91 5.73 2.21 -14.17
N THR A 92 4.70 2.55 -13.37
CA THR A 92 3.57 3.38 -13.79
C THR A 92 3.60 4.73 -13.05
N GLN A 93 3.54 5.83 -13.82
CA GLN A 93 3.60 7.19 -13.27
C GLN A 93 2.36 7.49 -12.42
N LYS A 94 1.17 7.31 -13.02
CA LYS A 94 -0.11 7.59 -12.34
C LYS A 94 -1.16 6.53 -12.72
N GLY A 95 -1.78 5.92 -11.71
CA GLY A 95 -2.79 4.88 -11.92
C GLY A 95 -3.47 4.46 -10.63
N GLN A 96 -4.13 3.28 -10.66
CA GLN A 96 -4.82 2.74 -9.47
C GLN A 96 -4.91 1.20 -9.57
N ILE A 97 -4.94 0.53 -8.39
CA ILE A 97 -5.21 -0.91 -8.27
C ILE A 97 -6.29 -1.10 -7.20
N VAL A 98 -7.44 -1.67 -7.60
CA VAL A 98 -8.48 -2.09 -6.66
C VAL A 98 -8.09 -3.47 -6.08
N TRP A 99 -8.16 -3.60 -4.76
CA TRP A 99 -7.73 -4.79 -4.03
C TRP A 99 -8.66 -5.04 -2.83
N ARG A 100 -9.16 -6.28 -2.74
CA ARG A 100 -9.93 -6.75 -1.58
C ARG A 100 -8.98 -7.26 -0.51
N ILE A 101 -9.07 -6.70 0.70
CA ILE A 101 -8.26 -7.16 1.84
C ILE A 101 -8.91 -8.43 2.39
N GLU A 102 -8.13 -9.52 2.41
CA GLU A 102 -8.61 -10.84 2.85
C GLU A 102 -7.80 -11.28 4.10
N PRO A 103 -8.45 -11.93 5.13
CA PRO A 103 -7.75 -12.41 6.35
C PRO A 103 -6.71 -13.52 6.05
N GLY A 104 -5.49 -13.09 5.70
CA GLY A 104 -4.35 -13.98 5.41
C GLY A 104 -3.40 -14.10 6.59
N PRO A 105 -2.11 -14.53 6.37
CA PRO A 105 -1.10 -14.62 7.46
C PRO A 105 -0.67 -13.25 7.99
N TYR A 106 -0.90 -12.20 7.17
CA TYR A 106 -0.64 -10.79 7.53
C TYR A 106 -1.88 -10.14 8.15
N PHE A 107 -3.04 -10.79 8.08
CA PHE A 107 -4.31 -10.25 8.61
C PHE A 107 -4.96 -11.29 9.53
N MET A 108 -4.49 -11.32 10.80
CA MET A 108 -4.94 -12.29 11.83
C MET A 108 -5.45 -11.57 13.08
N GLU A 109 -4.92 -10.35 13.34
CA GLU A 109 -5.31 -9.49 14.48
C GLU A 109 -6.81 -9.16 14.44
N PRO A 110 -7.47 -8.89 15.63
CA PRO A 110 -8.87 -8.38 15.65
C PRO A 110 -9.01 -7.01 14.95
N GLU A 111 -7.87 -6.32 14.79
CA GLU A 111 -7.76 -5.10 14.00
C GLU A 111 -6.30 -4.92 13.55
N ILE A 112 -6.07 -4.89 12.22
CA ILE A 112 -4.74 -4.81 11.62
C ILE A 112 -4.52 -3.40 11.07
N LYS A 113 -3.58 -2.65 11.65
CA LYS A 113 -3.20 -1.31 11.13
C LYS A 113 -2.13 -1.49 10.04
N ILE A 114 -2.39 -1.01 8.81
CA ILE A 114 -1.46 -1.14 7.67
C ILE A 114 -1.28 0.21 6.96
N CYS A 115 -0.44 0.18 5.92
CA CYS A 115 -0.19 1.31 5.01
C CYS A 115 0.46 0.78 3.73
N PHE A 116 0.63 1.67 2.76
CA PHE A 116 1.22 1.37 1.46
C PHE A 116 2.36 2.35 1.21
N LYS A 117 3.44 1.87 0.61
CA LYS A 117 4.67 2.66 0.43
C LYS A 117 5.21 2.50 -0.99
N TYR A 118 5.00 3.53 -1.82
CA TYR A 118 5.51 3.58 -3.20
C TYR A 118 7.01 3.84 -3.17
N TYR A 119 7.79 2.78 -3.33
CA TYR A 119 9.25 2.86 -3.55
C TYR A 119 9.56 3.00 -5.05
N HIS A 120 10.74 3.54 -5.35
CA HIS A 120 11.25 3.70 -6.71
C HIS A 120 12.16 2.48 -7.06
N GLY A 121 12.49 2.31 -8.35
CA GLY A 121 13.26 1.15 -8.82
C GLY A 121 14.66 1.08 -8.24
N ILE A 122 15.25 2.26 -8.02
CA ILE A 122 16.43 2.41 -7.16
C ILE A 122 16.09 1.94 -5.71
N SER A 123 16.65 0.76 -5.35
CA SER A 123 16.32 0.00 -4.13
C SER A 123 16.54 0.84 -2.85
N GLY A 124 15.50 0.89 -2.00
CA GLY A 124 15.55 1.58 -0.71
C GLY A 124 15.04 3.01 -0.74
N ALA A 125 14.85 3.55 -1.95
CA ALA A 125 14.37 4.93 -2.12
C ALA A 125 12.83 4.98 -2.02
N LEU A 126 12.33 5.55 -0.92
CA LEU A 126 10.88 5.72 -0.70
C LEU A 126 10.42 7.04 -1.32
N ARG A 127 9.37 6.98 -2.15
CA ARG A 127 8.85 8.14 -2.90
C ARG A 127 7.54 8.68 -2.27
N ALA A 128 6.64 7.77 -1.82
CA ALA A 128 5.32 8.16 -1.25
C ALA A 128 4.77 7.07 -0.29
N THR A 129 3.82 7.46 0.61
CA THR A 129 3.18 6.54 1.58
C THR A 129 1.71 6.98 1.87
N THR A 130 0.76 6.00 1.91
CA THR A 130 -0.64 6.25 2.32
C THR A 130 -0.74 6.46 3.84
N PRO A 131 -1.70 7.31 4.34
CA PRO A 131 -2.12 7.33 5.77
C PRO A 131 -2.39 5.92 6.39
N CYS A 132 -2.40 5.86 7.73
CA CYS A 132 -2.59 4.62 8.51
C CYS A 132 -4.01 4.05 8.31
N ILE A 133 -4.08 2.94 7.57
CA ILE A 133 -5.32 2.24 7.22
C ILE A 133 -5.73 1.26 8.32
N THR A 134 -6.90 1.51 8.91
CA THR A 134 -7.49 0.67 9.95
C THR A 134 -8.29 -0.49 9.31
N VAL A 135 -7.71 -1.70 9.30
CA VAL A 135 -8.40 -2.92 8.84
C VAL A 135 -9.07 -3.57 10.05
N LYS A 136 -10.40 -3.69 10.01
CA LYS A 136 -11.18 -4.30 11.10
C LYS A 136 -11.36 -5.79 10.80
N ASN A 137 -11.31 -6.62 11.84
CA ASN A 137 -11.51 -8.06 11.72
C ASN A 137 -12.49 -8.52 12.83
N PRO A 138 -13.84 -8.39 12.61
CA PRO A 138 -14.87 -8.83 13.58
C PRO A 138 -15.02 -10.38 13.57
N SER A 33 5.12 20.33 -5.67
CA SER A 33 4.07 19.32 -5.63
C SER A 33 4.69 17.95 -5.95
N ARG A 34 4.93 17.17 -4.89
CA ARG A 34 5.63 15.87 -4.96
C ARG A 34 4.66 14.71 -5.23
N SER A 35 5.23 13.51 -5.33
CA SER A 35 4.49 12.26 -5.59
C SER A 35 3.55 11.91 -4.42
N SER A 36 2.30 11.51 -4.75
CA SER A 36 1.25 11.19 -3.76
C SER A 36 0.82 9.72 -3.86
N LEU A 37 0.39 9.14 -2.72
CA LEU A 37 -0.15 7.77 -2.64
C LEU A 37 -1.40 7.81 -1.77
N THR A 38 -2.55 7.69 -2.42
CA THR A 38 -3.87 7.71 -1.81
C THR A 38 -4.53 6.33 -1.93
N ALA A 39 -5.62 6.17 -1.19
CA ALA A 39 -6.43 4.94 -1.19
C ALA A 39 -7.91 5.33 -1.13
N SER A 40 -8.79 4.46 -1.68
CA SER A 40 -10.23 4.72 -1.79
C SER A 40 -10.88 4.95 -0.42
N MET A 41 -10.45 4.15 0.55
CA MET A 41 -10.91 4.23 1.94
C MET A 41 -9.79 3.72 2.87
N TYR A 42 -9.54 4.46 3.95
CA TYR A 42 -8.50 4.13 4.95
C TYR A 42 -9.14 3.41 6.15
N GLU A 43 -10.41 3.02 6.03
CA GLU A 43 -11.09 2.10 6.96
C GLU A 43 -11.57 0.88 6.18
N TYR A 44 -11.62 -0.26 6.88
CA TYR A 44 -12.01 -1.55 6.33
C TYR A 44 -12.37 -2.50 7.48
N THR A 45 -13.33 -3.38 7.24
CA THR A 45 -13.69 -4.46 8.18
C THR A 45 -13.80 -5.78 7.39
N LEU A 46 -13.24 -6.89 7.90
CA LEU A 46 -13.40 -8.20 7.27
C LEU A 46 -14.88 -8.65 7.42
N GLY A 47 -15.52 -8.90 6.27
CA GLY A 47 -16.97 -9.04 6.17
C GLY A 47 -17.57 -8.03 5.20
N GLN A 48 -16.82 -6.94 4.96
CA GLN A 48 -17.13 -5.93 3.95
C GLN A 48 -16.72 -6.43 2.56
N ALA A 49 -17.68 -6.47 1.64
CA ALA A 49 -17.47 -6.91 0.25
C ALA A 49 -16.94 -5.77 -0.64
N GLN A 50 -17.03 -4.50 -0.15
CA GLN A 50 -16.53 -3.32 -0.90
C GLN A 50 -15.01 -3.41 -1.08
N ASN A 51 -14.56 -3.31 -2.34
CA ASN A 51 -13.14 -3.40 -2.71
C ASN A 51 -12.38 -2.10 -2.37
N LEU A 52 -11.08 -2.23 -2.09
CA LEU A 52 -10.18 -1.12 -1.76
C LEU A 52 -9.24 -0.91 -2.95
N ILE A 53 -9.05 0.35 -3.39
CA ILE A 53 -8.20 0.67 -4.55
C ILE A 53 -7.07 1.64 -4.13
N ILE A 54 -5.86 1.39 -4.63
CA ILE A 54 -4.67 2.21 -4.32
C ILE A 54 -4.33 3.07 -5.54
N PHE A 55 -4.49 4.39 -5.38
CA PHE A 55 -4.24 5.38 -6.44
C PHE A 55 -2.90 6.08 -6.17
N TRP A 56 -2.01 6.18 -7.17
CA TRP A 56 -0.77 6.95 -7.06
C TRP A 56 -0.64 7.92 -8.23
N ASP A 57 -0.01 9.07 -7.95
CA ASP A 57 0.31 10.07 -8.97
C ASP A 57 1.73 10.59 -8.73
N ILE A 58 2.67 10.00 -9.48
CA ILE A 58 4.10 10.35 -9.44
C ILE A 58 4.42 11.26 -10.65
N LYS A 59 4.76 12.53 -10.39
CA LYS A 59 5.10 13.52 -11.45
C LYS A 59 6.62 13.60 -11.70
N GLU A 60 7.39 12.92 -10.83
CA GLU A 60 8.84 12.76 -11.01
C GLU A 60 9.11 11.59 -11.98
N GLU A 61 10.28 11.61 -12.65
CA GLU A 61 10.76 10.53 -13.53
C GLU A 61 10.71 9.16 -12.81
N VAL A 62 9.75 8.32 -13.23
CA VAL A 62 9.54 6.98 -12.65
C VAL A 62 10.54 5.96 -13.22
N ASP A 63 10.54 4.76 -12.61
CA ASP A 63 11.43 3.64 -12.96
C ASP A 63 10.57 2.39 -13.21
N PRO A 64 10.77 1.63 -14.32
CA PRO A 64 9.91 0.46 -14.67
C PRO A 64 10.06 -0.73 -13.68
N SER A 65 11.08 -0.68 -12.82
CA SER A 65 11.39 -1.79 -11.88
C SER A 65 11.05 -1.43 -10.41
N ASP A 66 10.50 -0.20 -10.16
CA ASP A 66 10.09 0.19 -8.77
C ASP A 66 8.75 -0.43 -8.40
N TRP A 67 8.32 -0.22 -7.13
CA TRP A 67 7.16 -0.95 -6.58
C TRP A 67 6.44 -0.16 -5.48
N ILE A 68 5.14 -0.46 -5.34
CA ILE A 68 4.37 -0.20 -4.12
C ILE A 68 4.27 -1.53 -3.36
N GLY A 69 4.50 -1.48 -2.05
CA GLY A 69 4.35 -2.65 -1.19
C GLY A 69 3.38 -2.40 -0.07
N LEU A 70 2.77 -3.48 0.44
CA LEU A 70 1.88 -3.44 1.62
C LEU A 70 2.74 -3.75 2.86
N TYR A 71 2.91 -2.74 3.72
CA TYR A 71 3.72 -2.80 4.95
C TYR A 71 2.81 -2.49 6.16
N HIS A 72 3.13 -3.09 7.33
CA HIS A 72 2.33 -2.91 8.57
C HIS A 72 2.90 -1.78 9.43
N ILE A 73 2.02 -0.89 9.90
CA ILE A 73 2.35 0.18 10.86
C ILE A 73 2.58 -0.43 12.25
N ASP A 74 3.83 -0.81 12.51
CA ASP A 74 4.29 -1.29 13.82
C ASP A 74 5.68 -0.74 14.11
N GLU A 75 6.03 -0.54 15.40
CA GLU A 75 7.40 -0.17 15.79
C GLU A 75 8.29 -1.41 15.61
N ASN A 76 8.90 -1.51 14.41
CA ASN A 76 9.61 -2.71 13.95
C ASN A 76 10.73 -2.28 12.96
N SER A 77 11.50 -3.25 12.46
CA SER A 77 12.50 -3.07 11.39
C SER A 77 11.99 -2.19 10.22
N PRO A 78 12.67 -1.05 9.86
CA PRO A 78 12.20 -0.13 8.78
C PRO A 78 12.18 -0.79 7.38
N ALA A 79 12.84 -1.95 7.26
CA ALA A 79 12.82 -2.78 6.03
C ALA A 79 11.44 -3.43 5.82
N ASN A 80 10.81 -3.83 6.96
CA ASN A 80 9.48 -4.49 7.01
C ASN A 80 9.26 -5.48 5.83
N PHE A 81 10.04 -6.58 5.81
CA PHE A 81 9.82 -7.69 4.85
C PHE A 81 8.37 -8.20 4.99
N TRP A 82 7.54 -7.79 4.02
CA TRP A 82 6.07 -7.87 4.08
C TRP A 82 5.53 -8.08 2.66
N ASP A 83 4.26 -7.68 2.40
CA ASP A 83 3.59 -7.95 1.12
C ASP A 83 3.96 -6.86 0.12
N SER A 84 3.83 -7.17 -1.17
CA SER A 84 4.12 -6.24 -2.26
C SER A 84 3.05 -6.40 -3.35
N LYS A 85 2.83 -5.33 -4.14
CA LYS A 85 1.83 -5.31 -5.22
C LYS A 85 2.42 -5.85 -6.53
N ASN A 86 1.51 -6.26 -7.43
CA ASN A 86 1.88 -6.90 -8.70
C ASN A 86 2.16 -5.84 -9.78
N ARG A 87 2.25 -6.31 -11.04
CA ARG A 87 2.41 -5.45 -12.23
C ARG A 87 1.27 -4.41 -12.35
N GLY A 88 1.62 -3.23 -12.86
CA GLY A 88 0.72 -2.06 -12.87
C GLY A 88 1.37 -0.86 -12.21
N VAL A 89 2.37 -1.15 -11.35
CA VAL A 89 3.28 -0.14 -10.74
C VAL A 89 4.63 -0.19 -11.49
N THR A 90 4.56 -0.59 -12.78
CA THR A 90 5.70 -0.82 -13.66
C THR A 90 6.26 0.53 -14.23
N GLY A 91 6.44 1.52 -13.34
CA GLY A 91 6.86 2.85 -13.75
C GLY A 91 5.73 3.64 -14.40
N THR A 92 4.66 3.83 -13.63
CA THR A 92 3.47 4.59 -14.05
C THR A 92 3.43 5.97 -13.34
N GLN A 93 3.28 7.04 -14.16
CA GLN A 93 3.10 8.44 -13.69
C GLN A 93 1.76 8.56 -12.93
N LYS A 94 0.74 7.86 -13.42
CA LYS A 94 -0.58 7.80 -12.81
C LYS A 94 -1.09 6.37 -12.94
N GLY A 95 -1.74 5.85 -11.89
CA GLY A 95 -2.36 4.53 -11.98
C GLY A 95 -3.13 4.17 -10.73
N GLN A 96 -3.82 3.02 -10.78
CA GLN A 96 -4.55 2.45 -9.63
C GLN A 96 -4.57 0.92 -9.71
N ILE A 97 -4.53 0.25 -8.54
CA ILE A 97 -4.66 -1.21 -8.42
C ILE A 97 -5.72 -1.53 -7.36
N VAL A 98 -6.77 -2.25 -7.79
CA VAL A 98 -7.86 -2.71 -6.91
C VAL A 98 -7.50 -4.06 -6.27
N TRP A 99 -7.98 -4.25 -5.03
CA TRP A 99 -7.79 -5.49 -4.27
C TRP A 99 -8.88 -5.54 -3.16
N ARG A 100 -9.47 -6.71 -2.94
CA ARG A 100 -10.47 -6.91 -1.85
C ARG A 100 -9.74 -7.64 -0.72
N ILE A 101 -9.83 -7.08 0.51
CA ILE A 101 -9.05 -7.57 1.65
C ILE A 101 -9.72 -8.82 2.23
N GLU A 102 -9.02 -9.95 2.15
CA GLU A 102 -9.42 -11.20 2.81
C GLU A 102 -8.61 -11.39 4.10
N PRO A 103 -9.18 -12.09 5.15
CA PRO A 103 -8.45 -12.34 6.42
C PRO A 103 -7.30 -13.35 6.22
N GLY A 104 -6.13 -12.81 5.81
CA GLY A 104 -4.94 -13.60 5.57
C GLY A 104 -4.17 -13.92 6.84
N PRO A 105 -2.97 -14.56 6.74
CA PRO A 105 -2.07 -14.77 7.91
C PRO A 105 -1.50 -13.42 8.41
N TYR A 106 -1.48 -12.44 7.49
CA TYR A 106 -1.07 -11.06 7.76
C TYR A 106 -2.23 -10.25 8.38
N PHE A 107 -3.48 -10.74 8.25
CA PHE A 107 -4.66 -10.06 8.79
C PHE A 107 -5.40 -11.01 9.77
N MET A 108 -4.88 -11.08 11.02
CA MET A 108 -5.44 -11.91 12.10
C MET A 108 -5.59 -11.11 13.41
N GLU A 109 -5.11 -9.85 13.42
CA GLU A 109 -5.23 -8.95 14.59
C GLU A 109 -6.66 -8.38 14.65
N PRO A 110 -7.23 -8.10 15.87
CA PRO A 110 -8.61 -7.53 16.01
C PRO A 110 -8.75 -6.15 15.32
N GLU A 111 -7.62 -5.45 15.18
CA GLU A 111 -7.58 -4.11 14.57
C GLU A 111 -6.14 -3.89 14.04
N ILE A 112 -6.02 -3.78 12.71
CA ILE A 112 -4.74 -3.83 11.97
C ILE A 112 -4.46 -2.47 11.33
N LYS A 113 -3.27 -1.89 11.55
CA LYS A 113 -2.84 -0.69 10.80
C LYS A 113 -1.85 -1.12 9.74
N ILE A 114 -2.26 -1.09 8.49
CA ILE A 114 -1.35 -1.33 7.35
C ILE A 114 -1.24 -0.06 6.52
N CYS A 115 -0.39 -0.10 5.51
CA CYS A 115 -0.17 1.03 4.60
C CYS A 115 0.48 0.53 3.32
N PHE A 116 0.60 1.42 2.35
CA PHE A 116 1.25 1.17 1.08
C PHE A 116 2.38 2.15 0.90
N LYS A 117 3.47 1.70 0.27
CA LYS A 117 4.71 2.47 0.17
C LYS A 117 5.32 2.32 -1.23
N TYR A 118 5.22 3.40 -2.02
CA TYR A 118 5.92 3.52 -3.30
C TYR A 118 7.40 3.84 -3.02
N TYR A 119 8.25 2.81 -3.13
CA TYR A 119 9.71 2.97 -3.15
C TYR A 119 10.15 3.12 -4.61
N HIS A 120 10.98 4.12 -4.89
CA HIS A 120 11.41 4.46 -6.24
C HIS A 120 12.72 3.70 -6.59
N GLY A 121 12.85 3.27 -7.86
CA GLY A 121 14.02 2.49 -8.32
C GLY A 121 15.23 3.37 -8.57
N ILE A 122 15.07 4.37 -9.45
CA ILE A 122 16.08 5.43 -9.66
C ILE A 122 16.18 6.26 -8.36
N SER A 123 17.26 6.02 -7.57
CA SER A 123 17.39 6.53 -6.18
C SER A 123 16.34 5.81 -5.29
N GLY A 124 16.83 4.95 -4.35
CA GLY A 124 15.98 4.05 -3.55
C GLY A 124 15.31 4.73 -2.36
N ALA A 125 14.69 5.89 -2.62
CA ALA A 125 13.99 6.68 -1.61
C ALA A 125 12.51 6.28 -1.55
N LEU A 126 11.93 6.32 -0.33
CA LEU A 126 10.48 6.20 -0.14
C LEU A 126 9.81 7.44 -0.74
N ARG A 127 9.21 7.27 -1.92
CA ARG A 127 8.67 8.39 -2.70
C ARG A 127 7.24 8.75 -2.26
N ALA A 128 6.46 7.74 -1.84
CA ALA A 128 5.07 7.97 -1.42
C ALA A 128 4.58 6.88 -0.44
N THR A 129 3.65 7.26 0.46
CA THR A 129 3.05 6.34 1.46
C THR A 129 1.58 6.76 1.75
N THR A 130 0.67 5.77 1.89
CA THR A 130 -0.73 6.02 2.32
C THR A 130 -0.79 6.20 3.84
N PRO A 131 -1.75 7.03 4.36
CA PRO A 131 -2.15 7.02 5.81
C PRO A 131 -2.42 5.59 6.36
N CYS A 132 -2.34 5.44 7.70
CA CYS A 132 -2.55 4.16 8.40
C CYS A 132 -3.98 3.63 8.19
N ILE A 133 -4.09 2.60 7.34
CA ILE A 133 -5.36 2.00 6.93
C ILE A 133 -5.84 1.00 8.01
N THR A 134 -6.96 1.38 8.63
CA THR A 134 -7.64 0.61 9.66
C THR A 134 -8.37 -0.60 9.05
N VAL A 135 -7.79 -1.78 9.18
CA VAL A 135 -8.39 -3.05 8.76
C VAL A 135 -8.76 -3.87 10.00
N LYS A 136 -10.04 -3.83 10.38
CA LYS A 136 -10.54 -4.49 11.59
C LYS A 136 -11.01 -5.90 11.25
N ASN A 137 -10.60 -6.87 12.07
CA ASN A 137 -10.89 -8.31 11.85
C ASN A 137 -11.77 -8.82 13.01
N PRO A 138 -13.14 -8.78 12.86
CA PRO A 138 -14.10 -9.21 13.92
C PRO A 138 -13.95 -10.70 14.32
N SER A 33 2.29 19.15 -7.73
CA SER A 33 1.79 17.93 -7.08
C SER A 33 2.85 16.83 -7.19
N ARG A 34 3.48 16.48 -6.06
CA ARG A 34 4.54 15.47 -6.01
C ARG A 34 3.95 14.05 -6.10
N SER A 35 4.84 13.05 -6.06
CA SER A 35 4.47 11.63 -6.02
C SER A 35 3.60 11.34 -4.77
N SER A 36 2.31 11.05 -5.00
CA SER A 36 1.30 10.89 -3.93
C SER A 36 0.79 9.45 -3.86
N LEU A 37 0.50 8.98 -2.65
CA LEU A 37 -0.23 7.72 -2.41
C LEU A 37 -1.46 8.01 -1.57
N THR A 38 -2.62 7.52 -2.05
CA THR A 38 -3.93 7.69 -1.43
C THR A 38 -4.73 6.38 -1.55
N ALA A 39 -5.80 6.29 -0.78
CA ALA A 39 -6.70 5.13 -0.77
C ALA A 39 -8.15 5.59 -0.84
N SER A 40 -9.03 4.76 -1.42
CA SER A 40 -10.48 5.02 -1.49
C SER A 40 -11.09 5.15 -0.08
N MET A 41 -10.48 4.43 0.88
CA MET A 41 -10.87 4.42 2.29
C MET A 41 -9.68 3.96 3.13
N TYR A 42 -9.43 4.68 4.23
CA TYR A 42 -8.37 4.36 5.21
C TYR A 42 -8.95 3.54 6.39
N GLU A 43 -10.20 3.08 6.23
CA GLU A 43 -10.81 2.05 7.09
C GLU A 43 -11.40 0.97 6.19
N TYR A 44 -11.04 -0.28 6.49
CA TYR A 44 -11.50 -1.48 5.78
C TYR A 44 -11.95 -2.51 6.83
N THR A 45 -12.98 -3.29 6.52
CA THR A 45 -13.43 -4.41 7.36
C THR A 45 -13.22 -5.73 6.58
N LEU A 46 -12.44 -6.70 7.13
CA LEU A 46 -12.16 -8.00 6.47
C LEU A 46 -13.47 -8.71 6.08
N GLY A 47 -13.57 -9.08 4.79
CA GLY A 47 -14.72 -9.81 4.27
C GLY A 47 -15.94 -8.93 4.00
N GLN A 48 -15.72 -7.63 3.71
CA GLN A 48 -16.80 -6.71 3.26
C GLN A 48 -16.90 -6.71 1.72
N ALA A 49 -17.98 -6.13 1.20
CA ALA A 49 -18.26 -6.05 -0.25
C ALA A 49 -17.43 -4.93 -0.91
N GLN A 50 -17.23 -3.82 -0.17
CA GLN A 50 -16.46 -2.67 -0.64
C GLN A 50 -14.97 -3.03 -0.73
N ASN A 51 -14.38 -2.82 -1.91
CA ASN A 51 -12.98 -3.19 -2.20
C ASN A 51 -12.07 -1.94 -2.15
N LEU A 52 -10.86 -2.13 -1.58
CA LEU A 52 -9.94 -1.02 -1.26
C LEU A 52 -9.07 -0.71 -2.50
N ILE A 53 -9.13 0.54 -2.98
CA ILE A 53 -8.43 0.98 -4.19
C ILE A 53 -7.29 1.96 -3.80
N ILE A 54 -6.05 1.61 -4.16
CA ILE A 54 -4.86 2.43 -3.89
C ILE A 54 -4.53 3.28 -5.14
N PHE A 55 -4.81 4.59 -5.05
CA PHE A 55 -4.54 5.56 -6.11
C PHE A 55 -3.13 6.14 -5.93
N TRP A 56 -2.29 6.07 -6.97
CA TRP A 56 -0.99 6.76 -6.98
C TRP A 56 -0.98 7.85 -8.05
N ASP A 57 -0.47 9.04 -7.66
CA ASP A 57 -0.43 10.25 -8.49
C ASP A 57 1.04 10.70 -8.61
N ILE A 58 1.76 10.12 -9.58
CA ILE A 58 3.19 10.46 -9.85
C ILE A 58 3.25 11.17 -11.23
N LYS A 59 4.05 12.26 -11.29
CA LYS A 59 4.28 13.05 -12.52
C LYS A 59 5.78 13.11 -12.88
N GLU A 60 6.62 12.53 -12.01
CA GLU A 60 8.10 12.53 -12.14
C GLU A 60 8.57 11.12 -12.53
N GLU A 61 9.72 11.04 -13.22
CA GLU A 61 10.28 9.77 -13.75
C GLU A 61 10.38 8.65 -12.69
N VAL A 62 10.06 7.43 -13.12
CA VAL A 62 10.15 6.20 -12.30
C VAL A 62 10.96 5.15 -13.06
N ASP A 63 11.58 4.23 -12.33
CA ASP A 63 12.26 3.04 -12.88
C ASP A 63 11.25 1.87 -13.04
N PRO A 64 11.55 0.82 -13.88
CA PRO A 64 10.68 -0.38 -13.98
C PRO A 64 10.68 -1.23 -12.68
N SER A 65 11.65 -0.93 -11.78
CA SER A 65 11.80 -1.60 -10.48
C SER A 65 11.11 -0.81 -9.35
N ASP A 66 10.43 0.30 -9.70
CA ASP A 66 9.55 1.03 -8.75
C ASP A 66 8.33 0.15 -8.37
N TRP A 67 7.96 0.19 -7.09
CA TRP A 67 6.83 -0.62 -6.56
C TRP A 67 6.20 0.06 -5.34
N ILE A 68 4.97 -0.36 -5.02
CA ILE A 68 4.29 -0.02 -3.76
C ILE A 68 4.41 -1.22 -2.82
N GLY A 69 5.02 -1.02 -1.64
CA GLY A 69 5.21 -2.06 -0.66
C GLY A 69 4.17 -1.98 0.45
N LEU A 70 3.51 -3.10 0.75
CA LEU A 70 2.55 -3.19 1.86
C LEU A 70 3.36 -3.48 3.14
N TYR A 71 3.45 -2.49 4.04
CA TYR A 71 4.09 -2.63 5.36
C TYR A 71 3.04 -2.36 6.43
N HIS A 72 2.95 -3.20 7.48
CA HIS A 72 1.99 -2.97 8.59
C HIS A 72 2.55 -1.90 9.58
N ILE A 73 1.64 -1.07 10.13
CA ILE A 73 1.95 -0.13 11.21
C ILE A 73 2.03 -0.91 12.53
N ASP A 74 3.25 -1.39 12.85
CA ASP A 74 3.53 -2.13 14.10
C ASP A 74 4.88 -1.66 14.66
N GLU A 75 4.93 -1.50 15.99
CA GLU A 75 6.15 -1.11 16.71
C GLU A 75 7.10 -2.32 16.79
N ASN A 76 7.96 -2.42 15.77
CA ASN A 76 8.95 -3.49 15.60
C ASN A 76 10.09 -2.93 14.71
N SER A 77 11.09 -3.78 14.36
CA SER A 77 12.26 -3.43 13.51
C SER A 77 11.88 -2.43 12.37
N PRO A 78 12.36 -1.13 12.42
CA PRO A 78 11.86 -0.02 11.55
C PRO A 78 11.91 -0.29 10.03
N ALA A 79 12.73 -1.26 9.60
CA ALA A 79 12.79 -1.67 8.18
C ALA A 79 11.50 -2.38 7.75
N ASN A 80 10.93 -3.19 8.69
CA ASN A 80 9.67 -3.95 8.56
C ASN A 80 9.52 -4.58 7.15
N PHE A 81 10.49 -5.44 6.77
CA PHE A 81 10.48 -6.16 5.48
C PHE A 81 9.20 -7.02 5.36
N TRP A 82 8.25 -6.46 4.61
CA TRP A 82 6.87 -6.96 4.51
C TRP A 82 6.51 -7.12 3.02
N ASP A 83 5.20 -7.08 2.69
CA ASP A 83 4.69 -7.47 1.36
C ASP A 83 4.76 -6.31 0.36
N SER A 84 4.27 -6.58 -0.85
CA SER A 84 4.25 -5.61 -1.95
C SER A 84 2.97 -5.77 -2.78
N LYS A 85 2.74 -4.82 -3.69
CA LYS A 85 1.65 -4.85 -4.68
C LYS A 85 2.11 -5.56 -5.95
N ASN A 86 1.13 -6.13 -6.67
CA ASN A 86 1.34 -6.93 -7.87
C ASN A 86 1.38 -6.03 -9.13
N ARG A 87 1.25 -6.66 -10.31
CA ARG A 87 1.22 -6.00 -11.64
C ARG A 87 0.34 -4.73 -11.68
N GLY A 88 0.81 -3.72 -12.42
CA GLY A 88 0.14 -2.42 -12.54
C GLY A 88 0.95 -1.29 -11.87
N VAL A 89 1.84 -1.67 -10.93
CA VAL A 89 2.81 -0.74 -10.31
C VAL A 89 4.21 -1.02 -10.92
N THR A 90 4.22 -1.51 -12.17
CA THR A 90 5.42 -1.94 -12.90
C THR A 90 6.23 -0.75 -13.47
N GLY A 91 6.46 0.29 -12.64
CA GLY A 91 7.08 1.54 -13.06
C GLY A 91 6.11 2.42 -13.84
N THR A 92 4.97 2.75 -13.19
CA THR A 92 3.91 3.61 -13.76
C THR A 92 3.89 5.00 -13.10
N GLN A 93 3.27 5.97 -13.79
CA GLN A 93 3.13 7.35 -13.31
C GLN A 93 1.80 7.53 -12.57
N LYS A 94 0.70 7.42 -13.31
CA LYS A 94 -0.65 7.68 -12.80
C LYS A 94 -1.46 6.39 -12.90
N GLY A 95 -2.11 5.96 -11.81
CA GLY A 95 -2.98 4.79 -11.85
C GLY A 95 -3.61 4.46 -10.51
N GLN A 96 -4.33 3.32 -10.47
CA GLN A 96 -4.90 2.77 -9.23
C GLN A 96 -5.00 1.23 -9.33
N ILE A 97 -4.92 0.56 -8.18
CA ILE A 97 -5.13 -0.90 -8.06
C ILE A 97 -6.14 -1.18 -6.96
N VAL A 98 -7.22 -1.88 -7.34
CA VAL A 98 -8.25 -2.34 -6.42
C VAL A 98 -7.81 -3.69 -5.79
N TRP A 99 -8.26 -3.93 -4.55
CA TRP A 99 -7.96 -5.15 -3.80
C TRP A 99 -8.97 -5.29 -2.65
N ARG A 100 -9.86 -6.28 -2.75
CA ARG A 100 -10.80 -6.62 -1.67
C ARG A 100 -10.07 -7.58 -0.71
N ILE A 101 -9.72 -7.07 0.47
CA ILE A 101 -8.84 -7.77 1.42
C ILE A 101 -9.63 -8.83 2.20
N GLU A 102 -9.25 -10.10 1.99
CA GLU A 102 -9.75 -11.24 2.78
C GLU A 102 -8.85 -11.42 4.03
N PRO A 103 -9.39 -11.99 5.17
CA PRO A 103 -8.59 -12.22 6.39
C PRO A 103 -7.51 -13.30 6.18
N GLY A 104 -6.35 -12.86 5.66
CA GLY A 104 -5.23 -13.76 5.37
C GLY A 104 -4.42 -14.10 6.63
N PRO A 105 -3.20 -14.71 6.48
CA PRO A 105 -2.31 -15.02 7.63
C PRO A 105 -1.75 -13.74 8.30
N TYR A 106 -1.80 -12.63 7.55
CA TYR A 106 -1.41 -11.30 8.03
C TYR A 106 -2.56 -10.65 8.80
N PHE A 107 -3.81 -10.88 8.31
CA PHE A 107 -5.02 -10.26 8.86
C PHE A 107 -5.78 -11.29 9.72
N MET A 108 -5.31 -11.44 10.96
CA MET A 108 -5.90 -12.36 11.97
C MET A 108 -6.16 -11.61 13.29
N GLU A 109 -5.60 -10.38 13.43
CA GLU A 109 -5.78 -9.53 14.62
C GLU A 109 -7.21 -8.95 14.66
N PRO A 110 -7.70 -8.41 15.82
CA PRO A 110 -8.99 -7.69 15.90
C PRO A 110 -9.01 -6.41 15.03
N GLU A 111 -7.81 -5.86 14.78
CA GLU A 111 -7.61 -4.64 13.99
C GLU A 111 -6.13 -4.54 13.55
N ILE A 112 -5.90 -4.70 12.23
CA ILE A 112 -4.56 -4.66 11.61
C ILE A 112 -4.41 -3.30 10.89
N LYS A 113 -3.45 -2.48 11.35
CA LYS A 113 -3.14 -1.19 10.70
C LYS A 113 -2.01 -1.45 9.70
N ILE A 114 -2.18 -0.98 8.46
CA ILE A 114 -1.20 -1.14 7.37
C ILE A 114 -0.92 0.21 6.70
N CYS A 115 0.05 0.22 5.77
CA CYS A 115 0.42 1.39 4.98
C CYS A 115 1.16 0.94 3.72
N PHE A 116 0.73 1.46 2.58
CA PHE A 116 1.37 1.24 1.28
C PHE A 116 2.42 2.33 1.04
N LYS A 117 3.60 1.94 0.52
CA LYS A 117 4.76 2.85 0.37
C LYS A 117 5.42 2.65 -1.00
N TYR A 118 5.26 3.63 -1.89
CA TYR A 118 5.86 3.64 -3.22
C TYR A 118 7.36 3.99 -3.07
N TYR A 119 8.24 3.02 -3.33
CA TYR A 119 9.72 3.22 -3.37
C TYR A 119 10.22 3.26 -4.81
N HIS A 120 11.45 3.77 -5.00
CA HIS A 120 12.03 4.05 -6.32
C HIS A 120 13.20 3.08 -6.60
N GLY A 121 12.94 2.06 -7.43
CA GLY A 121 13.96 1.05 -7.79
C GLY A 121 14.29 0.11 -6.63
N ILE A 122 15.07 0.65 -5.67
CA ILE A 122 15.43 -0.01 -4.40
C ILE A 122 14.68 0.72 -3.24
N SER A 123 14.58 0.07 -2.06
CA SER A 123 13.95 0.66 -0.87
C SER A 123 14.90 1.68 -0.20
N GLY A 124 14.93 2.90 -0.76
CA GLY A 124 15.72 4.01 -0.24
C GLY A 124 15.05 5.34 -0.56
N ALA A 125 14.98 5.65 -1.86
CA ALA A 125 14.24 6.83 -2.36
C ALA A 125 12.73 6.54 -2.29
N LEU A 126 12.04 7.22 -1.37
CA LEU A 126 10.60 7.06 -1.16
C LEU A 126 9.83 8.03 -2.08
N ARG A 127 9.06 7.48 -3.02
CA ARG A 127 8.15 8.25 -3.88
C ARG A 127 6.99 8.79 -3.04
N ALA A 128 6.29 7.88 -2.34
CA ALA A 128 5.03 8.20 -1.65
C ALA A 128 4.69 7.18 -0.55
N THR A 129 3.73 7.55 0.32
CA THR A 129 3.25 6.72 1.44
C THR A 129 1.77 7.07 1.77
N THR A 130 0.90 6.05 1.89
CA THR A 130 -0.50 6.23 2.37
C THR A 130 -0.48 6.36 3.91
N PRO A 131 -1.39 7.19 4.50
CA PRO A 131 -1.69 7.14 5.96
C PRO A 131 -2.10 5.72 6.46
N CYS A 132 -2.06 5.53 7.78
CA CYS A 132 -2.36 4.26 8.47
C CYS A 132 -3.80 3.80 8.20
N ILE A 133 -3.92 2.78 7.35
CA ILE A 133 -5.20 2.18 6.96
C ILE A 133 -5.63 1.14 8.01
N THR A 134 -6.66 1.51 8.78
CA THR A 134 -7.23 0.70 9.84
C THR A 134 -8.11 -0.43 9.25
N VAL A 135 -7.56 -1.65 9.17
CA VAL A 135 -8.24 -2.83 8.60
C VAL A 135 -8.73 -3.74 9.74
N LYS A 136 -10.00 -3.57 10.12
CA LYS A 136 -10.64 -4.19 11.30
C LYS A 136 -11.22 -5.56 10.92
N ASN A 137 -11.20 -6.50 11.88
CA ASN A 137 -11.64 -7.89 11.67
C ASN A 137 -12.71 -8.29 12.72
N PRO A 138 -14.03 -8.28 12.36
CA PRO A 138 -15.14 -8.64 13.28
C PRO A 138 -15.26 -10.18 13.45
N SER A 33 4.96 20.29 -7.34
CA SER A 33 4.20 19.05 -7.40
C SER A 33 4.86 17.97 -6.52
N ARG A 34 4.03 17.18 -5.81
CA ARG A 34 4.52 16.18 -4.84
C ARG A 34 3.91 14.79 -5.17
N SER A 35 4.75 13.76 -5.07
CA SER A 35 4.34 12.36 -5.31
C SER A 35 3.40 11.90 -4.18
N SER A 36 2.12 11.69 -4.52
CA SER A 36 1.06 11.36 -3.57
C SER A 36 0.73 9.85 -3.59
N LEU A 37 0.28 9.33 -2.45
CA LEU A 37 -0.31 7.98 -2.33
C LEU A 37 -1.54 8.10 -1.39
N THR A 38 -2.70 7.74 -1.95
CA THR A 38 -4.01 7.86 -1.32
C THR A 38 -4.80 6.55 -1.51
N ALA A 39 -6.01 6.49 -0.95
CA ALA A 39 -6.90 5.34 -1.09
C ALA A 39 -8.37 5.80 -1.22
N SER A 40 -9.23 4.86 -1.69
CA SER A 40 -10.68 5.10 -1.82
C SER A 40 -11.31 5.24 -0.43
N MET A 41 -10.84 4.40 0.51
CA MET A 41 -11.17 4.46 1.92
C MET A 41 -9.97 3.97 2.74
N TYR A 42 -9.63 4.69 3.82
CA TYR A 42 -8.53 4.32 4.74
C TYR A 42 -9.05 3.43 5.88
N GLU A 43 -10.29 2.92 5.74
CA GLU A 43 -10.88 1.93 6.65
C GLU A 43 -11.54 0.82 5.82
N TYR A 44 -11.19 -0.43 6.14
CA TYR A 44 -11.71 -1.63 5.47
C TYR A 44 -12.10 -2.63 6.58
N THR A 45 -13.17 -3.40 6.35
CA THR A 45 -13.59 -4.46 7.30
C THR A 45 -13.71 -5.80 6.54
N LEU A 46 -13.18 -6.89 7.14
CA LEU A 46 -13.22 -8.23 6.53
C LEU A 46 -14.63 -8.82 6.59
N GLY A 47 -15.03 -9.49 5.49
CA GLY A 47 -16.37 -10.07 5.36
C GLY A 47 -17.35 -9.17 4.60
N GLN A 48 -16.93 -7.91 4.30
CA GLN A 48 -17.75 -6.97 3.52
C GLN A 48 -17.55 -7.21 2.01
N ALA A 49 -18.54 -6.79 1.22
CA ALA A 49 -18.51 -6.89 -0.25
C ALA A 49 -17.68 -5.74 -0.87
N GLN A 50 -17.49 -4.65 -0.08
CA GLN A 50 -16.81 -3.43 -0.56
C GLN A 50 -15.29 -3.67 -0.70
N ASN A 51 -14.70 -3.01 -1.72
CA ASN A 51 -13.28 -3.18 -2.10
C ASN A 51 -12.50 -1.89 -1.82
N LEU A 52 -11.16 -1.98 -1.79
CA LEU A 52 -10.28 -0.85 -1.45
C LEU A 52 -9.34 -0.58 -2.64
N ILE A 53 -9.44 0.61 -3.24
CA ILE A 53 -8.60 1.04 -4.36
C ILE A 53 -7.46 1.94 -3.86
N ILE A 54 -6.23 1.69 -4.32
CA ILE A 54 -5.03 2.48 -3.99
C ILE A 54 -4.67 3.37 -5.17
N PHE A 55 -4.76 4.70 -4.97
CA PHE A 55 -4.48 5.72 -6.02
C PHE A 55 -3.10 6.35 -5.76
N TRP A 56 -2.25 6.45 -6.78
CA TRP A 56 -0.94 7.13 -6.68
C TRP A 56 -0.82 8.19 -7.79
N ASP A 57 -0.11 9.28 -7.47
CA ASP A 57 0.22 10.35 -8.41
C ASP A 57 1.70 10.73 -8.23
N ILE A 58 2.57 9.99 -8.93
CA ILE A 58 4.01 10.29 -8.99
C ILE A 58 4.27 11.09 -10.27
N LYS A 59 4.45 12.40 -10.09
CA LYS A 59 4.71 13.37 -11.17
C LYS A 59 6.14 13.22 -11.74
N GLU A 60 7.03 12.55 -10.98
CA GLU A 60 8.47 12.51 -11.25
C GLU A 60 8.88 11.16 -11.88
N GLU A 61 10.08 11.10 -12.49
CA GLU A 61 10.59 9.93 -13.23
C GLU A 61 10.58 8.63 -12.39
N VAL A 62 10.29 7.51 -13.07
CA VAL A 62 10.16 6.17 -12.48
C VAL A 62 10.81 5.13 -13.42
N ASP A 63 11.22 4.00 -12.84
CA ASP A 63 11.80 2.85 -13.57
C ASP A 63 10.82 1.67 -13.49
N PRO A 64 10.93 0.63 -14.40
CA PRO A 64 10.14 -0.64 -14.28
C PRO A 64 10.50 -1.45 -13.00
N SER A 65 11.57 -1.03 -12.30
CA SER A 65 12.04 -1.66 -11.05
C SER A 65 11.33 -1.07 -9.80
N ASP A 66 10.43 -0.09 -10.00
CA ASP A 66 9.64 0.54 -8.90
C ASP A 66 8.52 -0.41 -8.44
N TRP A 67 8.02 -0.19 -7.21
CA TRP A 67 6.94 -1.01 -6.63
C TRP A 67 6.23 -0.26 -5.49
N ILE A 68 4.99 -0.67 -5.20
CA ILE A 68 4.30 -0.33 -3.95
C ILE A 68 4.35 -1.58 -3.06
N GLY A 69 4.86 -1.39 -1.84
CA GLY A 69 4.93 -2.46 -0.85
C GLY A 69 3.86 -2.30 0.21
N LEU A 70 3.27 -3.41 0.64
CA LEU A 70 2.31 -3.43 1.74
C LEU A 70 3.08 -3.74 3.04
N TYR A 71 3.11 -2.77 3.97
CA TYR A 71 3.82 -2.88 5.26
C TYR A 71 2.82 -2.69 6.42
N HIS A 72 3.23 -3.16 7.61
CA HIS A 72 2.42 -3.06 8.84
C HIS A 72 2.85 -1.81 9.64
N ILE A 73 1.87 -0.96 10.00
CA ILE A 73 2.04 0.11 11.00
C ILE A 73 2.20 -0.54 12.39
N ASP A 74 3.46 -0.85 12.72
CA ASP A 74 3.86 -1.42 14.01
C ASP A 74 5.20 -0.83 14.46
N GLU A 75 5.42 -0.74 15.77
CA GLU A 75 6.75 -0.43 16.33
C GLU A 75 7.63 -1.69 16.18
N ASN A 76 8.40 -1.71 15.09
CA ASN A 76 9.07 -2.93 14.58
C ASN A 76 10.37 -2.54 13.86
N SER A 77 10.99 -3.52 13.19
CA SER A 77 12.08 -3.32 12.21
C SER A 77 11.77 -2.13 11.26
N PRO A 78 12.69 -1.12 11.12
CA PRO A 78 12.48 0.05 10.21
C PRO A 78 12.31 -0.40 8.73
N ALA A 79 12.92 -1.55 8.41
CA ALA A 79 12.80 -2.21 7.10
C ALA A 79 11.43 -2.91 6.97
N ASN A 80 10.97 -3.51 8.10
CA ASN A 80 9.69 -4.26 8.20
C ASN A 80 9.45 -5.15 6.97
N PHE A 81 10.34 -6.14 6.78
CA PHE A 81 10.28 -7.08 5.63
C PHE A 81 8.87 -7.73 5.51
N TRP A 82 8.07 -7.18 4.59
CA TRP A 82 6.62 -7.45 4.47
C TRP A 82 6.27 -7.65 2.98
N ASP A 83 4.98 -7.43 2.63
CA ASP A 83 4.43 -7.80 1.32
C ASP A 83 4.69 -6.68 0.27
N SER A 84 4.52 -7.04 -1.01
CA SER A 84 4.58 -6.11 -2.15
C SER A 84 3.41 -6.41 -3.11
N LYS A 85 2.84 -5.37 -3.73
CA LYS A 85 1.69 -5.49 -4.64
C LYS A 85 2.11 -5.83 -6.07
N ASN A 86 1.11 -6.19 -6.88
CA ASN A 86 1.29 -6.79 -8.22
C ASN A 86 1.51 -5.72 -9.29
N ARG A 87 1.68 -6.20 -10.55
CA ARG A 87 1.98 -5.37 -11.73
C ARG A 87 0.93 -4.24 -11.90
N GLY A 88 1.42 -3.07 -12.33
CA GLY A 88 0.65 -1.83 -12.32
C GLY A 88 1.28 -0.81 -11.39
N VAL A 89 2.11 -1.30 -10.43
CA VAL A 89 2.90 -0.45 -9.52
C VAL A 89 4.38 -0.42 -9.97
N THR A 90 4.64 -1.02 -11.15
CA THR A 90 5.97 -1.26 -11.71
C THR A 90 6.53 -0.03 -12.46
N GLY A 91 6.47 1.12 -11.81
CA GLY A 91 6.93 2.37 -12.39
C GLY A 91 5.93 2.99 -13.34
N THR A 92 4.71 3.22 -12.85
CA THR A 92 3.69 4.01 -13.52
C THR A 92 3.62 5.39 -12.84
N GLN A 93 3.49 6.47 -13.66
CA GLN A 93 3.36 7.85 -13.15
C GLN A 93 2.15 7.97 -12.23
N LYS A 94 0.96 7.85 -12.80
CA LYS A 94 -0.31 7.98 -12.08
C LYS A 94 -1.21 6.80 -12.44
N GLY A 95 -1.92 6.28 -11.43
CA GLY A 95 -2.86 5.19 -11.65
C GLY A 95 -3.55 4.75 -10.37
N GLN A 96 -4.21 3.59 -10.44
CA GLN A 96 -4.93 3.01 -9.30
C GLN A 96 -5.08 1.50 -9.49
N ILE A 97 -5.09 0.75 -8.38
CA ILE A 97 -5.37 -0.70 -8.36
C ILE A 97 -6.40 -1.00 -7.26
N VAL A 98 -7.54 -1.58 -7.68
CA VAL A 98 -8.54 -2.13 -6.73
C VAL A 98 -8.00 -3.45 -6.13
N TRP A 99 -8.19 -3.62 -4.82
CA TRP A 99 -7.73 -4.80 -4.10
C TRP A 99 -8.66 -5.03 -2.89
N ARG A 100 -9.24 -6.23 -2.82
CA ARG A 100 -9.99 -6.70 -1.66
C ARG A 100 -9.00 -7.32 -0.67
N ILE A 101 -9.26 -7.12 0.61
CA ILE A 101 -8.44 -7.70 1.68
C ILE A 101 -9.14 -8.98 2.17
N GLU A 102 -8.34 -10.03 2.45
CA GLU A 102 -8.84 -11.28 3.05
C GLU A 102 -8.17 -11.49 4.43
N PRO A 103 -8.87 -12.13 5.43
CA PRO A 103 -8.27 -12.45 6.73
C PRO A 103 -7.21 -13.58 6.59
N GLY A 104 -5.98 -13.18 6.25
CA GLY A 104 -4.88 -14.11 6.02
C GLY A 104 -3.90 -14.17 7.19
N PRO A 105 -2.65 -14.73 6.98
CA PRO A 105 -1.62 -14.80 8.05
C PRO A 105 -1.09 -13.40 8.44
N TYR A 106 -1.33 -12.40 7.58
CA TYR A 106 -0.97 -11.00 7.82
C TYR A 106 -2.08 -10.27 8.59
N PHE A 107 -3.34 -10.74 8.42
CA PHE A 107 -4.54 -10.10 8.99
C PHE A 107 -5.21 -11.05 10.01
N MET A 108 -4.68 -11.04 11.24
CA MET A 108 -5.14 -11.90 12.36
C MET A 108 -5.44 -11.06 13.63
N GLU A 109 -5.17 -9.75 13.58
CA GLU A 109 -5.47 -8.82 14.68
C GLU A 109 -6.96 -8.40 14.61
N PRO A 110 -7.58 -7.86 15.72
CA PRO A 110 -8.94 -7.25 15.66
C PRO A 110 -8.96 -5.99 14.75
N GLU A 111 -7.77 -5.38 14.62
CA GLU A 111 -7.55 -4.15 13.86
C GLU A 111 -6.07 -4.10 13.41
N ILE A 112 -5.84 -4.35 12.11
CA ILE A 112 -4.52 -4.32 11.47
C ILE A 112 -4.33 -2.98 10.76
N LYS A 113 -3.42 -2.12 11.25
CA LYS A 113 -3.07 -0.87 10.55
C LYS A 113 -1.94 -1.19 9.55
N ILE A 114 -2.17 -0.91 8.27
CA ILE A 114 -1.18 -1.12 7.20
C ILE A 114 -0.89 0.22 6.48
N CYS A 115 0.13 0.21 5.61
CA CYS A 115 0.53 1.38 4.82
C CYS A 115 1.20 0.91 3.53
N PHE A 116 0.72 1.44 2.40
CA PHE A 116 1.28 1.19 1.07
C PHE A 116 2.36 2.22 0.79
N LYS A 117 3.53 1.76 0.34
CA LYS A 117 4.73 2.60 0.18
C LYS A 117 5.29 2.41 -1.23
N TYR A 118 5.05 3.40 -2.11
CA TYR A 118 5.64 3.44 -3.45
C TYR A 118 7.14 3.76 -3.30
N TYR A 119 7.99 2.74 -3.39
CA TYR A 119 9.44 2.90 -3.47
C TYR A 119 9.87 2.98 -4.94
N HIS A 120 10.96 3.70 -5.17
CA HIS A 120 11.60 3.81 -6.48
C HIS A 120 12.49 2.57 -6.70
N GLY A 121 12.99 2.39 -7.94
CA GLY A 121 13.86 1.26 -8.31
C GLY A 121 15.09 1.11 -7.42
N ILE A 122 15.60 2.25 -6.92
CA ILE A 122 16.64 2.27 -5.87
C ILE A 122 15.99 1.87 -4.53
N SER A 123 16.32 0.66 -4.04
CA SER A 123 15.75 0.09 -2.80
C SER A 123 16.13 0.95 -1.58
N GLY A 124 15.21 1.85 -1.20
CA GLY A 124 15.42 2.79 -0.09
C GLY A 124 14.78 4.14 -0.39
N ALA A 125 14.89 4.57 -1.66
CA ALA A 125 14.29 5.83 -2.17
C ALA A 125 12.76 5.73 -2.15
N LEU A 126 12.10 6.62 -1.40
CA LEU A 126 10.63 6.61 -1.25
C LEU A 126 9.99 7.67 -2.18
N ARG A 127 9.11 7.20 -3.08
CA ARG A 127 8.29 8.09 -3.92
C ARG A 127 7.08 8.62 -3.12
N ALA A 128 6.30 7.70 -2.52
CA ALA A 128 5.05 8.07 -1.82
C ALA A 128 4.63 7.01 -0.79
N THR A 129 3.76 7.39 0.15
CA THR A 129 3.20 6.48 1.19
C THR A 129 1.76 6.91 1.57
N THR A 130 0.84 5.93 1.66
CA THR A 130 -0.53 6.15 2.17
C THR A 130 -0.50 6.26 3.70
N PRO A 131 -1.42 7.05 4.34
CA PRO A 131 -1.61 7.03 5.81
C PRO A 131 -2.07 5.62 6.32
N CYS A 132 -2.12 5.49 7.65
CA CYS A 132 -2.43 4.23 8.35
C CYS A 132 -3.88 3.76 8.03
N ILE A 133 -3.95 2.76 7.13
CA ILE A 133 -5.21 2.16 6.69
C ILE A 133 -5.66 1.09 7.71
N THR A 134 -6.75 1.40 8.39
CA THR A 134 -7.32 0.61 9.47
C THR A 134 -8.16 -0.56 8.92
N VAL A 135 -7.56 -1.76 8.93
CA VAL A 135 -8.18 -3.00 8.43
C VAL A 135 -8.76 -3.78 9.63
N LYS A 136 -10.05 -3.65 9.86
CA LYS A 136 -10.74 -4.26 11.02
C LYS A 136 -11.23 -5.66 10.63
N ASN A 137 -11.01 -6.62 11.52
CA ASN A 137 -11.17 -8.05 11.22
C ASN A 137 -12.14 -8.71 12.24
N PRO A 138 -13.46 -8.88 11.86
CA PRO A 138 -14.48 -9.54 12.71
C PRO A 138 -14.29 -11.08 12.71
N SER A 33 6.70 19.46 -4.55
CA SER A 33 5.68 18.53 -5.05
C SER A 33 6.36 17.27 -5.60
N ARG A 34 6.16 16.13 -4.94
CA ARG A 34 6.70 14.81 -5.34
C ARG A 34 5.58 13.77 -5.47
N SER A 35 6.00 12.53 -5.79
CA SER A 35 5.15 11.33 -5.85
C SER A 35 4.19 11.22 -4.63
N SER A 36 2.90 11.02 -4.90
CA SER A 36 1.84 10.99 -3.88
C SER A 36 1.10 9.65 -3.92
N LEU A 37 0.79 9.11 -2.72
CA LEU A 37 -0.05 7.90 -2.55
C LEU A 37 -1.34 8.28 -1.82
N THR A 38 -2.45 7.78 -2.36
CA THR A 38 -3.81 8.00 -1.84
C THR A 38 -4.62 6.69 -1.94
N ALA A 39 -5.79 6.66 -1.30
CA ALA A 39 -6.67 5.48 -1.30
C ALA A 39 -8.14 5.91 -1.34
N SER A 40 -8.99 5.03 -1.88
CA SER A 40 -10.45 5.22 -1.93
C SER A 40 -11.03 5.36 -0.51
N MET A 41 -10.35 4.70 0.45
CA MET A 41 -10.73 4.69 1.86
C MET A 41 -9.51 4.25 2.68
N TYR A 42 -9.29 4.90 3.83
CA TYR A 42 -8.21 4.55 4.76
C TYR A 42 -8.78 3.74 5.95
N GLU A 43 -9.95 3.14 5.72
CA GLU A 43 -10.57 2.15 6.62
C GLU A 43 -11.19 1.02 5.79
N TYR A 44 -11.29 -0.17 6.40
CA TYR A 44 -11.74 -1.40 5.75
C TYR A 44 -12.19 -2.38 6.85
N THR A 45 -13.19 -3.21 6.58
CA THR A 45 -13.61 -4.31 7.47
C THR A 45 -13.72 -5.61 6.67
N LEU A 46 -13.05 -6.69 7.13
CA LEU A 46 -13.04 -7.99 6.44
C LEU A 46 -14.46 -8.57 6.33
N GLY A 47 -14.98 -8.59 5.10
CA GLY A 47 -16.32 -9.10 4.80
C GLY A 47 -17.22 -8.06 4.13
N GLN A 48 -16.69 -6.84 3.91
CA GLN A 48 -17.42 -5.78 3.18
C GLN A 48 -17.23 -5.96 1.65
N ALA A 49 -18.20 -5.45 0.88
CA ALA A 49 -18.23 -5.64 -0.60
C ALA A 49 -17.24 -4.71 -1.31
N GLN A 50 -17.05 -3.49 -0.75
CA GLN A 50 -16.12 -2.50 -1.30
C GLN A 50 -14.67 -2.91 -1.00
N ASN A 51 -13.89 -3.11 -2.06
CA ASN A 51 -12.46 -3.44 -1.95
C ASN A 51 -11.62 -2.16 -2.03
N LEU A 52 -10.39 -2.22 -1.49
CA LEU A 52 -9.56 -1.03 -1.27
C LEU A 52 -8.81 -0.66 -2.56
N ILE A 53 -9.15 0.48 -3.17
CA ILE A 53 -8.49 0.96 -4.38
C ILE A 53 -7.34 1.92 -4.00
N ILE A 54 -6.09 1.54 -4.29
CA ILE A 54 -4.91 2.37 -4.02
C ILE A 54 -4.54 3.17 -5.28
N PHE A 55 -4.73 4.49 -5.20
CA PHE A 55 -4.44 5.43 -6.30
C PHE A 55 -3.04 6.02 -6.08
N TRP A 56 -2.13 5.86 -7.06
CA TRP A 56 -0.85 6.58 -7.05
C TRP A 56 -0.89 7.71 -8.10
N ASP A 57 -0.51 8.89 -7.64
CA ASP A 57 -0.42 10.12 -8.42
C ASP A 57 1.05 10.56 -8.44
N ILE A 58 1.79 10.14 -9.47
CA ILE A 58 3.21 10.48 -9.61
C ILE A 58 3.43 11.28 -10.91
N LYS A 59 3.63 12.59 -10.76
CA LYS A 59 4.04 13.49 -11.86
C LYS A 59 5.54 13.28 -12.18
N GLU A 60 6.28 12.80 -11.17
CA GLU A 60 7.74 12.61 -11.22
C GLU A 60 8.09 11.35 -12.05
N GLU A 61 9.33 11.29 -12.57
CA GLU A 61 9.82 10.16 -13.39
C GLU A 61 9.72 8.81 -12.66
N VAL A 62 9.19 7.79 -13.36
CA VAL A 62 9.07 6.41 -12.85
C VAL A 62 9.97 5.44 -13.64
N ASP A 63 10.07 4.21 -13.14
CA ASP A 63 10.89 3.13 -13.74
C ASP A 63 10.48 1.82 -13.06
N PRO A 64 10.28 0.67 -13.81
CA PRO A 64 9.77 -0.61 -13.22
C PRO A 64 10.51 -1.15 -11.97
N SER A 65 11.66 -0.55 -11.60
CA SER A 65 12.36 -0.88 -10.34
C SER A 65 11.64 -0.29 -9.10
N ASP A 66 10.57 0.51 -9.32
CA ASP A 66 9.70 1.02 -8.25
C ASP A 66 8.37 0.25 -8.21
N TRP A 67 7.78 0.17 -7.00
CA TRP A 67 6.56 -0.60 -6.74
C TRP A 67 5.95 -0.14 -5.40
N ILE A 68 4.73 -0.61 -5.10
CA ILE A 68 4.07 -0.39 -3.81
C ILE A 68 4.21 -1.65 -2.94
N GLY A 69 4.80 -1.49 -1.75
CA GLY A 69 4.86 -2.55 -0.74
C GLY A 69 3.89 -2.25 0.40
N LEU A 70 3.24 -3.29 0.94
CA LEU A 70 2.29 -3.16 2.05
C LEU A 70 3.02 -3.53 3.36
N TYR A 71 3.18 -2.53 4.23
CA TYR A 71 3.83 -2.69 5.55
C TYR A 71 2.80 -2.40 6.65
N HIS A 72 3.09 -2.87 7.89
CA HIS A 72 2.22 -2.65 9.05
C HIS A 72 2.70 -1.40 9.83
N ILE A 73 1.77 -0.70 10.50
CA ILE A 73 2.07 0.43 11.39
C ILE A 73 2.40 -0.10 12.79
N ASP A 74 3.68 -0.43 13.00
CA ASP A 74 4.21 -0.84 14.31
C ASP A 74 5.61 -0.26 14.50
N GLU A 75 5.82 0.42 15.64
CA GLU A 75 7.16 0.93 16.03
C GLU A 75 8.03 -0.25 16.50
N ASN A 76 8.76 -0.80 15.52
CA ASN A 76 9.40 -2.13 15.60
C ASN A 76 10.55 -2.17 14.55
N SER A 77 11.08 -3.38 14.26
CA SER A 77 12.03 -3.65 13.15
C SER A 77 11.72 -2.79 11.88
N PRO A 78 12.66 -1.86 11.47
CA PRO A 78 12.39 -0.82 10.44
C PRO A 78 12.12 -1.39 9.03
N ALA A 79 12.75 -2.53 8.69
CA ALA A 79 12.58 -3.19 7.38
C ALA A 79 11.16 -3.78 7.26
N ASN A 80 10.64 -4.28 8.41
CA ASN A 80 9.24 -4.73 8.60
C ASN A 80 8.71 -5.55 7.42
N PHE A 81 9.42 -6.64 7.11
CA PHE A 81 9.08 -7.56 6.00
C PHE A 81 7.63 -8.07 6.12
N TRP A 82 6.82 -7.60 5.18
CA TRP A 82 5.35 -7.74 5.17
C TRP A 82 4.92 -7.96 3.70
N ASP A 83 3.68 -7.57 3.34
CA ASP A 83 3.06 -7.92 2.06
C ASP A 83 3.52 -6.93 0.95
N SER A 84 3.24 -7.24 -0.33
CA SER A 84 3.58 -6.38 -1.47
C SER A 84 2.47 -6.45 -2.53
N LYS A 85 2.32 -5.38 -3.34
CA LYS A 85 1.30 -5.32 -4.41
C LYS A 85 1.79 -5.96 -5.71
N ASN A 86 0.79 -6.31 -6.54
CA ASN A 86 0.95 -7.12 -7.75
C ASN A 86 1.04 -6.24 -9.01
N ARG A 87 0.84 -6.87 -10.18
CA ARG A 87 0.86 -6.23 -11.52
C ARG A 87 0.03 -4.92 -11.58
N GLY A 88 0.55 -3.92 -12.30
CA GLY A 88 -0.08 -2.61 -12.44
C GLY A 88 0.81 -1.48 -11.94
N VAL A 89 1.78 -1.84 -11.06
CA VAL A 89 2.73 -0.86 -10.45
C VAL A 89 4.13 -1.00 -11.10
N THR A 90 4.14 -1.41 -12.39
CA THR A 90 5.37 -1.71 -13.16
C THR A 90 6.11 -0.43 -13.65
N GLY A 91 6.26 0.57 -12.75
CA GLY A 91 6.77 1.87 -13.14
C GLY A 91 5.71 2.66 -13.89
N THR A 92 4.57 2.85 -13.22
CA THR A 92 3.42 3.56 -13.77
C THR A 92 3.33 4.97 -13.12
N GLN A 93 3.17 6.00 -13.98
CA GLN A 93 3.02 7.41 -13.56
C GLN A 93 1.80 7.59 -12.66
N LYS A 94 0.63 7.19 -13.17
CA LYS A 94 -0.64 7.33 -12.44
C LYS A 94 -1.50 6.11 -12.71
N GLY A 95 -2.17 5.63 -11.66
CA GLY A 95 -3.07 4.49 -11.78
C GLY A 95 -3.71 4.12 -10.47
N GLN A 96 -4.42 2.99 -10.46
CA GLN A 96 -5.10 2.47 -9.28
C GLN A 96 -5.15 0.93 -9.29
N ILE A 97 -5.18 0.32 -8.10
CA ILE A 97 -5.37 -1.14 -7.93
C ILE A 97 -6.42 -1.40 -6.84
N VAL A 98 -7.59 -1.90 -7.26
CA VAL A 98 -8.65 -2.34 -6.33
C VAL A 98 -8.32 -3.73 -5.78
N TRP A 99 -7.61 -3.73 -4.64
CA TRP A 99 -7.20 -4.95 -3.95
C TRP A 99 -8.25 -5.34 -2.90
N ARG A 100 -8.74 -6.59 -3.04
CA ARG A 100 -9.66 -7.21 -2.08
C ARG A 100 -8.87 -7.72 -0.88
N ILE A 101 -9.12 -7.13 0.29
CA ILE A 101 -8.47 -7.56 1.53
C ILE A 101 -9.22 -8.79 2.06
N GLU A 102 -8.49 -9.89 2.25
CA GLU A 102 -9.05 -11.14 2.80
C GLU A 102 -8.19 -11.60 4.00
N PRO A 103 -8.80 -12.14 5.10
CA PRO A 103 -8.08 -12.47 6.34
C PRO A 103 -7.14 -13.70 6.17
N GLY A 104 -5.92 -13.44 5.69
CA GLY A 104 -4.89 -14.47 5.54
C GLY A 104 -3.94 -14.53 6.74
N PRO A 105 -2.68 -15.07 6.57
CA PRO A 105 -1.74 -15.25 7.71
C PRO A 105 -1.19 -13.92 8.28
N TYR A 106 -1.28 -12.84 7.47
CA TYR A 106 -0.89 -11.48 7.90
C TYR A 106 -2.05 -10.78 8.63
N PHE A 107 -3.29 -11.11 8.24
CA PHE A 107 -4.49 -10.48 8.83
C PHE A 107 -5.12 -11.43 9.86
N MET A 108 -4.55 -11.39 11.08
CA MET A 108 -4.99 -12.22 12.23
C MET A 108 -5.38 -11.35 13.43
N GLU A 109 -4.94 -10.07 13.40
CA GLU A 109 -5.23 -9.08 14.46
C GLU A 109 -6.73 -8.70 14.45
N PRO A 110 -7.32 -8.25 15.61
CA PRO A 110 -8.71 -7.70 15.64
C PRO A 110 -8.83 -6.42 14.80
N GLU A 111 -7.67 -5.78 14.57
CA GLU A 111 -7.54 -4.60 13.72
C GLU A 111 -6.08 -4.47 13.25
N ILE A 112 -5.88 -4.68 11.95
CA ILE A 112 -4.57 -4.62 11.31
C ILE A 112 -4.37 -3.20 10.74
N LYS A 113 -3.41 -2.47 11.29
CA LYS A 113 -3.02 -1.15 10.78
C LYS A 113 -1.99 -1.33 9.67
N ILE A 114 -2.39 -1.07 8.42
CA ILE A 114 -1.49 -1.21 7.26
C ILE A 114 -1.16 0.16 6.67
N CYS A 115 -0.23 0.17 5.72
CA CYS A 115 0.16 1.37 4.96
C CYS A 115 0.86 0.92 3.68
N PHE A 116 0.56 1.59 2.59
CA PHE A 116 1.15 1.34 1.29
C PHE A 116 2.29 2.31 1.07
N LYS A 117 3.42 1.80 0.58
CA LYS A 117 4.68 2.53 0.49
C LYS A 117 5.30 2.32 -0.88
N TYR A 118 5.19 3.33 -1.73
CA TYR A 118 5.80 3.33 -3.06
C TYR A 118 7.31 3.57 -2.89
N TYR A 119 8.11 2.52 -3.02
CA TYR A 119 9.59 2.60 -2.98
C TYR A 119 10.14 2.69 -4.41
N HIS A 120 11.42 3.12 -4.54
CA HIS A 120 12.15 3.16 -5.80
C HIS A 120 13.51 2.48 -5.58
N GLY A 121 13.74 1.37 -6.31
CA GLY A 121 14.93 0.55 -6.14
C GLY A 121 14.69 -0.55 -5.11
N ILE A 122 15.44 -1.68 -5.23
CA ILE A 122 15.25 -2.87 -4.38
C ILE A 122 15.48 -2.57 -2.86
N SER A 123 14.37 -2.14 -2.20
CA SER A 123 14.33 -1.69 -0.80
C SER A 123 15.22 -0.43 -0.59
N GLY A 124 15.37 0.38 -1.67
CA GLY A 124 16.25 1.56 -1.69
C GLY A 124 15.59 2.82 -1.14
N ALA A 125 15.26 3.77 -2.04
CA ALA A 125 14.64 5.07 -1.66
C ALA A 125 13.13 4.94 -1.51
N LEU A 126 12.52 5.91 -0.81
CA LEU A 126 11.05 6.03 -0.69
C LEU A 126 10.53 7.15 -1.60
N ARG A 127 9.41 6.89 -2.27
CA ARG A 127 8.73 7.88 -3.14
C ARG A 127 7.53 8.48 -2.40
N ALA A 128 6.63 7.57 -1.93
CA ALA A 128 5.31 7.95 -1.41
C ALA A 128 4.82 6.95 -0.36
N THR A 129 3.85 7.37 0.48
CA THR A 129 3.24 6.52 1.53
C THR A 129 1.79 6.99 1.81
N THR A 130 0.84 6.04 1.89
CA THR A 130 -0.55 6.32 2.31
C THR A 130 -0.61 6.42 3.86
N PRO A 131 -1.52 7.27 4.43
CA PRO A 131 -1.85 7.25 5.88
C PRO A 131 -2.17 5.83 6.45
N CYS A 132 -2.16 5.71 7.79
CA CYS A 132 -2.39 4.43 8.49
C CYS A 132 -3.83 3.93 8.29
N ILE A 133 -3.96 2.91 7.42
CA ILE A 133 -5.25 2.35 7.03
C ILE A 133 -5.73 1.33 8.07
N THR A 134 -6.85 1.66 8.70
CA THR A 134 -7.50 0.86 9.73
C THR A 134 -8.28 -0.30 9.08
N VAL A 135 -7.72 -1.52 9.11
CA VAL A 135 -8.38 -2.71 8.55
C VAL A 135 -8.85 -3.60 9.71
N LYS A 136 -10.14 -3.54 10.03
CA LYS A 136 -10.73 -4.22 11.18
C LYS A 136 -11.17 -5.63 10.76
N ASN A 137 -10.83 -6.63 11.58
CA ASN A 137 -11.14 -8.03 11.32
C ASN A 137 -12.15 -8.52 12.37
N PRO A 138 -13.47 -8.60 12.01
CA PRO A 138 -14.55 -9.01 12.94
C PRO A 138 -14.36 -10.46 13.46
N SER A 33 5.70 19.40 -6.77
CA SER A 33 4.88 18.31 -6.25
C SER A 33 5.59 16.98 -6.54
N ARG A 34 5.51 16.01 -5.60
CA ARG A 34 6.18 14.71 -5.74
C ARG A 34 5.15 13.56 -5.81
N SER A 35 5.70 12.34 -5.94
CA SER A 35 4.96 11.05 -5.90
C SER A 35 4.05 10.97 -4.66
N SER A 36 2.73 10.86 -4.87
CA SER A 36 1.73 10.86 -3.77
C SER A 36 0.88 9.58 -3.80
N LEU A 37 0.84 8.87 -2.66
CA LEU A 37 -0.06 7.72 -2.44
C LEU A 37 -1.31 8.15 -1.68
N THR A 38 -2.45 7.59 -2.12
CA THR A 38 -3.77 7.76 -1.49
C THR A 38 -4.55 6.43 -1.61
N ALA A 39 -5.70 6.36 -0.96
CA ALA A 39 -6.62 5.22 -1.05
C ALA A 39 -8.06 5.74 -1.11
N SER A 40 -8.95 4.93 -1.69
CA SER A 40 -10.38 5.24 -1.79
C SER A 40 -11.01 5.36 -0.38
N MET A 41 -10.52 4.51 0.53
CA MET A 41 -10.93 4.48 1.94
C MET A 41 -9.80 3.89 2.78
N TYR A 42 -9.57 4.48 3.96
CA TYR A 42 -8.53 4.03 4.92
C TYR A 42 -9.17 3.24 6.07
N GLU A 43 -10.39 2.73 5.84
CA GLU A 43 -11.12 1.85 6.76
C GLU A 43 -11.77 0.72 5.94
N TYR A 44 -11.42 -0.54 6.27
CA TYR A 44 -11.87 -1.71 5.51
C TYR A 44 -12.10 -2.90 6.46
N THR A 45 -13.34 -3.39 6.55
CA THR A 45 -13.66 -4.62 7.31
C THR A 45 -13.37 -5.85 6.42
N LEU A 46 -12.64 -6.87 6.95
CA LEU A 46 -12.21 -8.08 6.17
C LEU A 46 -13.40 -8.74 5.44
N GLY A 47 -13.24 -8.91 4.11
CA GLY A 47 -14.25 -9.60 3.28
C GLY A 47 -15.57 -8.83 3.15
N GLN A 48 -15.53 -7.49 3.26
CA GLN A 48 -16.73 -6.62 3.11
C GLN A 48 -17.18 -6.52 1.64
N ALA A 49 -18.29 -5.80 1.43
CA ALA A 49 -18.91 -5.62 0.11
C ALA A 49 -18.00 -4.83 -0.84
N GLN A 50 -17.54 -3.67 -0.39
CA GLN A 50 -16.79 -2.72 -1.22
C GLN A 50 -15.28 -3.04 -1.20
N ASN A 51 -14.60 -2.69 -2.30
CA ASN A 51 -13.19 -3.03 -2.55
C ASN A 51 -12.29 -1.81 -2.31
N LEU A 52 -11.09 -2.02 -1.75
CA LEU A 52 -10.15 -0.92 -1.40
C LEU A 52 -9.18 -0.69 -2.58
N ILE A 53 -9.15 0.54 -3.10
CA ILE A 53 -8.30 0.89 -4.24
C ILE A 53 -7.18 1.84 -3.79
N ILE A 54 -5.95 1.60 -4.25
CA ILE A 54 -4.76 2.43 -3.94
C ILE A 54 -4.42 3.29 -5.17
N PHE A 55 -4.60 4.61 -5.04
CA PHE A 55 -4.34 5.58 -6.12
C PHE A 55 -2.96 6.23 -5.92
N TRP A 56 -2.07 6.13 -6.91
CA TRP A 56 -0.79 6.87 -6.92
C TRP A 56 -0.81 7.94 -8.02
N ASP A 57 -0.17 9.07 -7.73
CA ASP A 57 -0.06 10.22 -8.64
C ASP A 57 1.40 10.70 -8.62
N ILE A 58 2.18 10.17 -9.56
CA ILE A 58 3.64 10.36 -9.61
C ILE A 58 3.98 11.50 -10.59
N LYS A 59 4.38 12.64 -10.01
CA LYS A 59 4.68 13.86 -10.78
C LYS A 59 6.02 13.74 -11.49
N GLU A 60 6.99 13.15 -10.78
CA GLU A 60 8.35 12.91 -11.28
C GLU A 60 8.42 11.66 -12.17
N GLU A 61 9.61 11.43 -12.75
CA GLU A 61 9.86 10.29 -13.65
C GLU A 61 9.69 8.95 -12.92
N VAL A 62 9.31 7.91 -13.67
CA VAL A 62 9.10 6.54 -13.15
C VAL A 62 10.05 5.56 -13.83
N ASP A 63 10.33 4.44 -13.14
CA ASP A 63 11.16 3.34 -13.68
C ASP A 63 10.30 2.08 -13.83
N PRO A 64 10.50 1.25 -14.90
CA PRO A 64 9.74 -0.03 -15.10
C PRO A 64 9.86 -1.01 -13.90
N SER A 65 10.94 -0.88 -13.11
CA SER A 65 11.20 -1.72 -11.92
C SER A 65 10.70 -1.05 -10.62
N ASP A 66 9.75 -0.11 -10.73
CA ASP A 66 9.19 0.62 -9.58
C ASP A 66 8.17 -0.29 -8.85
N TRP A 67 8.04 -0.12 -7.52
CA TRP A 67 7.19 -1.01 -6.71
C TRP A 67 6.63 -0.30 -5.47
N ILE A 68 5.45 -0.76 -5.04
CA ILE A 68 4.83 -0.36 -3.78
C ILE A 68 4.85 -1.56 -2.83
N GLY A 69 5.29 -1.34 -1.58
CA GLY A 69 5.40 -2.38 -0.57
C GLY A 69 4.25 -2.33 0.42
N LEU A 70 3.71 -3.50 0.81
CA LEU A 70 2.63 -3.59 1.81
C LEU A 70 3.30 -3.85 3.17
N TYR A 71 3.29 -2.83 4.05
CA TYR A 71 3.86 -2.89 5.40
C TYR A 71 2.75 -2.71 6.44
N HIS A 72 2.88 -3.39 7.59
CA HIS A 72 2.01 -3.20 8.76
C HIS A 72 2.63 -2.15 9.69
N ILE A 73 1.81 -1.18 10.12
CA ILE A 73 2.17 -0.23 11.18
C ILE A 73 2.41 -1.00 12.49
N ASP A 74 3.69 -1.22 12.79
CA ASP A 74 4.13 -2.06 13.91
C ASP A 74 5.24 -1.35 14.69
N GLU A 75 5.17 -1.42 16.03
CA GLU A 75 6.16 -0.81 16.91
C GLU A 75 7.33 -1.79 17.08
N ASN A 76 8.32 -1.69 16.16
CA ASN A 76 9.42 -2.67 16.02
C ASN A 76 10.57 -2.01 15.22
N SER A 77 11.56 -2.83 14.80
CA SER A 77 12.57 -2.48 13.77
C SER A 77 11.96 -1.66 12.59
N PRO A 78 12.50 -0.44 12.27
CA PRO A 78 11.89 0.45 11.23
C PRO A 78 11.94 -0.13 9.80
N ALA A 79 12.72 -1.21 9.61
CA ALA A 79 12.77 -1.95 8.34
C ALA A 79 11.45 -2.69 8.08
N ASN A 80 10.85 -3.24 9.16
CA ASN A 80 9.57 -4.00 9.14
C ASN A 80 9.43 -4.90 7.89
N PHE A 81 10.36 -5.87 7.73
CA PHE A 81 10.41 -6.79 6.55
C PHE A 81 9.04 -7.46 6.30
N TRP A 82 8.31 -6.88 5.32
CA TRP A 82 6.91 -7.21 5.02
C TRP A 82 6.72 -7.36 3.49
N ASP A 83 5.46 -7.31 3.04
CA ASP A 83 5.06 -7.73 1.69
C ASP A 83 5.23 -6.60 0.68
N SER A 84 4.87 -6.90 -0.58
CA SER A 84 4.79 -5.93 -1.68
C SER A 84 3.61 -6.28 -2.58
N LYS A 85 3.21 -5.32 -3.43
CA LYS A 85 2.18 -5.51 -4.45
C LYS A 85 2.81 -6.05 -5.74
N ASN A 86 1.95 -6.64 -6.59
CA ASN A 86 2.36 -7.24 -7.88
C ASN A 86 2.40 -6.15 -9.00
N ARG A 87 2.48 -6.61 -10.26
CA ARG A 87 2.57 -5.71 -11.44
C ARG A 87 1.34 -4.78 -11.55
N GLY A 88 1.55 -3.64 -12.22
CA GLY A 88 0.58 -2.54 -12.27
C GLY A 88 1.14 -1.29 -11.63
N VAL A 89 2.14 -1.48 -10.74
CA VAL A 89 2.93 -0.40 -10.11
C VAL A 89 4.31 -0.30 -10.80
N THR A 90 4.39 -0.90 -11.99
CA THR A 90 5.63 -1.13 -12.76
C THR A 90 6.07 0.12 -13.55
N GLY A 91 6.11 1.27 -12.88
CA GLY A 91 6.46 2.53 -13.51
C GLY A 91 5.33 3.12 -14.31
N THR A 92 4.19 3.32 -13.65
CA THR A 92 3.03 4.05 -14.17
C THR A 92 2.96 5.45 -13.51
N GLN A 93 2.90 6.48 -14.36
CA GLN A 93 2.91 7.91 -13.93
C GLN A 93 1.74 8.29 -13.01
N LYS A 94 0.61 7.61 -13.20
CA LYS A 94 -0.58 7.81 -12.38
C LYS A 94 -1.55 6.67 -12.67
N GLY A 95 -1.95 5.94 -11.63
CA GLY A 95 -2.82 4.78 -11.79
C GLY A 95 -3.33 4.28 -10.46
N GLN A 96 -4.07 3.17 -10.48
CA GLN A 96 -4.65 2.58 -9.28
C GLN A 96 -4.69 1.04 -9.35
N ILE A 97 -4.61 0.40 -8.17
CA ILE A 97 -4.76 -1.05 -8.01
C ILE A 97 -5.84 -1.32 -6.95
N VAL A 98 -6.91 -1.99 -7.38
CA VAL A 98 -7.98 -2.45 -6.49
C VAL A 98 -7.57 -3.77 -5.82
N TRP A 99 -7.97 -3.92 -4.55
CA TRP A 99 -7.69 -5.11 -3.74
C TRP A 99 -8.80 -5.27 -2.70
N ARG A 100 -9.45 -6.43 -2.73
CA ARG A 100 -10.43 -6.84 -1.74
C ARG A 100 -9.70 -7.69 -0.69
N ILE A 101 -9.58 -7.15 0.53
CA ILE A 101 -8.67 -7.70 1.56
C ILE A 101 -9.30 -8.94 2.22
N GLU A 102 -8.63 -10.10 2.05
CA GLU A 102 -9.00 -11.37 2.67
C GLU A 102 -8.30 -11.49 4.04
N PRO A 103 -8.96 -12.09 5.09
CA PRO A 103 -8.31 -12.34 6.40
C PRO A 103 -7.27 -13.48 6.31
N GLY A 104 -6.08 -13.13 5.81
CA GLY A 104 -4.95 -14.04 5.75
C GLY A 104 -4.21 -14.17 7.08
N PRO A 105 -3.06 -14.93 7.12
CA PRO A 105 -2.33 -15.22 8.38
C PRO A 105 -1.72 -13.95 9.02
N TYR A 106 -1.56 -12.90 8.21
CA TYR A 106 -1.04 -11.59 8.66
C TYR A 106 -2.09 -10.85 9.52
N PHE A 107 -3.37 -10.98 9.14
CA PHE A 107 -4.47 -10.23 9.73
C PHE A 107 -5.06 -11.00 10.95
N MET A 108 -4.41 -10.84 12.11
CA MET A 108 -4.78 -11.55 13.37
C MET A 108 -5.14 -10.56 14.50
N GLU A 109 -5.07 -9.24 14.23
CA GLU A 109 -5.43 -8.21 15.23
C GLU A 109 -6.97 -8.01 15.20
N PRO A 110 -7.59 -7.44 16.28
CA PRO A 110 -8.98 -6.94 16.22
C PRO A 110 -9.14 -5.86 15.11
N GLU A 111 -8.09 -5.04 14.91
CA GLU A 111 -8.01 -4.04 13.82
C GLU A 111 -6.55 -3.90 13.37
N ILE A 112 -6.26 -4.31 12.13
CA ILE A 112 -4.91 -4.33 11.56
C ILE A 112 -4.61 -3.02 10.81
N LYS A 113 -3.59 -2.29 11.27
CA LYS A 113 -3.19 -1.02 10.65
C LYS A 113 -2.10 -1.30 9.60
N ILE A 114 -2.43 -1.17 8.30
CA ILE A 114 -1.46 -1.36 7.20
C ILE A 114 -1.14 -0.01 6.53
N CYS A 115 -0.15 -0.02 5.64
CA CYS A 115 0.30 1.16 4.89
C CYS A 115 1.13 0.70 3.68
N PHE A 116 0.73 1.16 2.50
CA PHE A 116 1.44 0.92 1.24
C PHE A 116 2.55 1.96 1.09
N LYS A 117 3.71 1.56 0.55
CA LYS A 117 4.93 2.40 0.50
C LYS A 117 5.57 2.35 -0.89
N TYR A 118 5.33 3.40 -1.70
CA TYR A 118 5.92 3.56 -3.03
C TYR A 118 7.41 3.87 -2.91
N TYR A 119 8.25 2.86 -3.19
CA TYR A 119 9.72 3.02 -3.29
C TYR A 119 10.07 3.13 -4.78
N HIS A 120 10.96 4.09 -5.12
CA HIS A 120 11.28 4.37 -6.52
C HIS A 120 12.22 3.29 -7.09
N GLY A 121 11.96 2.91 -8.36
CA GLY A 121 12.60 1.76 -9.02
C GLY A 121 14.12 1.74 -8.94
N ILE A 122 14.78 2.62 -9.70
CA ILE A 122 16.25 2.76 -9.68
C ILE A 122 16.62 3.82 -8.61
N SER A 123 16.36 3.46 -7.35
CA SER A 123 16.68 4.28 -6.16
C SER A 123 16.68 3.38 -4.90
N GLY A 124 15.53 2.70 -4.67
CA GLY A 124 15.34 1.88 -3.48
C GLY A 124 14.74 2.66 -2.30
N ALA A 125 14.88 4.00 -2.34
CA ALA A 125 14.42 4.89 -1.27
C ALA A 125 12.92 5.19 -1.38
N LEU A 126 12.33 5.60 -0.25
CA LEU A 126 10.88 5.85 -0.11
C LEU A 126 10.48 7.21 -0.71
N ARG A 127 9.48 7.19 -1.60
CA ARG A 127 8.91 8.41 -2.21
C ARG A 127 7.55 8.75 -1.59
N ALA A 128 6.68 7.73 -1.44
CA ALA A 128 5.28 7.95 -0.99
C ALA A 128 4.80 6.83 -0.08
N THR A 129 3.82 7.14 0.78
CA THR A 129 3.17 6.17 1.69
C THR A 129 1.68 6.56 1.89
N THR A 130 0.77 5.57 1.81
CA THR A 130 -0.65 5.76 2.12
C THR A 130 -0.82 5.98 3.63
N PRO A 131 -1.66 6.97 4.08
CA PRO A 131 -2.09 7.09 5.50
C PRO A 131 -2.57 5.73 6.10
N CYS A 132 -2.31 5.54 7.41
CA CYS A 132 -2.56 4.28 8.15
C CYS A 132 -4.01 3.77 7.97
N ILE A 133 -4.14 2.68 7.20
CA ILE A 133 -5.40 2.06 6.85
C ILE A 133 -5.85 1.09 7.96
N THR A 134 -6.91 1.46 8.69
CA THR A 134 -7.50 0.62 9.73
C THR A 134 -8.37 -0.47 9.08
N VAL A 135 -7.80 -1.67 8.97
CA VAL A 135 -8.48 -2.85 8.43
C VAL A 135 -9.12 -3.63 9.59
N LYS A 136 -10.45 -3.56 9.71
CA LYS A 136 -11.19 -4.01 10.90
C LYS A 136 -11.56 -5.49 10.77
N ASN A 137 -11.25 -6.25 11.82
CA ASN A 137 -11.37 -7.72 11.82
C ASN A 137 -12.38 -8.17 12.89
N PRO A 138 -13.60 -8.62 12.48
CA PRO A 138 -14.60 -9.19 13.41
C PRO A 138 -14.27 -10.69 13.71
N SER A 33 4.45 19.89 -6.32
CA SER A 33 3.74 18.83 -5.63
C SER A 33 4.52 17.51 -5.82
N ARG A 34 4.67 16.72 -4.75
CA ARG A 34 5.44 15.47 -4.80
C ARG A 34 4.50 14.28 -5.07
N SER A 35 5.12 13.12 -5.34
CA SER A 35 4.42 11.87 -5.65
C SER A 35 3.51 11.46 -4.48
N SER A 36 2.20 11.33 -4.76
CA SER A 36 1.18 11.09 -3.72
C SER A 36 0.58 9.68 -3.84
N LEU A 37 0.52 8.99 -2.69
CA LEU A 37 -0.17 7.71 -2.55
C LEU A 37 -1.41 7.93 -1.66
N THR A 38 -2.55 7.43 -2.13
CA THR A 38 -3.87 7.59 -1.51
C THR A 38 -4.67 6.29 -1.69
N ALA A 39 -5.83 6.21 -1.02
CA ALA A 39 -6.74 5.06 -1.12
C ALA A 39 -8.19 5.54 -1.22
N SER A 40 -9.08 4.63 -1.64
CA SER A 40 -10.53 4.90 -1.73
C SER A 40 -11.13 5.12 -0.33
N MET A 41 -10.49 4.51 0.67
CA MET A 41 -10.88 4.58 2.08
C MET A 41 -9.68 4.15 2.94
N TYR A 42 -9.62 4.62 4.18
CA TYR A 42 -8.56 4.24 5.15
C TYR A 42 -9.18 3.45 6.31
N GLU A 43 -10.29 2.75 5.98
CA GLU A 43 -10.96 1.77 6.86
C GLU A 43 -11.49 0.63 5.99
N TYR A 44 -11.24 -0.62 6.43
CA TYR A 44 -11.70 -1.83 5.72
C TYR A 44 -12.13 -2.88 6.75
N THR A 45 -13.41 -3.25 6.74
CA THR A 45 -13.94 -4.32 7.60
C THR A 45 -13.98 -5.65 6.81
N LEU A 46 -13.37 -6.72 7.36
CA LEU A 46 -13.39 -8.05 6.73
C LEU A 46 -14.84 -8.58 6.64
N GLY A 47 -15.26 -8.89 5.41
CA GLY A 47 -16.62 -9.39 5.12
C GLY A 47 -17.47 -8.40 4.33
N GLN A 48 -16.93 -7.18 4.07
CA GLN A 48 -17.64 -6.15 3.29
C GLN A 48 -17.46 -6.37 1.78
N ALA A 49 -18.33 -5.72 0.99
CA ALA A 49 -18.32 -5.79 -0.48
C ALA A 49 -17.30 -4.80 -1.08
N GLN A 50 -17.12 -3.65 -0.40
CA GLN A 50 -16.20 -2.59 -0.84
C GLN A 50 -14.73 -3.05 -0.74
N ASN A 51 -13.96 -2.84 -1.82
CA ASN A 51 -12.53 -3.21 -1.89
C ASN A 51 -11.65 -1.97 -1.82
N LEU A 52 -10.40 -2.17 -1.44
CA LEU A 52 -9.44 -1.09 -1.16
C LEU A 52 -8.67 -0.70 -2.43
N ILE A 53 -9.06 0.43 -3.04
CA ILE A 53 -8.44 0.90 -4.30
C ILE A 53 -7.32 1.88 -3.96
N ILE A 54 -6.09 1.51 -4.31
CA ILE A 54 -4.89 2.29 -4.00
C ILE A 54 -4.51 3.14 -5.22
N PHE A 55 -4.77 4.46 -5.10
CA PHE A 55 -4.50 5.46 -6.16
C PHE A 55 -3.11 6.06 -5.93
N TRP A 56 -2.28 6.15 -6.99
CA TRP A 56 -1.01 6.89 -6.95
C TRP A 56 -0.93 7.82 -8.15
N ASP A 57 -0.33 9.00 -7.94
CA ASP A 57 0.03 9.93 -9.01
C ASP A 57 1.45 10.44 -8.72
N ILE A 58 2.40 9.82 -9.41
CA ILE A 58 3.83 10.05 -9.22
C ILE A 58 4.30 11.18 -10.14
N LYS A 59 4.78 12.28 -9.53
CA LYS A 59 5.15 13.51 -10.25
C LYS A 59 6.54 13.37 -10.88
N GLU A 60 7.47 12.78 -10.12
CA GLU A 60 8.82 12.44 -10.62
C GLU A 60 8.72 11.28 -11.63
N GLU A 61 9.64 11.26 -12.61
CA GLU A 61 9.72 10.19 -13.62
C GLU A 61 9.87 8.80 -12.96
N VAL A 62 9.16 7.82 -13.52
CA VAL A 62 9.11 6.44 -13.01
C VAL A 62 9.94 5.48 -13.88
N ASP A 63 10.11 4.25 -13.40
CA ASP A 63 10.96 3.23 -14.03
C ASP A 63 10.49 1.84 -13.53
N PRO A 64 10.36 0.79 -14.40
CA PRO A 64 9.77 -0.53 -14.00
C PRO A 64 10.58 -1.33 -12.94
N SER A 65 11.61 -0.73 -12.34
CA SER A 65 12.32 -1.29 -11.18
C SER A 65 11.63 -0.88 -9.85
N ASP A 66 10.69 0.10 -9.92
CA ASP A 66 9.97 0.59 -8.72
C ASP A 66 8.72 -0.25 -8.41
N TRP A 67 8.17 -0.05 -7.20
CA TRP A 67 7.10 -0.89 -6.65
C TRP A 67 6.39 -0.17 -5.49
N ILE A 68 5.27 -0.74 -5.05
CA ILE A 68 4.61 -0.37 -3.78
C ILE A 68 4.79 -1.53 -2.78
N GLY A 69 5.43 -1.24 -1.63
CA GLY A 69 5.56 -2.19 -0.54
C GLY A 69 4.49 -1.97 0.50
N LEU A 70 3.84 -3.05 0.96
CA LEU A 70 2.75 -2.97 1.95
C LEU A 70 3.31 -3.39 3.32
N TYR A 71 3.51 -2.39 4.19
CA TYR A 71 4.05 -2.57 5.55
C TYR A 71 2.91 -2.53 6.58
N HIS A 72 3.13 -3.23 7.69
CA HIS A 72 2.26 -3.19 8.87
C HIS A 72 2.73 -2.08 9.82
N ILE A 73 1.81 -1.17 10.19
CA ILE A 73 2.09 -0.15 11.24
C ILE A 73 2.13 -0.86 12.60
N ASP A 74 3.33 -1.37 12.94
CA ASP A 74 3.62 -2.01 14.23
C ASP A 74 5.05 -1.63 14.66
N GLU A 75 5.32 -1.68 15.97
CA GLU A 75 6.68 -1.56 16.50
C GLU A 75 7.39 -2.91 16.31
N ASN A 76 8.05 -3.03 15.15
CA ASN A 76 8.56 -4.32 14.62
C ASN A 76 9.91 -4.06 13.92
N SER A 77 10.46 -5.10 13.24
CA SER A 77 11.62 -5.00 12.32
C SER A 77 11.53 -3.75 11.38
N PRO A 78 12.59 -2.87 11.34
CA PRO A 78 12.63 -1.70 10.40
C PRO A 78 12.36 -2.08 8.92
N ALA A 79 12.83 -3.29 8.55
CA ALA A 79 12.56 -3.87 7.22
C ALA A 79 11.09 -4.31 7.08
N ASN A 80 10.52 -4.78 8.20
CA ASN A 80 9.13 -5.26 8.32
C ASN A 80 8.71 -6.12 7.12
N PHE A 81 9.33 -7.31 7.06
CA PHE A 81 9.01 -8.35 6.06
C PHE A 81 7.49 -8.66 6.08
N TRP A 82 6.81 -8.12 5.08
CA TRP A 82 5.35 -8.09 4.99
C TRP A 82 4.93 -8.11 3.49
N ASP A 83 3.75 -7.58 3.16
CA ASP A 83 3.13 -7.78 1.84
C ASP A 83 3.69 -6.75 0.83
N SER A 84 3.38 -6.93 -0.47
CA SER A 84 3.74 -5.98 -1.54
C SER A 84 2.67 -6.00 -2.63
N LYS A 85 2.51 -4.88 -3.34
CA LYS A 85 1.66 -4.79 -4.53
C LYS A 85 2.44 -5.23 -5.78
N ASN A 86 1.75 -6.00 -6.63
CA ASN A 86 2.31 -6.65 -7.81
C ASN A 86 2.31 -5.71 -9.02
N ARG A 87 2.55 -6.28 -10.24
CA ARG A 87 2.61 -5.51 -11.50
C ARG A 87 1.39 -4.57 -11.69
N GLY A 88 1.67 -3.44 -12.34
CA GLY A 88 0.73 -2.31 -12.42
C GLY A 88 1.29 -1.10 -11.68
N VAL A 89 2.21 -1.36 -10.73
CA VAL A 89 3.00 -0.33 -10.03
C VAL A 89 4.45 -0.31 -10.59
N THR A 90 4.59 -0.98 -11.76
CA THR A 90 5.85 -1.22 -12.48
C THR A 90 6.26 -0.01 -13.33
N GLY A 91 6.37 1.16 -12.70
CA GLY A 91 6.75 2.38 -13.39
C GLY A 91 5.60 3.04 -14.13
N THR A 92 4.57 3.40 -13.35
CA THR A 92 3.40 4.15 -13.85
C THR A 92 3.29 5.54 -13.15
N GLN A 93 3.31 6.61 -13.97
CA GLN A 93 3.16 8.03 -13.53
C GLN A 93 1.79 8.27 -12.84
N LYS A 94 0.80 7.47 -13.25
CA LYS A 94 -0.55 7.54 -12.71
C LYS A 94 -1.18 6.15 -12.82
N GLY A 95 -1.90 5.73 -11.78
CA GLY A 95 -2.67 4.49 -11.81
C GLY A 95 -3.40 4.21 -10.52
N GLN A 96 -4.14 3.09 -10.50
CA GLN A 96 -4.80 2.57 -9.30
C GLN A 96 -4.91 1.04 -9.37
N ILE A 97 -4.89 0.40 -8.18
CA ILE A 97 -5.05 -1.06 -8.02
C ILE A 97 -6.13 -1.32 -6.97
N VAL A 98 -7.28 -1.82 -7.41
CA VAL A 98 -8.33 -2.30 -6.51
C VAL A 98 -7.87 -3.64 -5.90
N TRP A 99 -7.88 -3.70 -4.56
CA TRP A 99 -7.37 -4.86 -3.82
C TRP A 99 -8.32 -5.18 -2.66
N ARG A 100 -8.96 -6.35 -2.76
CA ARG A 100 -9.78 -6.91 -1.68
C ARG A 100 -8.87 -7.50 -0.60
N ILE A 101 -9.18 -7.16 0.65
CA ILE A 101 -8.48 -7.71 1.83
C ILE A 101 -9.27 -8.93 2.34
N GLU A 102 -8.55 -10.05 2.55
CA GLU A 102 -9.11 -11.29 3.13
C GLU A 102 -8.33 -11.65 4.42
N PRO A 103 -9.01 -12.26 5.45
CA PRO A 103 -8.37 -12.59 6.75
C PRO A 103 -7.43 -13.81 6.64
N GLY A 104 -6.21 -13.56 6.13
CA GLY A 104 -5.19 -14.58 5.98
C GLY A 104 -4.17 -14.55 7.12
N PRO A 105 -2.91 -15.08 6.93
CA PRO A 105 -1.88 -15.14 8.00
C PRO A 105 -1.46 -13.75 8.52
N TYR A 106 -1.59 -12.74 7.65
CA TYR A 106 -1.19 -11.35 7.93
C TYR A 106 -2.35 -10.55 8.57
N PHE A 107 -3.60 -11.00 8.35
CA PHE A 107 -4.81 -10.33 8.91
C PHE A 107 -5.55 -11.30 9.84
N MET A 108 -5.06 -11.44 11.10
CA MET A 108 -5.72 -12.27 12.15
C MET A 108 -5.92 -11.45 13.44
N GLU A 109 -5.42 -10.22 13.47
CA GLU A 109 -5.63 -9.27 14.59
C GLU A 109 -7.10 -8.76 14.58
N PRO A 110 -7.62 -8.19 15.72
CA PRO A 110 -8.93 -7.47 15.71
C PRO A 110 -8.88 -6.18 14.87
N GLU A 111 -7.67 -5.62 14.72
CA GLU A 111 -7.42 -4.37 14.00
C GLU A 111 -5.96 -4.36 13.47
N ILE A 112 -5.82 -4.50 12.15
CA ILE A 112 -4.52 -4.50 11.46
C ILE A 112 -4.32 -3.14 10.79
N LYS A 113 -3.40 -2.31 11.30
CA LYS A 113 -3.05 -1.02 10.67
C LYS A 113 -1.98 -1.29 9.62
N ILE A 114 -2.28 -0.98 8.35
CA ILE A 114 -1.35 -1.21 7.22
C ILE A 114 -1.03 0.13 6.52
N CYS A 115 -0.07 0.08 5.59
CA CYS A 115 0.32 1.24 4.77
C CYS A 115 0.99 0.75 3.48
N PHE A 116 0.91 1.59 2.44
CA PHE A 116 1.47 1.33 1.12
C PHE A 116 2.55 2.36 0.84
N LYS A 117 3.69 1.94 0.25
CA LYS A 117 4.87 2.81 0.06
C LYS A 117 5.46 2.65 -1.35
N TYR A 118 5.25 3.65 -2.21
CA TYR A 118 5.78 3.67 -3.59
C TYR A 118 7.25 4.12 -3.52
N TYR A 119 8.16 3.14 -3.63
CA TYR A 119 9.61 3.37 -3.77
C TYR A 119 9.97 3.64 -5.23
N HIS A 120 11.19 4.13 -5.50
CA HIS A 120 11.67 4.42 -6.87
C HIS A 120 12.97 3.66 -7.16
N GLY A 121 12.82 2.42 -7.65
CA GLY A 121 13.94 1.61 -8.17
C GLY A 121 14.88 1.11 -7.08
N ILE A 122 15.69 2.04 -6.56
CA ILE A 122 16.62 1.79 -5.43
C ILE A 122 15.83 1.44 -4.15
N SER A 123 16.28 0.37 -3.46
CA SER A 123 15.73 -0.04 -2.15
C SER A 123 16.14 0.97 -1.07
N GLY A 124 15.37 2.06 -0.94
CA GLY A 124 15.66 3.13 0.01
C GLY A 124 15.07 4.46 -0.43
N ALA A 125 14.99 4.69 -1.77
CA ALA A 125 14.41 5.91 -2.32
C ALA A 125 12.87 5.82 -2.25
N LEU A 126 12.26 6.57 -1.31
CA LEU A 126 10.79 6.58 -1.11
C LEU A 126 10.19 7.84 -1.75
N ARG A 127 9.10 7.65 -2.53
CA ARG A 127 8.39 8.74 -3.24
C ARG A 127 7.05 9.05 -2.60
N ALA A 128 6.30 8.00 -2.22
CA ALA A 128 4.92 8.14 -1.73
C ALA A 128 4.58 7.09 -0.65
N THR A 129 3.65 7.46 0.25
CA THR A 129 3.11 6.57 1.29
C THR A 129 1.63 6.95 1.56
N THR A 130 0.73 5.94 1.57
CA THR A 130 -0.68 6.13 1.94
C THR A 130 -0.79 6.37 3.47
N PRO A 131 -1.73 7.26 3.91
CA PRO A 131 -2.18 7.28 5.33
C PRO A 131 -2.62 5.87 5.79
N CYS A 132 -2.24 5.50 7.03
CA CYS A 132 -2.43 4.14 7.58
C CYS A 132 -3.91 3.69 7.52
N ILE A 133 -4.15 2.57 6.80
CA ILE A 133 -5.49 1.99 6.60
C ILE A 133 -5.82 1.09 7.80
N THR A 134 -6.84 1.50 8.56
CA THR A 134 -7.32 0.78 9.73
C THR A 134 -8.23 -0.39 9.26
N VAL A 135 -7.69 -1.62 9.28
CA VAL A 135 -8.40 -2.82 8.81
C VAL A 135 -9.01 -3.57 10.01
N LYS A 136 -10.34 -3.57 10.12
CA LYS A 136 -11.07 -4.20 11.24
C LYS A 136 -11.44 -5.63 10.85
N ASN A 137 -11.14 -6.58 11.73
CA ASN A 137 -11.42 -8.01 11.52
C ASN A 137 -12.35 -8.52 12.64
N PRO A 138 -13.70 -8.51 12.44
CA PRO A 138 -14.68 -9.02 13.43
C PRO A 138 -14.79 -10.57 13.36
N SER A 33 2.44 19.96 -6.80
CA SER A 33 2.00 18.67 -6.26
C SER A 33 3.18 17.69 -6.22
N ARG A 34 3.45 17.14 -5.02
CA ARG A 34 4.47 16.12 -4.81
C ARG A 34 3.88 14.73 -5.16
N SER A 35 4.73 13.69 -5.05
CA SER A 35 4.34 12.31 -5.31
C SER A 35 3.39 11.83 -4.20
N SER A 36 2.12 11.59 -4.57
CA SER A 36 1.05 11.28 -3.63
C SER A 36 0.52 9.85 -3.85
N LEU A 37 0.70 8.98 -2.85
CA LEU A 37 0.11 7.63 -2.82
C LEU A 37 -1.15 7.72 -1.96
N THR A 38 -2.31 7.58 -2.60
CA THR A 38 -3.63 7.70 -1.95
C THR A 38 -4.36 6.36 -1.99
N ALA A 39 -5.42 6.25 -1.19
CA ALA A 39 -6.26 5.06 -1.12
C ALA A 39 -7.73 5.47 -1.21
N SER A 40 -8.56 4.57 -1.73
CA SER A 40 -10.02 4.81 -1.90
C SER A 40 -10.69 5.08 -0.54
N MET A 41 -10.14 4.41 0.50
CA MET A 41 -10.63 4.50 1.87
C MET A 41 -9.51 4.03 2.82
N TYR A 42 -9.23 4.84 3.86
CA TYR A 42 -8.20 4.55 4.86
C TYR A 42 -8.80 3.77 6.05
N GLU A 43 -9.95 3.13 5.82
CA GLU A 43 -10.64 2.23 6.75
C GLU A 43 -11.29 1.10 5.93
N TYR A 44 -11.32 -0.12 6.50
CA TYR A 44 -11.78 -1.34 5.81
C TYR A 44 -12.29 -2.33 6.87
N THR A 45 -13.34 -3.09 6.56
CA THR A 45 -13.85 -4.18 7.42
C THR A 45 -13.78 -5.52 6.65
N LEU A 46 -13.17 -6.57 7.27
CA LEU A 46 -13.09 -7.91 6.65
C LEU A 46 -14.50 -8.51 6.45
N GLY A 47 -14.79 -8.93 5.21
CA GLY A 47 -16.07 -9.55 4.86
C GLY A 47 -16.92 -8.69 3.93
N GLN A 48 -16.56 -7.40 3.76
CA GLN A 48 -17.30 -6.46 2.91
C GLN A 48 -16.97 -6.70 1.41
N ALA A 49 -17.91 -6.30 0.55
CA ALA A 49 -17.79 -6.44 -0.91
C ALA A 49 -16.99 -5.26 -1.51
N GLN A 50 -16.91 -4.12 -0.78
CA GLN A 50 -16.13 -2.95 -1.22
C GLN A 50 -14.62 -3.25 -1.11
N ASN A 51 -13.91 -3.07 -2.24
CA ASN A 51 -12.48 -3.38 -2.37
C ASN A 51 -11.65 -2.09 -2.20
N LEU A 52 -10.37 -2.27 -1.81
CA LEU A 52 -9.44 -1.17 -1.55
C LEU A 52 -8.63 -0.87 -2.82
N ILE A 53 -8.92 0.27 -3.47
CA ILE A 53 -8.20 0.72 -4.67
C ILE A 53 -7.15 1.77 -4.24
N ILE A 54 -5.87 1.45 -4.42
CA ILE A 54 -4.76 2.33 -4.10
C ILE A 54 -4.41 3.15 -5.34
N PHE A 55 -4.74 4.45 -5.30
CA PHE A 55 -4.46 5.40 -6.39
C PHE A 55 -3.09 6.05 -6.16
N TRP A 56 -2.53 6.66 -7.22
CA TRP A 56 -1.28 7.43 -7.09
C TRP A 56 -1.13 8.46 -8.22
N ASP A 57 -0.42 9.56 -7.87
CA ASP A 57 0.04 10.61 -8.78
C ASP A 57 1.50 10.95 -8.43
N ILE A 58 2.43 10.21 -9.02
CA ILE A 58 3.87 10.48 -8.92
C ILE A 58 4.27 11.33 -10.13
N LYS A 59 4.57 12.62 -9.88
CA LYS A 59 4.98 13.60 -10.90
C LYS A 59 6.45 13.35 -11.35
N GLU A 60 7.21 12.63 -10.49
CA GLU A 60 8.61 12.24 -10.71
C GLU A 60 8.68 11.09 -11.73
N GLU A 61 9.76 11.07 -12.53
CA GLU A 61 9.98 10.05 -13.58
C GLU A 61 9.97 8.62 -12.98
N VAL A 62 8.88 7.89 -13.25
CA VAL A 62 8.65 6.53 -12.74
C VAL A 62 9.46 5.50 -13.54
N ASP A 63 9.74 4.35 -12.89
CA ASP A 63 10.52 3.24 -13.48
C ASP A 63 9.74 1.92 -13.32
N PRO A 64 9.93 0.92 -14.24
CA PRO A 64 9.33 -0.43 -14.08
C PRO A 64 10.14 -1.33 -13.10
N SER A 65 11.07 -0.71 -12.34
CA SER A 65 11.94 -1.41 -11.37
C SER A 65 11.51 -1.15 -9.91
N ASP A 66 10.45 -0.35 -9.72
CA ASP A 66 9.88 -0.08 -8.39
C ASP A 66 8.39 -0.39 -8.35
N TRP A 67 7.93 -0.63 -7.12
CA TRP A 67 6.56 -1.11 -6.85
C TRP A 67 6.07 -0.51 -5.51
N ILE A 68 4.84 -0.86 -5.13
CA ILE A 68 4.24 -0.45 -3.85
C ILE A 68 4.38 -1.61 -2.83
N GLY A 69 5.04 -1.32 -1.71
CA GLY A 69 5.20 -2.28 -0.63
C GLY A 69 4.11 -2.12 0.42
N LEU A 70 3.51 -3.23 0.83
CA LEU A 70 2.45 -3.28 1.82
C LEU A 70 3.10 -3.64 3.18
N TYR A 71 3.27 -2.62 4.04
CA TYR A 71 3.90 -2.78 5.37
C TYR A 71 2.85 -2.56 6.47
N HIS A 72 3.06 -3.22 7.61
CA HIS A 72 2.22 -3.03 8.81
C HIS A 72 2.87 -1.97 9.71
N ILE A 73 2.03 -1.21 10.43
CA ILE A 73 2.47 -0.18 11.38
C ILE A 73 3.06 -0.91 12.60
N ASP A 74 4.40 -0.95 12.68
CA ASP A 74 5.13 -1.56 13.80
C ASP A 74 6.30 -0.67 14.21
N GLU A 75 6.42 -0.36 15.50
CA GLU A 75 7.59 0.32 16.05
C GLU A 75 8.69 -0.74 16.26
N ASN A 76 9.50 -0.93 15.22
CA ASN A 76 10.37 -2.11 15.09
C ASN A 76 11.56 -1.76 14.15
N SER A 77 12.38 -2.76 13.78
CA SER A 77 13.39 -2.67 12.71
C SER A 77 12.82 -1.99 11.43
N PRO A 78 13.41 -0.82 11.00
CA PRO A 78 12.80 0.08 9.97
C PRO A 78 12.71 -0.53 8.54
N ALA A 79 13.30 -1.73 8.34
CA ALA A 79 13.21 -2.46 7.07
C ALA A 79 11.84 -3.18 6.95
N ASN A 80 11.39 -3.75 8.10
CA ASN A 80 10.07 -4.46 8.26
C ASN A 80 9.60 -5.23 7.00
N PHE A 81 10.42 -6.19 6.51
CA PHE A 81 10.12 -6.97 5.27
C PHE A 81 8.72 -7.64 5.35
N TRP A 82 7.74 -6.97 4.74
CA TRP A 82 6.32 -7.35 4.76
C TRP A 82 5.86 -7.62 3.31
N ASP A 83 4.56 -7.48 3.03
CA ASP A 83 3.96 -7.91 1.76
C ASP A 83 4.08 -6.78 0.72
N SER A 84 3.49 -6.96 -0.48
CA SER A 84 3.46 -5.93 -1.53
C SER A 84 2.14 -5.99 -2.32
N LYS A 85 1.95 -5.03 -3.23
CA LYS A 85 0.84 -5.07 -4.20
C LYS A 85 1.26 -5.86 -5.45
N ASN A 86 0.28 -6.09 -6.34
CA ASN A 86 0.46 -6.85 -7.59
C ASN A 86 0.95 -5.91 -8.72
N ARG A 87 1.04 -6.44 -9.96
CA ARG A 87 1.35 -5.67 -11.20
C ARG A 87 0.42 -4.46 -11.37
N GLY A 88 0.89 -3.45 -12.12
CA GLY A 88 0.18 -2.18 -12.27
C GLY A 88 1.05 -0.99 -11.90
N VAL A 89 2.17 -1.26 -11.19
CA VAL A 89 3.16 -0.23 -10.77
C VAL A 89 4.41 -0.32 -11.70
N THR A 90 4.20 -0.81 -12.92
CA THR A 90 5.26 -1.02 -13.94
C THR A 90 5.61 0.29 -14.70
N GLY A 91 5.87 1.36 -13.93
CA GLY A 91 6.17 2.68 -14.49
C GLY A 91 4.93 3.45 -14.94
N THR A 92 4.00 3.67 -13.99
CA THR A 92 2.78 4.47 -14.20
C THR A 92 2.83 5.77 -13.35
N GLN A 93 2.66 6.93 -14.03
CA GLN A 93 2.63 8.27 -13.38
C GLN A 93 1.38 8.39 -12.49
N LYS A 94 0.19 8.43 -13.12
CA LYS A 94 -1.09 8.27 -12.44
C LYS A 94 -1.58 6.84 -12.67
N GLY A 95 -2.00 6.16 -11.60
CA GLY A 95 -2.53 4.81 -11.71
C GLY A 95 -3.34 4.39 -10.49
N GLN A 96 -3.75 3.11 -10.49
CA GLN A 96 -4.59 2.53 -9.44
C GLN A 96 -4.50 1.00 -9.46
N ILE A 97 -4.54 0.36 -8.28
CA ILE A 97 -4.63 -1.10 -8.12
C ILE A 97 -5.72 -1.44 -7.10
N VAL A 98 -6.77 -2.12 -7.58
CA VAL A 98 -7.84 -2.64 -6.73
C VAL A 98 -7.38 -3.97 -6.08
N TRP A 99 -7.74 -4.17 -4.80
CA TRP A 99 -7.39 -5.36 -4.02
C TRP A 99 -8.38 -5.52 -2.86
N ARG A 100 -9.01 -6.70 -2.78
CA ARG A 100 -9.91 -7.06 -1.67
C ARG A 100 -9.08 -7.65 -0.52
N ILE A 101 -9.19 -7.05 0.67
CA ILE A 101 -8.47 -7.53 1.85
C ILE A 101 -9.25 -8.71 2.47
N GLU A 102 -8.57 -9.86 2.59
CA GLU A 102 -9.14 -11.10 3.16
C GLU A 102 -8.32 -11.49 4.42
N PRO A 103 -8.99 -12.01 5.51
CA PRO A 103 -8.31 -12.29 6.81
C PRO A 103 -7.37 -13.51 6.73
N GLY A 104 -6.15 -13.26 6.23
CA GLY A 104 -5.13 -14.29 6.07
C GLY A 104 -4.21 -14.41 7.29
N PRO A 105 -2.99 -15.03 7.15
CA PRO A 105 -2.03 -15.16 8.27
C PRO A 105 -1.44 -13.79 8.69
N TYR A 106 -1.52 -12.81 7.77
CA TYR A 106 -1.07 -11.43 7.98
C TYR A 106 -2.16 -10.57 8.66
N PHE A 107 -3.43 -11.06 8.64
CA PHE A 107 -4.59 -10.33 9.22
C PHE A 107 -5.31 -11.24 10.23
N MET A 108 -4.80 -11.29 11.47
CA MET A 108 -5.35 -12.12 12.57
C MET A 108 -5.69 -11.28 13.81
N GLU A 109 -5.53 -9.95 13.67
CA GLU A 109 -5.79 -8.97 14.75
C GLU A 109 -7.30 -8.60 14.78
N PRO A 110 -7.82 -8.07 15.94
CA PRO A 110 -9.17 -7.44 15.96
C PRO A 110 -9.20 -6.11 15.18
N GLU A 111 -8.01 -5.47 15.11
CA GLU A 111 -7.82 -4.21 14.39
C GLU A 111 -6.40 -4.21 13.78
N ILE A 112 -6.33 -4.42 12.46
CA ILE A 112 -5.08 -4.36 11.69
C ILE A 112 -4.84 -2.89 11.26
N LYS A 113 -3.56 -2.49 11.18
CA LYS A 113 -3.12 -1.17 10.72
C LYS A 113 -2.00 -1.37 9.69
N ILE A 114 -2.32 -1.12 8.40
CA ILE A 114 -1.36 -1.31 7.28
C ILE A 114 -1.10 0.03 6.59
N CYS A 115 -0.12 0.03 5.69
CA CYS A 115 0.26 1.19 4.90
C CYS A 115 0.88 0.70 3.59
N PHE A 116 0.86 1.57 2.60
CA PHE A 116 1.39 1.30 1.27
C PHE A 116 2.49 2.31 0.99
N LYS A 117 3.59 1.86 0.35
CA LYS A 117 4.80 2.66 0.13
C LYS A 117 5.28 2.52 -1.31
N TYR A 118 5.01 3.56 -2.13
CA TYR A 118 5.48 3.63 -3.52
C TYR A 118 6.99 3.96 -3.50
N TYR A 119 7.80 3.02 -3.97
CA TYR A 119 9.28 3.12 -3.98
C TYR A 119 9.82 3.67 -5.31
N HIS A 120 11.13 3.96 -5.30
CA HIS A 120 11.92 4.41 -6.45
C HIS A 120 13.18 3.51 -6.51
N GLY A 121 13.18 2.59 -7.48
CA GLY A 121 14.23 1.58 -7.61
C GLY A 121 13.90 0.31 -6.85
N ILE A 122 14.64 -0.78 -7.17
CA ILE A 122 14.50 -2.08 -6.48
C ILE A 122 14.91 -1.92 -5.00
N SER A 123 13.88 -1.74 -4.14
CA SER A 123 14.00 -1.47 -2.69
C SER A 123 14.98 -0.29 -2.42
N GLY A 124 14.83 0.77 -3.23
CA GLY A 124 15.68 1.96 -3.13
C GLY A 124 15.03 3.08 -2.31
N ALA A 125 14.95 4.29 -2.90
CA ALA A 125 14.35 5.48 -2.26
C ALA A 125 12.82 5.36 -2.15
N LEU A 126 12.21 6.18 -1.29
CA LEU A 126 10.74 6.19 -1.09
C LEU A 126 10.13 7.44 -1.78
N ARG A 127 9.25 7.21 -2.78
CA ARG A 127 8.54 8.31 -3.50
C ARG A 127 7.38 8.84 -2.64
N ALA A 128 6.50 7.90 -2.21
CA ALA A 128 5.21 8.24 -1.57
C ALA A 128 4.76 7.14 -0.59
N THR A 129 3.93 7.52 0.39
CA THR A 129 3.39 6.60 1.42
C THR A 129 1.98 7.06 1.88
N THR A 130 1.07 6.09 2.06
CA THR A 130 -0.28 6.34 2.62
C THR A 130 -0.20 6.40 4.16
N PRO A 131 -1.19 7.06 4.86
CA PRO A 131 -1.36 6.89 6.32
C PRO A 131 -1.91 5.48 6.63
N CYS A 132 -2.02 5.13 7.93
CA CYS A 132 -2.50 3.81 8.36
C CYS A 132 -3.97 3.55 7.92
N ILE A 133 -4.16 2.50 7.10
CA ILE A 133 -5.47 1.99 6.74
C ILE A 133 -5.93 1.05 7.87
N THR A 134 -6.98 1.47 8.59
CA THR A 134 -7.56 0.73 9.71
C THR A 134 -8.45 -0.39 9.17
N VAL A 135 -7.89 -1.61 9.13
CA VAL A 135 -8.57 -2.80 8.62
C VAL A 135 -9.05 -3.64 9.82
N LYS A 136 -10.32 -3.47 10.20
CA LYS A 136 -10.89 -4.14 11.39
C LYS A 136 -11.50 -5.50 11.00
N ASN A 137 -11.25 -6.51 11.84
CA ASN A 137 -11.69 -7.88 11.62
C ASN A 137 -12.79 -8.24 12.65
N PRO A 138 -14.10 -8.30 12.23
CA PRO A 138 -15.22 -8.67 13.14
C PRO A 138 -15.13 -10.16 13.59
N SER A 33 4.15 20.12 -6.54
CA SER A 33 3.55 18.95 -5.88
C SER A 33 4.40 17.70 -6.19
N ARG A 34 4.72 16.93 -5.15
CA ARG A 34 5.61 15.76 -5.25
C ARG A 34 4.81 14.48 -5.49
N SER A 35 5.53 13.36 -5.63
CA SER A 35 4.96 12.01 -5.78
C SER A 35 4.12 11.63 -4.54
N SER A 36 2.85 11.23 -4.76
CA SER A 36 1.90 10.97 -3.65
C SER A 36 1.18 9.61 -3.81
N LEU A 37 0.81 9.03 -2.65
CA LEU A 37 -0.08 7.85 -2.56
C LEU A 37 -1.38 8.23 -1.86
N THR A 38 -2.48 7.61 -2.30
CA THR A 38 -3.83 7.79 -1.72
C THR A 38 -4.57 6.44 -1.79
N ALA A 39 -5.54 6.23 -0.90
CA ALA A 39 -6.41 5.04 -0.89
C ALA A 39 -7.86 5.46 -1.06
N SER A 40 -8.68 4.54 -1.60
CA SER A 40 -10.13 4.76 -1.78
C SER A 40 -10.83 5.01 -0.42
N MET A 41 -10.26 4.38 0.63
CA MET A 41 -10.75 4.50 2.01
C MET A 41 -9.62 4.09 2.98
N TYR A 42 -9.46 4.84 4.08
CA TYR A 42 -8.43 4.55 5.12
C TYR A 42 -9.05 3.76 6.30
N GLU A 43 -10.23 3.18 6.05
CA GLU A 43 -10.86 2.16 6.90
C GLU A 43 -11.33 1.01 6.01
N TYR A 44 -11.25 -0.21 6.54
CA TYR A 44 -11.63 -1.43 5.86
C TYR A 44 -12.15 -2.42 6.91
N THR A 45 -13.39 -2.89 6.76
CA THR A 45 -13.95 -3.92 7.63
C THR A 45 -13.98 -5.25 6.87
N LEU A 46 -13.24 -6.26 7.35
CA LEU A 46 -13.09 -7.57 6.68
C LEU A 46 -14.44 -8.30 6.61
N GLY A 47 -14.60 -9.14 5.57
CA GLY A 47 -15.85 -9.86 5.33
C GLY A 47 -16.88 -9.08 4.54
N GLN A 48 -16.55 -7.82 4.16
CA GLN A 48 -17.44 -6.97 3.33
C GLN A 48 -17.30 -7.32 1.84
N ALA A 49 -18.27 -6.84 1.04
CA ALA A 49 -18.27 -7.00 -0.42
C ALA A 49 -17.31 -6.00 -1.09
N GLN A 50 -17.09 -4.85 -0.44
CA GLN A 50 -16.25 -3.76 -0.97
C GLN A 50 -14.75 -4.11 -0.88
N ASN A 51 -13.94 -3.31 -1.60
CA ASN A 51 -12.49 -3.56 -1.79
C ASN A 51 -11.70 -2.25 -1.67
N LEU A 52 -10.37 -2.38 -1.58
CA LEU A 52 -9.46 -1.24 -1.36
C LEU A 52 -8.71 -0.94 -2.67
N ILE A 53 -8.69 0.34 -3.08
CA ILE A 53 -8.00 0.77 -4.31
C ILE A 53 -6.92 1.80 -3.95
N ILE A 54 -5.66 1.53 -4.32
CA ILE A 54 -4.52 2.41 -4.04
C ILE A 54 -4.18 3.22 -5.30
N PHE A 55 -4.49 4.51 -5.27
CA PHE A 55 -4.21 5.46 -6.35
C PHE A 55 -2.85 6.14 -6.11
N TRP A 56 -1.96 6.14 -7.12
CA TRP A 56 -0.71 6.91 -7.07
C TRP A 56 -0.74 8.00 -8.14
N ASP A 57 -0.34 9.20 -7.74
CA ASP A 57 -0.22 10.37 -8.63
C ASP A 57 1.25 10.81 -8.59
N ILE A 58 1.99 10.36 -9.60
CA ILE A 58 3.43 10.64 -9.75
C ILE A 58 3.65 11.56 -10.96
N LYS A 59 4.06 12.81 -10.71
CA LYS A 59 4.48 13.76 -11.78
C LYS A 59 5.91 13.45 -12.26
N GLU A 60 6.68 12.76 -11.39
CA GLU A 60 8.10 12.48 -11.58
C GLU A 60 8.30 11.35 -12.61
N GLU A 61 9.49 11.34 -13.27
CA GLU A 61 9.90 10.26 -14.17
C GLU A 61 9.94 8.93 -13.42
N VAL A 62 9.21 7.96 -13.94
CA VAL A 62 9.04 6.63 -13.33
C VAL A 62 10.02 5.61 -13.94
N ASP A 63 10.51 4.70 -13.09
CA ASP A 63 11.33 3.54 -13.51
C ASP A 63 10.40 2.32 -13.68
N PRO A 64 10.60 1.46 -14.71
CA PRO A 64 9.86 0.18 -14.80
C PRO A 64 10.20 -0.81 -13.64
N SER A 65 11.20 -0.43 -12.82
CA SER A 65 11.69 -1.21 -11.68
C SER A 65 11.17 -0.68 -10.32
N ASP A 66 10.41 0.45 -10.29
CA ASP A 66 9.83 0.98 -9.02
C ASP A 66 8.58 0.18 -8.62
N TRP A 67 8.16 0.33 -7.34
CA TRP A 67 7.11 -0.54 -6.76
C TRP A 67 6.43 0.13 -5.56
N ILE A 68 5.37 -0.52 -5.05
CA ILE A 68 4.73 -0.19 -3.76
C ILE A 68 4.89 -1.39 -2.80
N GLY A 69 5.23 -1.10 -1.54
CA GLY A 69 5.39 -2.12 -0.50
C GLY A 69 4.30 -2.00 0.56
N LEU A 70 3.65 -3.13 0.88
CA LEU A 70 2.61 -3.20 1.91
C LEU A 70 3.30 -3.53 3.26
N TYR A 71 3.44 -2.52 4.13
CA TYR A 71 4.01 -2.69 5.49
C TYR A 71 2.90 -2.68 6.55
N HIS A 72 3.13 -3.41 7.64
CA HIS A 72 2.24 -3.46 8.80
C HIS A 72 2.73 -2.45 9.85
N ILE A 73 1.85 -1.51 10.24
CA ILE A 73 2.10 -0.56 11.33
C ILE A 73 2.16 -1.33 12.66
N ASP A 74 3.37 -1.76 13.02
CA ASP A 74 3.66 -2.50 14.26
C ASP A 74 4.97 -2.01 14.86
N GLU A 75 4.92 -1.69 16.16
CA GLU A 75 6.12 -1.30 16.92
C GLU A 75 6.99 -2.53 17.17
N ASN A 76 8.01 -2.70 16.32
CA ASN A 76 8.84 -3.92 16.23
C ASN A 76 10.19 -3.53 15.58
N SER A 77 10.98 -4.56 15.19
CA SER A 77 12.24 -4.43 14.44
C SER A 77 12.20 -3.29 13.38
N PRO A 78 13.11 -2.25 13.48
CA PRO A 78 13.01 -0.96 12.72
C PRO A 78 12.66 -1.06 11.22
N ALA A 79 13.11 -2.14 10.53
CA ALA A 79 12.84 -2.32 9.09
C ALA A 79 11.50 -3.03 8.84
N ASN A 80 11.18 -4.06 9.69
CA ASN A 80 9.95 -4.91 9.60
C ASN A 80 9.49 -5.15 8.15
N PHE A 81 10.41 -5.72 7.35
CA PHE A 81 10.22 -6.00 5.92
C PHE A 81 9.01 -6.93 5.70
N TRP A 82 7.93 -6.33 5.20
CA TRP A 82 6.60 -6.95 5.09
C TRP A 82 6.30 -7.21 3.60
N ASP A 83 5.01 -7.24 3.21
CA ASP A 83 4.57 -7.71 1.87
C ASP A 83 4.68 -6.57 0.83
N SER A 84 4.42 -6.86 -0.46
CA SER A 84 4.48 -5.84 -1.54
C SER A 84 3.33 -6.03 -2.53
N LYS A 85 3.02 -4.98 -3.30
CA LYS A 85 1.94 -5.02 -4.31
C LYS A 85 2.42 -5.60 -5.64
N ASN A 86 1.44 -6.08 -6.41
CA ASN A 86 1.65 -6.84 -7.65
C ASN A 86 1.81 -5.89 -8.87
N ARG A 87 1.71 -6.49 -10.08
CA ARG A 87 1.76 -5.78 -11.39
C ARG A 87 0.79 -4.58 -11.44
N GLY A 88 1.20 -3.55 -12.19
CA GLY A 88 0.43 -2.29 -12.31
C GLY A 88 1.25 -1.09 -11.84
N VAL A 89 2.27 -1.36 -11.00
CA VAL A 89 3.24 -0.32 -10.54
C VAL A 89 4.58 -0.48 -11.29
N THR A 90 4.49 -1.00 -12.52
CA THR A 90 5.63 -1.29 -13.41
C THR A 90 6.16 -0.02 -14.12
N GLY A 91 6.36 1.06 -13.34
CA GLY A 91 6.74 2.35 -13.90
C GLY A 91 5.58 3.08 -14.53
N THR A 92 4.53 3.29 -13.72
CA THR A 92 3.34 4.03 -14.12
C THR A 92 3.24 5.33 -13.30
N GLN A 93 3.01 6.47 -14.00
CA GLN A 93 2.92 7.78 -13.37
C GLN A 93 1.63 7.93 -12.56
N LYS A 94 0.47 7.87 -13.25
CA LYS A 94 -0.83 7.93 -12.58
C LYS A 94 -1.59 6.63 -12.84
N GLY A 95 -1.96 5.94 -11.77
CA GLY A 95 -2.69 4.68 -11.87
C GLY A 95 -3.33 4.25 -10.56
N GLN A 96 -3.91 3.04 -10.56
CA GLN A 96 -4.57 2.47 -9.38
C GLN A 96 -4.50 0.93 -9.40
N ILE A 97 -4.36 0.32 -8.20
CA ILE A 97 -4.45 -1.15 -8.00
C ILE A 97 -5.58 -1.42 -7.02
N VAL A 98 -6.64 -2.07 -7.51
CA VAL A 98 -7.73 -2.57 -6.68
C VAL A 98 -7.32 -3.93 -6.06
N TRP A 99 -7.76 -4.18 -4.82
CA TRP A 99 -7.43 -5.39 -4.05
C TRP A 99 -8.40 -5.50 -2.88
N ARG A 100 -9.17 -6.59 -2.83
CA ARG A 100 -10.06 -6.89 -1.72
C ARG A 100 -9.25 -7.55 -0.61
N ILE A 101 -9.23 -6.92 0.57
CA ILE A 101 -8.51 -7.45 1.73
C ILE A 101 -9.39 -8.53 2.39
N GLU A 102 -8.87 -9.75 2.42
CA GLU A 102 -9.55 -10.92 2.99
C GLU A 102 -8.85 -11.30 4.32
N PRO A 103 -9.60 -11.81 5.34
CA PRO A 103 -9.00 -12.22 6.65
C PRO A 103 -8.06 -13.45 6.51
N GLY A 104 -6.82 -13.18 6.06
CA GLY A 104 -5.79 -14.20 5.89
C GLY A 104 -5.00 -14.44 7.18
N PRO A 105 -3.86 -15.18 7.14
CA PRO A 105 -3.00 -15.40 8.33
C PRO A 105 -2.31 -14.10 8.81
N TYR A 106 -2.22 -13.12 7.89
CA TYR A 106 -1.72 -11.78 8.18
C TYR A 106 -2.82 -10.91 8.83
N PHE A 107 -4.07 -11.14 8.43
CA PHE A 107 -5.22 -10.34 8.90
C PHE A 107 -6.10 -11.18 9.84
N MET A 108 -5.67 -11.26 11.12
CA MET A 108 -6.35 -12.05 12.17
C MET A 108 -6.62 -11.20 13.43
N GLU A 109 -5.91 -10.07 13.54
CA GLU A 109 -6.04 -9.12 14.68
C GLU A 109 -7.45 -8.49 14.69
N PRO A 110 -7.98 -8.04 15.86
CA PRO A 110 -9.26 -7.26 15.91
C PRO A 110 -9.17 -5.96 15.08
N GLU A 111 -7.93 -5.46 14.91
CA GLU A 111 -7.64 -4.26 14.13
C GLU A 111 -6.17 -4.32 13.64
N ILE A 112 -6.00 -4.62 12.34
CA ILE A 112 -4.71 -4.59 11.64
C ILE A 112 -4.51 -3.18 11.05
N LYS A 113 -3.39 -2.52 11.32
CA LYS A 113 -3.03 -1.25 10.64
C LYS A 113 -2.02 -1.56 9.54
N ILE A 114 -2.32 -1.18 8.29
CA ILE A 114 -1.38 -1.33 7.16
C ILE A 114 -1.03 0.04 6.57
N CYS A 115 0.00 0.07 5.72
CA CYS A 115 0.47 1.30 5.04
C CYS A 115 1.24 0.92 3.78
N PHE A 116 0.86 1.52 2.65
CA PHE A 116 1.51 1.32 1.36
C PHE A 116 2.60 2.37 1.17
N LYS A 117 3.75 1.95 0.64
CA LYS A 117 4.94 2.81 0.50
C LYS A 117 5.55 2.64 -0.89
N TYR A 118 5.33 3.63 -1.75
CA TYR A 118 5.90 3.67 -3.09
C TYR A 118 7.39 4.00 -2.97
N TYR A 119 8.26 3.10 -3.41
CA TYR A 119 9.71 3.35 -3.53
C TYR A 119 10.08 3.47 -5.02
N HIS A 120 10.99 4.40 -5.34
CA HIS A 120 11.51 4.59 -6.70
C HIS A 120 12.62 3.57 -6.98
N GLY A 121 12.75 3.15 -8.25
CA GLY A 121 13.71 2.11 -8.64
C GLY A 121 15.16 2.49 -8.35
N ILE A 122 15.51 3.74 -8.71
CA ILE A 122 16.84 4.30 -8.40
C ILE A 122 17.01 4.44 -6.86
N SER A 123 18.02 3.73 -6.32
CA SER A 123 18.44 3.78 -4.90
C SER A 123 17.42 3.13 -3.93
N GLY A 124 16.24 2.71 -4.46
CA GLY A 124 15.14 2.22 -3.61
C GLY A 124 14.60 3.28 -2.65
N ALA A 125 14.72 4.56 -3.05
CA ALA A 125 14.40 5.71 -2.20
C ALA A 125 12.89 5.84 -1.97
N LEU A 126 12.47 6.16 -0.72
CA LEU A 126 11.04 6.37 -0.38
C LEU A 126 10.51 7.58 -1.17
N ARG A 127 9.51 7.31 -2.00
CA ARG A 127 8.97 8.23 -2.99
C ARG A 127 7.62 8.80 -2.51
N ALA A 128 6.80 7.91 -1.91
CA ALA A 128 5.44 8.24 -1.43
C ALA A 128 4.96 7.19 -0.40
N THR A 129 3.97 7.58 0.44
CA THR A 129 3.35 6.68 1.46
C THR A 129 1.86 7.05 1.66
N THR A 130 1.02 6.06 2.02
CA THR A 130 -0.39 6.26 2.43
C THR A 130 -0.46 6.41 3.97
N PRO A 131 -1.42 7.21 4.52
CA PRO A 131 -1.83 7.11 5.95
C PRO A 131 -2.21 5.66 6.36
N CYS A 132 -2.05 5.34 7.67
CA CYS A 132 -2.34 4.00 8.21
C CYS A 132 -3.83 3.64 8.03
N ILE A 133 -4.06 2.63 7.19
CA ILE A 133 -5.38 2.13 6.84
C ILE A 133 -5.84 1.12 7.91
N THR A 134 -6.95 1.48 8.58
CA THR A 134 -7.53 0.70 9.67
C THR A 134 -8.31 -0.51 9.11
N VAL A 135 -7.67 -1.68 9.12
CA VAL A 135 -8.25 -2.93 8.61
C VAL A 135 -8.74 -3.78 9.80
N LYS A 136 -10.00 -3.64 10.15
CA LYS A 136 -10.60 -4.31 11.32
C LYS A 136 -11.19 -5.68 10.91
N ASN A 137 -11.19 -6.63 11.84
CA ASN A 137 -11.58 -8.03 11.57
C ASN A 137 -12.74 -8.45 12.50
N PRO A 138 -14.00 -8.56 11.96
CA PRO A 138 -15.13 -9.21 12.66
C PRO A 138 -14.93 -10.75 12.75
N SER A 33 5.69 20.43 -4.52
CA SER A 33 5.57 19.39 -5.54
C SER A 33 6.19 18.09 -5.03
N ARG A 34 5.33 17.13 -4.66
CA ARG A 34 5.75 15.80 -4.17
C ARG A 34 4.74 14.75 -4.61
N SER A 35 5.25 13.54 -4.91
CA SER A 35 4.45 12.42 -5.39
C SER A 35 3.53 11.89 -4.28
N SER A 36 2.23 11.78 -4.58
CA SER A 36 1.19 11.42 -3.62
C SER A 36 0.83 9.92 -3.72
N LEU A 37 0.47 9.32 -2.59
CA LEU A 37 -0.09 7.95 -2.50
C LEU A 37 -1.34 8.03 -1.62
N THR A 38 -2.49 7.69 -2.20
CA THR A 38 -3.80 7.76 -1.53
C THR A 38 -4.59 6.45 -1.74
N ALA A 39 -5.80 6.40 -1.18
CA ALA A 39 -6.70 5.23 -1.28
C ALA A 39 -8.14 5.69 -1.50
N SER A 40 -9.01 4.74 -1.90
CA SER A 40 -10.45 4.96 -2.08
C SER A 40 -11.12 5.16 -0.71
N MET A 41 -10.60 4.42 0.28
CA MET A 41 -11.04 4.48 1.68
C MET A 41 -9.85 4.06 2.56
N TYR A 42 -9.71 4.73 3.72
CA TYR A 42 -8.67 4.41 4.72
C TYR A 42 -9.28 3.64 5.90
N GLU A 43 -10.44 3.00 5.63
CA GLU A 43 -11.08 2.06 6.54
C GLU A 43 -11.60 0.85 5.74
N TYR A 44 -11.49 -0.32 6.34
CA TYR A 44 -11.88 -1.61 5.75
C TYR A 44 -12.30 -2.52 6.91
N THR A 45 -13.28 -3.39 6.71
CA THR A 45 -13.64 -4.43 7.69
C THR A 45 -13.73 -5.81 6.98
N LEU A 46 -13.00 -6.82 7.50
CA LEU A 46 -12.97 -8.17 6.91
C LEU A 46 -14.39 -8.78 6.89
N GLY A 47 -14.88 -9.08 5.69
CA GLY A 47 -16.23 -9.62 5.50
C GLY A 47 -17.09 -8.75 4.58
N GLN A 48 -16.65 -7.49 4.34
CA GLN A 48 -17.38 -6.55 3.45
C GLN A 48 -17.05 -6.83 1.97
N ALA A 49 -18.01 -6.48 1.10
CA ALA A 49 -17.88 -6.65 -0.36
C ALA A 49 -17.12 -5.46 -1.01
N GLN A 50 -16.87 -4.40 -0.20
CA GLN A 50 -16.17 -3.19 -0.67
C GLN A 50 -14.67 -3.49 -0.86
N ASN A 51 -14.23 -3.57 -2.13
CA ASN A 51 -12.80 -3.69 -2.48
C ASN A 51 -12.11 -2.32 -2.32
N LEU A 52 -10.82 -2.33 -2.00
CA LEU A 52 -10.06 -1.10 -1.69
C LEU A 52 -9.09 -0.80 -2.85
N ILE A 53 -9.14 0.43 -3.37
CA ILE A 53 -8.31 0.86 -4.52
C ILE A 53 -7.23 1.83 -4.04
N ILE A 54 -5.97 1.55 -4.36
CA ILE A 54 -4.79 2.37 -3.97
C ILE A 54 -4.37 3.24 -5.17
N PHE A 55 -4.60 4.55 -5.06
CA PHE A 55 -4.31 5.54 -6.12
C PHE A 55 -2.94 6.18 -5.86
N TRP A 56 -2.28 6.67 -6.92
CA TRP A 56 -1.03 7.46 -6.80
C TRP A 56 -0.86 8.42 -7.99
N ASP A 57 -0.19 9.54 -7.70
CA ASP A 57 0.22 10.54 -8.69
C ASP A 57 1.72 10.83 -8.50
N ILE A 58 2.56 10.19 -9.33
CA ILE A 58 4.00 10.43 -9.32
C ILE A 58 4.33 11.58 -10.30
N LYS A 59 4.59 12.77 -9.73
CA LYS A 59 4.88 13.99 -10.50
C LYS A 59 6.29 13.98 -11.12
N GLU A 60 7.15 13.08 -10.62
CA GLU A 60 8.56 12.94 -11.03
C GLU A 60 8.72 11.65 -11.87
N GLU A 61 9.92 11.44 -12.44
CA GLU A 61 10.25 10.25 -13.28
C GLU A 61 9.98 8.91 -12.55
N VAL A 62 9.89 7.84 -13.35
CA VAL A 62 9.54 6.48 -12.90
C VAL A 62 10.28 5.43 -13.76
N ASP A 63 10.51 4.27 -13.17
CA ASP A 63 11.08 3.08 -13.85
C ASP A 63 10.05 1.93 -13.78
N PRO A 64 10.15 0.88 -14.67
CA PRO A 64 9.31 -0.34 -14.55
C PRO A 64 9.66 -1.16 -13.28
N SER A 65 10.85 -0.89 -12.70
CA SER A 65 11.36 -1.57 -11.50
C SER A 65 10.77 -1.00 -10.19
N ASP A 66 9.93 0.06 -10.30
CA ASP A 66 9.18 0.62 -9.15
C ASP A 66 8.18 -0.43 -8.63
N TRP A 67 7.91 -0.40 -7.31
CA TRP A 67 6.97 -1.35 -6.66
C TRP A 67 6.36 -0.73 -5.40
N ILE A 68 5.15 -1.18 -5.04
CA ILE A 68 4.53 -0.84 -3.76
C ILE A 68 4.71 -2.00 -2.77
N GLY A 69 5.09 -1.66 -1.54
CA GLY A 69 5.16 -2.63 -0.44
C GLY A 69 4.04 -2.40 0.56
N LEU A 70 3.35 -3.48 0.97
CA LEU A 70 2.31 -3.42 2.00
C LEU A 70 2.99 -3.70 3.36
N TYR A 71 3.15 -2.64 4.18
CA TYR A 71 3.77 -2.74 5.51
C TYR A 71 2.73 -2.40 6.58
N HIS A 72 2.81 -3.10 7.72
CA HIS A 72 1.93 -2.87 8.87
C HIS A 72 2.52 -1.75 9.76
N ILE A 73 1.62 -0.94 10.36
CA ILE A 73 1.99 0.09 11.33
C ILE A 73 2.46 -0.62 12.62
N ASP A 74 3.78 -0.77 12.74
CA ASP A 74 4.43 -1.32 13.93
C ASP A 74 5.43 -0.30 14.45
N GLU A 75 5.24 0.16 15.71
CA GLU A 75 6.30 0.90 16.40
C GLU A 75 7.43 -0.10 16.72
N ASN A 76 8.32 -0.24 15.74
CA ASN A 76 9.29 -1.33 15.65
C ASN A 76 10.40 -0.88 14.67
N SER A 77 11.32 -1.81 14.31
CA SER A 77 12.34 -1.63 13.25
C SER A 77 11.77 -0.89 12.01
N PRO A 78 12.30 0.33 11.66
CA PRO A 78 11.81 1.16 10.52
C PRO A 78 11.70 0.43 9.15
N ALA A 79 12.45 -0.68 9.01
CA ALA A 79 12.41 -1.53 7.81
C ALA A 79 11.06 -2.27 7.67
N ASN A 80 10.52 -2.71 8.83
CA ASN A 80 9.23 -3.46 8.95
C ASN A 80 9.04 -4.49 7.81
N PHE A 81 9.92 -5.51 7.78
CA PHE A 81 9.87 -6.60 6.77
C PHE A 81 8.46 -7.24 6.70
N TRP A 82 7.75 -6.91 5.61
CA TRP A 82 6.33 -7.25 5.43
C TRP A 82 6.06 -7.53 3.93
N ASP A 83 4.81 -7.39 3.49
CA ASP A 83 4.34 -7.88 2.17
C ASP A 83 4.59 -6.82 1.07
N SER A 84 4.39 -7.17 -0.20
CA SER A 84 4.52 -6.26 -1.36
C SER A 84 3.49 -6.61 -2.43
N LYS A 85 2.98 -5.58 -3.12
CA LYS A 85 1.95 -5.72 -4.16
C LYS A 85 2.55 -6.04 -5.54
N ASN A 86 1.70 -6.65 -6.38
CA ASN A 86 2.06 -7.18 -7.70
C ASN A 86 1.91 -6.11 -8.82
N ARG A 87 1.91 -6.57 -10.09
CA ARG A 87 1.76 -5.73 -11.31
C ARG A 87 0.69 -4.61 -11.18
N GLY A 88 0.90 -3.53 -11.95
CA GLY A 88 0.15 -2.28 -11.82
C GLY A 88 1.05 -1.18 -11.27
N VAL A 89 2.20 -1.59 -10.70
CA VAL A 89 3.20 -0.70 -10.06
C VAL A 89 4.38 -0.44 -11.03
N THR A 90 4.10 -0.56 -12.33
CA THR A 90 5.11 -0.61 -13.41
C THR A 90 5.68 0.79 -13.77
N GLY A 91 5.67 1.73 -12.81
CA GLY A 91 6.16 3.06 -13.05
C GLY A 91 5.19 3.90 -13.85
N THR A 92 3.99 4.12 -13.29
CA THR A 92 2.96 4.97 -13.89
C THR A 92 2.94 6.35 -13.20
N GLN A 93 2.87 7.43 -14.02
CA GLN A 93 2.78 8.84 -13.53
C GLN A 93 1.50 9.07 -12.72
N LYS A 94 0.48 8.31 -13.07
CA LYS A 94 -0.73 8.15 -12.26
C LYS A 94 -1.31 6.77 -12.53
N GLY A 95 -1.71 6.09 -11.47
CA GLY A 95 -2.30 4.76 -11.59
C GLY A 95 -3.01 4.35 -10.33
N GLN A 96 -3.62 3.15 -10.35
CA GLN A 96 -4.32 2.58 -9.21
C GLN A 96 -4.30 1.05 -9.26
N ILE A 97 -4.42 0.42 -8.07
CA ILE A 97 -4.56 -1.05 -7.93
C ILE A 97 -5.74 -1.34 -7.01
N VAL A 98 -6.77 -1.96 -7.55
CA VAL A 98 -7.88 -2.49 -6.75
C VAL A 98 -7.46 -3.87 -6.20
N TRP A 99 -7.45 -4.00 -4.87
CA TRP A 99 -7.12 -5.23 -4.17
C TRP A 99 -8.02 -5.35 -2.94
N ARG A 100 -8.77 -6.45 -2.87
CA ARG A 100 -9.64 -6.76 -1.73
C ARG A 100 -8.77 -7.35 -0.60
N ILE A 101 -8.88 -6.77 0.60
CA ILE A 101 -8.09 -7.20 1.76
C ILE A 101 -8.79 -8.43 2.37
N GLU A 102 -8.25 -9.61 2.06
CA GLU A 102 -8.74 -10.89 2.59
C GLU A 102 -7.95 -11.26 3.86
N PRO A 103 -8.62 -11.81 4.92
CA PRO A 103 -7.94 -12.14 6.19
C PRO A 103 -6.96 -13.32 6.02
N GLY A 104 -5.67 -12.99 5.80
CA GLY A 104 -4.60 -13.98 5.69
C GLY A 104 -4.02 -14.35 7.05
N PRO A 105 -2.87 -15.11 7.09
CA PRO A 105 -2.17 -15.46 8.35
C PRO A 105 -1.66 -14.21 9.10
N TYR A 106 -1.46 -13.13 8.34
CA TYR A 106 -1.00 -11.83 8.83
C TYR A 106 -2.15 -11.07 9.50
N PHE A 107 -3.36 -11.17 8.91
CA PHE A 107 -4.55 -10.43 9.38
C PHE A 107 -5.36 -11.32 10.34
N MET A 108 -4.91 -11.37 11.61
CA MET A 108 -5.58 -12.12 12.70
C MET A 108 -5.80 -11.23 13.94
N GLU A 109 -5.48 -9.94 13.80
CA GLU A 109 -5.69 -8.93 14.85
C GLU A 109 -7.18 -8.55 14.92
N PRO A 110 -7.69 -8.00 16.07
CA PRO A 110 -9.07 -7.42 16.14
C PRO A 110 -9.15 -6.10 15.34
N GLU A 111 -7.98 -5.48 15.15
CA GLU A 111 -7.83 -4.25 14.37
C GLU A 111 -6.43 -4.23 13.75
N ILE A 112 -6.36 -4.49 12.44
CA ILE A 112 -5.14 -4.37 11.65
C ILE A 112 -4.99 -2.89 11.19
N LYS A 113 -3.74 -2.43 11.01
CA LYS A 113 -3.42 -1.09 10.52
C LYS A 113 -2.28 -1.23 9.49
N ILE A 114 -2.56 -0.90 8.21
CA ILE A 114 -1.58 -1.09 7.10
C ILE A 114 -1.30 0.22 6.36
N CYS A 115 -0.20 0.25 5.60
CA CYS A 115 0.22 1.41 4.81
C CYS A 115 1.02 0.92 3.60
N PHE A 116 0.66 1.44 2.43
CA PHE A 116 1.30 1.12 1.16
C PHE A 116 2.42 2.12 0.89
N LYS A 117 3.56 1.62 0.37
CA LYS A 117 4.76 2.44 0.15
C LYS A 117 5.31 2.20 -1.25
N TYR A 118 5.07 3.18 -2.13
CA TYR A 118 5.56 3.17 -3.53
C TYR A 118 7.06 3.50 -3.50
N TYR A 119 7.90 2.45 -3.55
CA TYR A 119 9.34 2.60 -3.75
C TYR A 119 9.65 2.75 -5.25
N HIS A 120 10.76 3.41 -5.54
CA HIS A 120 11.25 3.59 -6.90
C HIS A 120 12.23 2.43 -7.22
N GLY A 121 12.57 2.27 -8.51
CA GLY A 121 13.50 1.21 -8.97
C GLY A 121 14.90 1.27 -8.32
N ILE A 122 15.25 2.42 -7.73
CA ILE A 122 16.46 2.58 -6.93
C ILE A 122 16.26 1.89 -5.55
N SER A 123 17.24 1.08 -5.14
CA SER A 123 17.19 0.25 -3.93
C SER A 123 17.06 1.11 -2.66
N GLY A 124 15.85 1.08 -2.03
CA GLY A 124 15.60 1.77 -0.76
C GLY A 124 14.98 3.16 -0.92
N ALA A 125 14.93 3.66 -2.16
CA ALA A 125 14.38 4.99 -2.46
C ALA A 125 12.85 5.00 -2.34
N LEU A 126 12.34 5.68 -1.31
CA LEU A 126 10.89 5.79 -1.05
C LEU A 126 10.30 6.99 -1.84
N ARG A 127 9.48 6.68 -2.86
CA ARG A 127 8.87 7.70 -3.72
C ARG A 127 7.58 8.28 -3.08
N ALA A 128 6.73 7.39 -2.52
CA ALA A 128 5.44 7.81 -1.93
C ALA A 128 4.97 6.79 -0.86
N THR A 129 4.05 7.23 0.02
CA THR A 129 3.49 6.42 1.12
C THR A 129 2.03 6.88 1.43
N THR A 130 1.11 5.93 1.68
CA THR A 130 -0.27 6.21 2.12
C THR A 130 -0.30 6.36 3.66
N PRO A 131 -1.28 7.12 4.25
CA PRO A 131 -1.56 7.05 5.71
C PRO A 131 -2.13 5.67 6.11
N CYS A 132 -2.20 5.41 7.43
CA CYS A 132 -2.67 4.14 8.00
C CYS A 132 -4.15 3.86 7.67
N ILE A 133 -4.40 2.76 6.95
CA ILE A 133 -5.73 2.21 6.69
C ILE A 133 -6.11 1.30 7.88
N THR A 134 -7.22 1.66 8.56
CA THR A 134 -7.76 0.88 9.69
C THR A 134 -8.58 -0.30 9.15
N VAL A 135 -7.96 -1.48 9.14
CA VAL A 135 -8.58 -2.73 8.67
C VAL A 135 -9.07 -3.54 9.88
N LYS A 136 -10.34 -3.41 10.24
CA LYS A 136 -10.93 -4.02 11.44
C LYS A 136 -11.44 -5.42 11.13
N ASN A 137 -11.29 -6.33 12.10
CA ASN A 137 -11.57 -7.76 11.91
C ASN A 137 -12.52 -8.25 13.03
N PRO A 138 -13.81 -8.60 12.70
CA PRO A 138 -14.78 -9.12 13.69
C PRO A 138 -14.53 -10.63 13.97
#